data_3KO0
#
_entry.id   3KO0
#
_cell.length_a   108.794
_cell.length_b   102.492
_cell.length_c   116.629
_cell.angle_alpha   90.000
_cell.angle_beta   92.590
_cell.angle_gamma   90.000
#
_symmetry.space_group_name_H-M   'P 1 21 1'
#
loop_
_entity.id
_entity.type
_entity.pdbx_description
1 polymer 'Protein S100-A4'
2 non-polymer 10-[3-(4-METHYL-PIPERAZIN-1-YL)-PROPYL]-2-TRIFLUOROMETHYL-10H-PHENOTHIAZINE
3 non-polymer 'CALCIUM ION'
4 water water
#
_entity_poly.entity_id   1
_entity_poly.type   'polypeptide(L)'
_entity_poly.pdbx_seq_one_letter_code
;MACPLEKALDVMVSTFHKYSGKEGDKFKLNKSELKELLTRELPSFLGKRTDEAAFQKLMSNLDSNRDNEVDFQEYCVFLS
CIAMMCNEFFEGFPDKQPRKK
;
_entity_poly.pdbx_strand_id   A,B,C,D,E,F,G,H,I,J,K,L,M,N,O,P,Q,R,S,T
#
# COMPACT_ATOMS: atom_id res chain seq x y z
N ALA A 2 37.45 1.46 29.76
CA ALA A 2 38.83 0.90 29.75
C ALA A 2 38.80 -0.60 29.40
N CYS A 3 38.19 -1.41 30.27
CA CYS A 3 38.11 -2.87 30.07
C CYS A 3 36.68 -3.32 30.31
N PRO A 4 35.91 -3.46 29.23
CA PRO A 4 34.52 -3.83 29.36
C PRO A 4 34.32 -5.19 30.07
N LEU A 5 35.23 -6.14 29.88
CA LEU A 5 35.04 -7.45 30.45
C LEU A 5 35.27 -7.41 31.94
N GLU A 6 36.30 -6.70 32.39
CA GLU A 6 36.48 -6.57 33.84
C GLU A 6 35.28 -5.77 34.44
N LYS A 7 34.83 -4.72 33.76
CA LYS A 7 33.65 -4.01 34.24
C LYS A 7 32.41 -4.90 34.28
N ALA A 8 32.27 -5.82 33.32
CA ALA A 8 31.15 -6.77 33.33
C ALA A 8 31.18 -7.73 34.54
N LEU A 9 32.36 -8.29 34.81
CA LEU A 9 32.55 -9.09 36.00
C LEU A 9 32.19 -8.32 37.24
N ASP A 10 32.64 -7.09 37.33
CA ASP A 10 32.31 -6.21 38.43
C ASP A 10 30.82 -6.11 38.64
N VAL A 11 30.10 -5.83 37.56
CA VAL A 11 28.63 -5.73 37.61
C VAL A 11 27.99 -7.07 38.03
N MET A 12 28.44 -8.18 37.42
CA MET A 12 27.91 -9.51 37.81
C MET A 12 27.98 -9.74 39.33
N VAL A 13 29.15 -9.49 39.88
CA VAL A 13 29.40 -9.77 41.26
C VAL A 13 28.75 -8.77 42.17
N SER A 14 28.81 -7.50 41.80
CA SER A 14 28.21 -6.44 42.63
C SER A 14 26.69 -6.48 42.69
N THR A 15 26.03 -6.94 41.64
CA THR A 15 24.57 -6.95 41.56
C THR A 15 23.99 -8.00 42.51
N PHE A 16 24.70 -9.09 42.71
CA PHE A 16 24.29 -10.09 43.64
C PHE A 16 24.25 -9.44 45.00
N HIS A 17 25.33 -8.76 45.38
CA HIS A 17 25.44 -8.17 46.70
C HIS A 17 24.57 -6.93 46.88
N LYS A 18 24.19 -6.28 45.80
CA LYS A 18 23.20 -5.24 45.95
C LYS A 18 21.89 -5.78 46.53
N TYR A 19 21.53 -7.04 46.27
CA TYR A 19 20.26 -7.60 46.75
C TYR A 19 20.46 -8.57 47.90
N SER A 20 21.59 -9.26 47.97
CA SER A 20 21.72 -10.34 48.94
C SER A 20 21.69 -9.82 50.38
N GLY A 21 22.24 -8.65 50.56
CA GLY A 21 22.36 -8.08 51.90
C GLY A 21 21.17 -7.30 52.44
N LYS A 22 20.03 -7.31 51.76
CA LYS A 22 18.88 -6.60 52.34
C LYS A 22 18.26 -7.31 53.54
N GLU A 23 18.14 -8.62 53.50
CA GLU A 23 17.43 -9.37 54.56
C GLU A 23 18.25 -10.59 55.00
N GLY A 24 18.06 -11.02 56.25
CA GLY A 24 18.63 -12.27 56.79
C GLY A 24 20.06 -12.52 56.41
N ASP A 25 20.37 -13.71 55.92
CA ASP A 25 21.73 -13.96 55.48
C ASP A 25 22.16 -12.86 54.50
N LYS A 26 23.23 -12.14 54.84
CA LYS A 26 23.72 -11.02 54.01
C LYS A 26 24.41 -11.46 52.70
N PHE A 27 24.68 -12.76 52.58
CA PHE A 27 25.41 -13.27 51.43
C PHE A 27 24.56 -14.19 50.59
N LYS A 28 23.28 -14.26 50.90
CA LYS A 28 22.37 -15.11 50.17
C LYS A 28 21.10 -14.39 49.75
N LEU A 29 20.55 -14.76 48.59
CA LEU A 29 19.27 -14.23 48.16
C LEU A 29 18.18 -15.13 48.68
N ASN A 30 17.24 -14.56 49.43
CA ASN A 30 16.02 -15.28 49.76
C ASN A 30 15.04 -15.12 48.62
N LYS A 31 13.85 -15.76 48.70
CA LYS A 31 12.88 -15.75 47.60
C LYS A 31 12.54 -14.29 47.19
N SER A 32 12.42 -13.42 48.17
CA SER A 32 12.07 -12.04 47.88
C SER A 32 13.24 -11.18 47.28
N GLU A 33 14.47 -11.39 47.76
CA GLU A 33 15.63 -10.72 47.20
C GLU A 33 15.92 -11.26 45.82
N LEU A 34 15.62 -12.53 45.57
CA LEU A 34 15.77 -13.08 44.20
C LEU A 34 14.80 -12.49 43.18
N LYS A 35 13.52 -12.36 43.57
CA LYS A 35 12.50 -11.75 42.73
CA LYS A 35 12.53 -11.77 42.69
C LYS A 35 12.87 -10.31 42.34
N GLU A 36 13.39 -9.55 43.31
CA GLU A 36 13.73 -8.14 43.06
C GLU A 36 14.88 -8.07 42.08
N LEU A 37 15.85 -8.98 42.20
CA LEU A 37 17.03 -8.95 41.31
C LEU A 37 16.59 -9.32 39.89
N LEU A 38 15.89 -10.44 39.74
CA LEU A 38 15.35 -10.82 38.42
C LEU A 38 14.55 -9.69 37.77
N THR A 39 13.55 -9.24 38.52
CA THR A 39 12.62 -8.19 38.08
C THR A 39 13.34 -6.92 37.69
N ARG A 40 14.20 -6.45 38.55
CA ARG A 40 14.92 -5.24 38.26
C ARG A 40 16.16 -5.36 37.41
N GLU A 41 16.81 -6.49 37.36
CA GLU A 41 18.12 -6.55 36.69
C GLU A 41 18.15 -7.48 35.49
N LEU A 42 17.15 -8.33 35.35
CA LEU A 42 17.06 -9.30 34.26
C LEU A 42 15.63 -9.35 33.68
N PRO A 43 15.06 -8.18 33.38
CA PRO A 43 13.63 -8.18 32.98
C PRO A 43 13.30 -8.88 31.64
N SER A 44 14.29 -8.94 30.75
CA SER A 44 14.14 -9.63 29.46
C SER A 44 14.06 -11.12 29.70
N PHE A 45 14.70 -11.58 30.75
CA PHE A 45 14.67 -12.99 31.07
C PHE A 45 13.32 -13.36 31.62
N LEU A 46 12.85 -12.59 32.58
CA LEU A 46 11.60 -12.95 33.28
C LEU A 46 10.36 -12.74 32.44
N GLY A 47 10.34 -11.64 31.69
CA GLY A 47 9.12 -11.12 31.10
C GLY A 47 8.30 -10.40 32.15
N LYS A 48 7.08 -10.03 31.78
CA LYS A 48 6.18 -9.32 32.67
C LYS A 48 5.13 -10.34 33.15
N ARG A 49 4.48 -10.06 34.28
CA ARG A 49 3.36 -10.87 34.82
C ARG A 49 3.61 -12.38 35.00
N THR A 50 4.67 -12.72 35.71
CA THR A 50 5.13 -14.11 35.87
C THR A 50 4.47 -14.79 37.09
N ASP A 51 3.79 -15.92 36.87
CA ASP A 51 3.08 -16.61 37.97
C ASP A 51 4.01 -17.26 39.03
N GLU A 52 3.42 -17.74 40.11
CA GLU A 52 4.22 -18.23 41.24
C GLU A 52 4.81 -19.61 40.99
N ALA A 53 4.10 -20.42 40.21
CA ALA A 53 4.61 -21.70 39.73
C ALA A 53 5.94 -21.54 38.97
N ALA A 54 6.01 -20.52 38.12
CA ALA A 54 7.19 -20.27 37.31
C ALA A 54 8.35 -19.75 38.14
N PHE A 55 8.08 -18.80 39.03
CA PHE A 55 9.06 -18.34 39.99
C PHE A 55 9.57 -19.47 40.88
N GLN A 56 8.66 -20.29 41.41
CA GLN A 56 9.02 -21.40 42.27
C GLN A 56 9.92 -22.36 41.52
N LYS A 57 9.59 -22.61 40.26
CA LYS A 57 10.44 -23.41 39.37
C LYS A 57 11.86 -22.86 39.28
N LEU A 58 11.95 -21.56 39.10
CA LEU A 58 13.22 -20.86 38.95
C LEU A 58 14.01 -20.99 40.25
N MET A 59 13.35 -20.78 41.38
CA MET A 59 14.02 -20.80 42.69
C MET A 59 14.64 -22.15 42.96
N SER A 60 13.87 -23.20 42.73
CA SER A 60 14.33 -24.55 43.05
C SER A 60 15.36 -24.99 42.06
N ASN A 61 15.29 -24.46 40.84
CA ASN A 61 16.37 -24.66 39.90
C ASN A 61 17.68 -23.98 40.33
N LEU A 62 17.62 -22.71 40.70
CA LEU A 62 18.83 -22.05 41.18
C LEU A 62 19.33 -22.59 42.53
N ASP A 63 18.41 -23.09 43.37
CA ASP A 63 18.73 -23.55 44.72
C ASP A 63 19.14 -25.02 44.72
N SER A 64 20.35 -25.31 44.29
CA SER A 64 20.77 -26.72 44.21
C SER A 64 21.03 -27.43 45.56
N ASN A 65 21.26 -26.71 46.62
CA ASN A 65 21.50 -27.30 47.90
C ASN A 65 20.27 -27.37 48.75
N ARG A 66 19.17 -26.90 48.20
CA ARG A 66 17.86 -26.94 48.86
C ARG A 66 17.73 -26.26 50.21
N ASP A 67 18.45 -25.18 50.45
CA ASP A 67 18.34 -24.51 51.75
C ASP A 67 17.41 -23.29 51.63
N ASN A 68 16.70 -23.18 50.50
CA ASN A 68 15.74 -22.07 50.28
C ASN A 68 16.38 -20.67 50.04
N GLU A 69 17.67 -20.63 49.70
CA GLU A 69 18.35 -19.37 49.39
C GLU A 69 19.26 -19.61 48.18
N VAL A 70 19.57 -18.55 47.43
CA VAL A 70 20.56 -18.64 46.35
C VAL A 70 21.87 -18.08 46.83
N ASP A 71 22.89 -18.91 46.98
CA ASP A 71 24.23 -18.37 47.34
C ASP A 71 25.02 -17.92 46.11
N PHE A 72 26.19 -17.30 46.30
CA PHE A 72 26.92 -16.72 45.17
C PHE A 72 27.28 -17.80 44.18
N GLN A 73 27.62 -19.00 44.65
CA GLN A 73 28.03 -20.10 43.76
C GLN A 73 26.84 -20.50 42.91
N GLU A 74 25.67 -20.58 43.52
CA GLU A 74 24.43 -20.86 42.78
C GLU A 74 24.04 -19.78 41.75
N TYR A 75 24.34 -18.53 42.08
CA TYR A 75 24.02 -17.43 41.22
C TYR A 75 24.93 -17.45 39.97
N CYS A 76 26.19 -17.86 40.14
CA CYS A 76 27.13 -18.04 39.01
C CYS A 76 26.71 -19.14 38.03
N VAL A 77 26.23 -20.27 38.55
CA VAL A 77 25.67 -21.30 37.68
C VAL A 77 24.50 -20.73 36.80
N PHE A 78 23.63 -19.92 37.40
CA PHE A 78 22.50 -19.33 36.70
C PHE A 78 22.94 -18.40 35.58
N LEU A 79 23.95 -17.59 35.85
CA LEU A 79 24.38 -16.59 34.90
C LEU A 79 25.12 -17.26 33.77
N SER A 80 25.88 -18.28 34.12
CA SER A 80 26.67 -18.96 33.12
C SER A 80 25.69 -19.76 32.24
N CYS A 81 24.54 -20.14 32.77
CA CYS A 81 23.53 -20.82 31.92
C CYS A 81 22.79 -19.85 30.93
N ILE A 82 22.50 -18.64 31.36
CA ILE A 82 22.07 -17.60 30.48
C ILE A 82 23.12 -17.36 29.43
N ALA A 83 24.38 -17.27 29.87
CA ALA A 83 25.47 -16.96 28.95
C ALA A 83 25.52 -18.01 27.80
N MET A 84 25.39 -19.28 28.17
CA MET A 84 25.43 -20.38 27.21
C MET A 84 24.27 -20.40 26.22
N MET A 85 23.10 -19.93 26.67
CA MET A 85 21.96 -19.69 25.80
C MET A 85 22.25 -18.60 24.79
N CYS A 86 22.94 -17.55 25.23
CA CYS A 86 23.38 -16.47 24.35
C CYS A 86 24.40 -16.97 23.35
N ASN A 87 25.32 -17.80 23.84
CA ASN A 87 26.40 -18.29 23.01
C ASN A 87 25.82 -19.07 21.83
N GLU A 88 24.65 -19.69 22.03
CA GLU A 88 23.97 -20.40 20.93
C GLU A 88 23.55 -19.52 19.75
N PHE A 89 23.26 -18.26 20.00
CA PHE A 89 23.03 -17.31 18.95
C PHE A 89 24.22 -17.18 18.02
N PHE A 90 25.39 -17.07 18.59
CA PHE A 90 26.57 -16.88 17.83
C PHE A 90 26.98 -18.12 17.14
N GLU A 91 26.71 -19.23 17.79
CA GLU A 91 27.02 -20.51 17.23
C GLU A 91 25.86 -20.83 16.32
N GLY A 92 25.83 -22.00 15.73
CA GLY A 92 24.77 -22.29 14.79
C GLY A 92 23.35 -22.27 15.34
N PHE A 93 23.19 -22.76 16.56
CA PHE A 93 21.88 -22.95 17.11
C PHE A 93 21.61 -24.33 16.57
N PRO A 94 22.60 -24.83 15.86
CA PRO A 94 22.57 -26.13 15.21
C PRO A 94 21.32 -26.44 14.40
N ALA B 2 18.51 0.04 29.97
CA ALA B 2 18.94 0.44 31.35
C ALA B 2 19.26 -0.75 32.26
N CYS B 3 19.68 -1.89 31.68
CA CYS B 3 20.01 -3.09 32.49
C CYS B 3 21.49 -3.38 32.52
N PRO B 4 22.20 -2.87 33.53
CA PRO B 4 23.66 -3.13 33.58
C PRO B 4 24.02 -4.65 33.57
N LEU B 5 23.24 -5.46 34.28
CA LEU B 5 23.55 -6.87 34.37
C LEU B 5 23.31 -7.55 33.03
N GLU B 6 22.31 -7.11 32.28
CA GLU B 6 22.09 -7.75 30.95
C GLU B 6 23.19 -7.34 29.97
N LYS B 7 23.65 -6.11 30.10
CA LYS B 7 24.72 -5.64 29.25
C LYS B 7 26.01 -6.36 29.63
N ALA B 8 26.16 -6.67 30.91
CA ALA B 8 27.35 -7.37 31.35
C ALA B 8 27.40 -8.84 30.85
N LEU B 9 26.25 -9.52 30.76
CA LEU B 9 26.21 -10.84 30.12
C LEU B 9 26.49 -10.77 28.61
N ASP B 10 25.97 -9.72 27.98
CA ASP B 10 26.24 -9.43 26.57
C ASP B 10 27.76 -9.25 26.30
N VAL B 11 28.44 -8.47 27.10
CA VAL B 11 29.88 -8.27 26.90
C VAL B 11 30.72 -9.53 27.14
N MET B 12 30.35 -10.29 28.16
CA MET B 12 31.03 -11.53 28.48
C MET B 12 30.96 -12.55 27.31
N VAL B 13 29.77 -12.65 26.74
CA VAL B 13 29.57 -13.55 25.62
C VAL B 13 30.19 -13.05 24.32
N SER B 14 29.96 -11.79 23.99
CA SER B 14 30.51 -11.23 22.75
C SER B 14 32.05 -11.16 22.74
N THR B 15 32.65 -10.94 23.90
CA THR B 15 34.10 -10.78 23.97
C THR B 15 34.76 -12.12 23.60
N PHE B 16 34.16 -13.21 24.07
CA PHE B 16 34.61 -14.52 23.74
C PHE B 16 34.73 -14.63 22.22
N HIS B 17 33.69 -14.20 21.52
CA HIS B 17 33.60 -14.36 20.07
C HIS B 17 34.39 -13.34 19.30
N LYS B 18 34.77 -12.27 19.93
CA LYS B 18 35.58 -11.31 19.29
C LYS B 18 36.91 -11.95 18.94
N TYR B 19 37.37 -12.87 19.75
CA TYR B 19 38.68 -13.48 19.54
C TYR B 19 38.62 -14.90 19.02
N SER B 20 37.55 -15.60 19.39
CA SER B 20 37.47 -17.01 19.04
C SER B 20 37.31 -17.21 17.53
N GLY B 21 36.73 -16.22 16.84
CA GLY B 21 36.44 -16.35 15.39
C GLY B 21 37.60 -16.01 14.48
N LYS B 22 38.75 -15.67 15.07
CA LYS B 22 39.84 -15.11 14.31
C LYS B 22 40.59 -16.17 13.53
N GLU B 23 40.82 -17.33 14.14
CA GLU B 23 41.54 -18.43 13.48
C GLU B 23 40.93 -19.77 13.81
N GLY B 24 41.18 -20.73 12.91
CA GLY B 24 40.80 -22.16 13.09
C GLY B 24 39.36 -22.31 13.46
N ASP B 25 39.06 -23.16 14.44
CA ASP B 25 37.69 -23.27 14.93
C ASP B 25 37.24 -21.86 15.37
N LYS B 26 36.17 -21.36 14.74
CA LYS B 26 35.52 -20.07 15.01
C LYS B 26 34.88 -19.93 16.39
N PHE B 27 34.53 -21.06 16.99
CA PHE B 27 33.88 -21.05 18.28
C PHE B 27 34.80 -21.49 19.43
N LYS B 28 36.11 -21.55 19.19
CA LYS B 28 37.05 -21.89 20.29
C LYS B 28 38.25 -20.98 20.25
N LEU B 29 38.92 -20.80 21.40
CA LEU B 29 40.14 -20.01 21.49
C LEU B 29 41.33 -20.91 21.48
N ASN B 30 42.18 -20.80 20.45
CA ASN B 30 43.47 -21.47 20.46
C ASN B 30 44.41 -20.60 21.30
N LYS B 31 45.67 -21.02 21.47
CA LYS B 31 46.61 -20.32 22.39
C LYS B 31 46.78 -18.83 22.10
N SER B 32 46.92 -18.52 20.83
CA SER B 32 47.15 -17.19 20.43
C SER B 32 45.92 -16.32 20.65
N GLU B 33 44.73 -16.86 20.37
CA GLU B 33 43.53 -16.10 20.51
C GLU B 33 43.24 -15.88 21.98
N LEU B 34 43.62 -16.86 22.81
CA LEU B 34 43.48 -16.79 24.27
C LEU B 34 44.39 -15.73 24.86
N LYS B 35 45.63 -15.69 24.39
CA LYS B 35 46.59 -14.68 24.82
C LYS B 35 46.08 -13.27 24.50
N GLU B 36 45.60 -13.03 23.27
CA GLU B 36 45.03 -11.72 22.94
C GLU B 36 43.90 -11.35 23.90
N LEU B 37 43.01 -12.29 24.16
CA LEU B 37 41.84 -11.98 25.00
C LEU B 37 42.27 -11.59 26.41
N LEU B 38 43.22 -12.31 26.98
CA LEU B 38 43.58 -12.08 28.35
C LEU B 38 44.35 -10.79 28.47
N THR B 39 45.33 -10.61 27.57
CA THR B 39 46.14 -9.39 27.51
C THR B 39 45.30 -8.15 27.25
N ARG B 40 44.28 -8.26 26.42
CA ARG B 40 43.55 -7.06 26.06
C ARG B 40 42.32 -6.88 26.91
N GLU B 41 41.73 -7.96 27.38
CA GLU B 41 40.45 -7.77 28.00
C GLU B 41 40.53 -7.99 29.49
N LEU B 42 41.57 -8.69 29.97
CA LEU B 42 41.72 -8.93 31.40
C LEU B 42 43.10 -8.61 31.92
N PRO B 43 43.60 -7.40 31.64
CA PRO B 43 44.97 -7.08 32.02
C PRO B 43 45.14 -7.01 33.53
N SER B 44 44.07 -6.79 34.28
CA SER B 44 44.20 -6.76 35.75
C SER B 44 44.44 -8.16 36.29
N PHE B 45 43.81 -9.15 35.70
CA PHE B 45 44.08 -10.51 36.02
C PHE B 45 45.51 -10.93 35.60
N LEU B 46 45.84 -10.64 34.34
CA LEU B 46 47.09 -11.04 33.74
C LEU B 46 48.20 -10.32 34.43
N GLY B 47 47.96 -9.03 34.62
CA GLY B 47 48.85 -8.16 35.33
C GLY B 47 50.24 -8.10 34.76
N LYS B 48 51.19 -8.08 35.68
CA LYS B 48 52.59 -7.94 35.36
C LYS B 48 53.13 -9.08 34.54
N ARG B 49 52.71 -10.30 34.89
CA ARG B 49 53.26 -11.51 34.31
C ARG B 49 52.57 -11.94 33.04
N THR B 50 53.31 -11.80 31.96
CA THR B 50 52.85 -12.14 30.66
C THR B 50 53.87 -13.00 29.92
N ASP B 51 54.67 -13.78 30.63
CA ASP B 51 55.64 -14.70 29.97
C ASP B 51 55.03 -16.02 29.50
N GLU B 52 55.76 -16.75 28.64
CA GLU B 52 55.22 -17.89 27.91
C GLU B 52 54.83 -19.09 28.78
N ALA B 53 55.53 -19.32 29.89
CA ALA B 53 55.20 -20.44 30.76
C ALA B 53 53.96 -20.16 31.62
N ALA B 54 53.54 -18.89 31.62
CA ALA B 54 52.41 -18.44 32.41
C ALA B 54 51.12 -18.65 31.65
N PHE B 55 51.18 -18.41 30.33
CA PHE B 55 50.09 -18.73 29.41
C PHE B 55 49.90 -20.25 29.25
N GLN B 56 51.01 -21.00 29.33
CA GLN B 56 50.95 -22.45 29.31
C GLN B 56 50.10 -23.00 30.44
N LYS B 57 50.37 -22.55 31.66
CA LYS B 57 49.56 -22.92 32.81
C LYS B 57 48.08 -22.48 32.69
N LEU B 58 47.83 -21.27 32.20
CA LEU B 58 46.45 -20.87 31.91
C LEU B 58 45.79 -21.87 30.99
N MET B 59 46.43 -22.18 29.87
CA MET B 59 45.85 -23.10 28.90
C MET B 59 45.59 -24.46 29.54
N SER B 60 46.49 -24.88 30.41
CA SER B 60 46.37 -26.16 31.05
C SER B 60 45.23 -26.17 32.06
N ASN B 61 45.05 -25.07 32.76
CA ASN B 61 43.98 -24.96 33.74
C ASN B 61 42.62 -24.93 33.06
N LEU B 62 42.57 -24.27 31.90
CA LEU B 62 41.30 -23.95 31.26
C LEU B 62 40.86 -25.03 30.30
N ASP B 63 41.79 -25.67 29.67
CA ASP B 63 41.49 -26.69 28.71
C ASP B 63 41.29 -28.02 29.39
N SER B 64 40.18 -28.15 30.09
CA SER B 64 39.84 -29.41 30.84
C SER B 64 39.46 -30.61 30.01
N ASN B 65 39.02 -30.40 28.78
CA ASN B 65 38.78 -31.61 27.96
C ASN B 65 39.98 -31.94 27.07
N ARG B 66 41.02 -31.13 27.20
CA ARG B 66 42.29 -31.37 26.56
C ARG B 66 42.21 -31.50 25.03
N ASP B 67 41.41 -30.67 24.38
CA ASP B 67 41.44 -30.66 22.92
C ASP B 67 42.36 -29.56 22.42
N ASN B 68 43.13 -28.98 23.35
CA ASN B 68 44.09 -27.90 23.06
C ASN B 68 43.48 -26.53 22.74
N GLU B 69 42.19 -26.39 23.03
CA GLU B 69 41.54 -25.13 22.84
C GLU B 69 40.57 -24.86 23.97
N VAL B 70 40.17 -23.60 24.13
CA VAL B 70 39.22 -23.20 25.15
C VAL B 70 37.88 -22.92 24.47
N ASP B 71 36.87 -23.73 24.77
CA ASP B 71 35.54 -23.54 24.22
C ASP B 71 34.72 -22.65 25.16
N PHE B 72 33.49 -22.35 24.76
CA PHE B 72 32.70 -21.44 25.54
C PHE B 72 32.42 -21.86 26.99
N GLN B 73 32.08 -23.12 27.21
CA GLN B 73 31.85 -23.67 28.57
C GLN B 73 33.12 -23.51 29.43
N GLU B 74 34.28 -23.91 28.92
CA GLU B 74 35.53 -23.77 29.62
C GLU B 74 35.86 -22.31 29.97
N TYR B 75 35.50 -21.37 29.09
CA TYR B 75 35.62 -19.92 29.30
C TYR B 75 34.68 -19.46 30.41
N CYS B 76 33.44 -19.90 30.39
CA CYS B 76 32.51 -19.62 31.51
C CYS B 76 33.07 -20.08 32.85
N VAL B 77 33.55 -21.32 32.94
CA VAL B 77 34.26 -21.83 34.16
C VAL B 77 35.40 -20.88 34.59
N PHE B 78 36.20 -20.43 33.67
CA PHE B 78 37.20 -19.43 33.97
C PHE B 78 36.62 -18.10 34.48
N LEU B 79 35.64 -17.53 33.81
CA LEU B 79 35.07 -16.29 34.32
C LEU B 79 34.44 -16.45 35.66
N SER B 80 33.90 -17.63 35.91
CA SER B 80 33.22 -17.83 37.15
C SER B 80 34.23 -18.01 38.31
N CYS B 81 35.44 -18.45 37.99
CA CYS B 81 36.51 -18.53 38.98
CA CYS B 81 36.50 -18.54 39.00
C CYS B 81 36.96 -17.14 39.44
N ILE B 82 37.08 -16.23 38.50
CA ILE B 82 37.40 -14.84 38.80
C ILE B 82 36.26 -14.22 39.64
N ALA B 83 35.00 -14.45 39.23
CA ALA B 83 33.84 -13.96 39.97
C ALA B 83 33.88 -14.44 41.41
N MET B 84 34.24 -15.71 41.62
CA MET B 84 34.38 -16.23 42.99
C MET B 84 35.44 -15.46 43.78
N MET B 85 36.56 -15.16 43.14
CA MET B 85 37.59 -14.43 43.85
C MET B 85 37.12 -13.04 44.23
N CYS B 86 36.28 -12.42 43.38
CA CYS B 86 35.76 -11.08 43.66
C CYS B 86 34.78 -11.13 44.81
N ASN B 87 34.07 -12.23 44.90
CA ASN B 87 33.01 -12.37 45.87
C ASN B 87 33.59 -12.40 47.25
N GLU B 88 34.76 -13.03 47.37
CA GLU B 88 35.47 -13.12 48.64
C GLU B 88 35.76 -11.74 49.22
N PHE B 89 35.95 -10.74 48.35
CA PHE B 89 36.16 -9.40 48.84
C PHE B 89 34.95 -8.93 49.65
N PHE B 90 33.76 -9.18 49.11
CA PHE B 90 32.50 -8.78 49.74
C PHE B 90 32.22 -9.60 50.99
N GLU B 91 32.66 -10.85 51.00
CA GLU B 91 32.43 -11.71 52.14
C GLU B 91 33.44 -11.47 53.24
N GLY B 92 34.20 -10.39 53.08
CA GLY B 92 35.10 -9.84 54.09
C GLY B 92 36.40 -10.61 54.23
N PHE B 93 36.66 -11.50 53.26
CA PHE B 93 37.75 -12.50 53.33
C PHE B 93 37.67 -13.26 54.65
N PRO B 94 36.72 -14.20 54.74
CA PRO B 94 36.57 -15.02 55.96
C PRO B 94 37.73 -16.01 56.11
N ALA C 2 13.41 11.55 24.11
CA ALA C 2 13.15 12.07 22.73
C ALA C 2 13.08 10.94 21.69
N CYS C 3 12.19 9.99 21.96
CA CYS C 3 11.61 9.06 20.97
C CYS C 3 12.59 8.09 20.31
N PRO C 4 13.14 7.18 21.12
CA PRO C 4 14.01 6.12 20.64
C PRO C 4 13.41 5.38 19.45
N LEU C 5 12.12 5.13 19.46
CA LEU C 5 11.57 4.41 18.34
C LEU C 5 11.59 5.21 17.04
N GLU C 6 11.40 6.53 17.12
CA GLU C 6 11.55 7.35 15.90
C GLU C 6 13.02 7.36 15.46
N LYS C 7 13.95 7.40 16.42
CA LYS C 7 15.37 7.45 16.03
C LYS C 7 15.80 6.11 15.41
N ALA C 8 15.21 5.04 15.92
CA ALA C 8 15.48 3.73 15.37
C ALA C 8 15.02 3.66 13.93
N LEU C 9 13.85 4.20 13.62
CA LEU C 9 13.39 4.17 12.26
C LEU C 9 14.25 4.99 11.33
N ASP C 10 14.73 6.11 11.83
CA ASP C 10 15.62 6.98 11.08
C ASP C 10 16.92 6.25 10.78
N VAL C 11 17.51 5.64 11.81
CA VAL C 11 18.73 4.84 11.61
C VAL C 11 18.51 3.70 10.60
N MET C 12 17.39 3.00 10.69
CA MET C 12 17.13 1.91 9.73
CA MET C 12 17.04 1.93 9.72
C MET C 12 17.10 2.42 8.31
N VAL C 13 16.41 3.55 8.08
CA VAL C 13 16.27 4.10 6.74
C VAL C 13 17.53 4.73 6.23
N SER C 14 18.20 5.53 7.07
CA SER C 14 19.46 6.18 6.74
C SER C 14 20.65 5.26 6.44
N THR C 15 20.75 4.16 7.18
CA THR C 15 21.84 3.19 7.01
C THR C 15 21.78 2.64 5.57
N PHE C 16 20.56 2.36 5.10
CA PHE C 16 20.38 1.89 3.74
C PHE C 16 21.03 2.87 2.80
N HIS C 17 20.63 4.15 2.89
CA HIS C 17 21.16 5.13 1.96
C HIS C 17 22.64 5.48 2.10
N LYS C 18 23.19 5.37 3.31
CA LYS C 18 24.63 5.52 3.52
C LYS C 18 25.46 4.59 2.62
N TYR C 19 24.96 3.38 2.33
CA TYR C 19 25.69 2.41 1.50
C TYR C 19 25.18 2.32 0.08
N SER C 20 23.87 2.48 -0.12
CA SER C 20 23.28 2.36 -1.46
C SER C 20 23.77 3.46 -2.41
N GLY C 21 24.01 4.66 -1.90
CA GLY C 21 24.47 5.81 -2.70
C GLY C 21 25.90 5.75 -3.24
N LYS C 22 26.70 4.79 -2.77
CA LYS C 22 28.13 4.83 -3.10
C LYS C 22 28.46 4.56 -4.56
N GLU C 23 27.65 3.73 -5.22
CA GLU C 23 27.97 3.19 -6.55
C GLU C 23 26.70 2.96 -7.37
N GLY C 24 26.85 2.97 -8.70
CA GLY C 24 25.76 2.56 -9.60
C GLY C 24 24.41 3.14 -9.25
N ASP C 25 23.35 2.35 -9.40
CA ASP C 25 22.06 2.78 -8.88
C ASP C 25 22.24 3.37 -7.46
N LYS C 26 21.87 4.63 -7.28
CA LYS C 26 21.97 5.27 -5.96
C LYS C 26 20.95 4.77 -4.95
N PHE C 27 19.99 3.97 -5.39
CA PHE C 27 18.96 3.47 -4.51
C PHE C 27 18.99 1.98 -4.34
N LYS C 28 20.06 1.34 -4.81
CA LYS C 28 20.19 -0.11 -4.67
C LYS C 28 21.57 -0.55 -4.17
N LEU C 29 21.59 -1.53 -3.27
CA LEU C 29 22.85 -2.09 -2.76
C LEU C 29 23.32 -3.09 -3.75
N ASN C 30 24.47 -2.85 -4.40
CA ASN C 30 25.10 -3.92 -5.17
C ASN C 30 25.82 -4.88 -4.21
N LYS C 31 26.52 -5.86 -4.75
CA LYS C 31 27.16 -6.86 -3.92
C LYS C 31 28.11 -6.21 -2.91
N SER C 32 28.99 -5.34 -3.38
CA SER C 32 30.00 -4.78 -2.49
C SER C 32 29.43 -3.79 -1.47
N GLU C 33 28.48 -2.96 -1.86
CA GLU C 33 27.75 -2.12 -0.91
C GLU C 33 26.99 -2.94 0.14
N LEU C 34 26.38 -4.07 -0.26
CA LEU C 34 25.70 -4.95 0.69
C LEU C 34 26.72 -5.58 1.65
N LYS C 35 27.87 -5.97 1.11
CA LYS C 35 28.92 -6.55 1.93
C LYS C 35 29.34 -5.56 3.02
N GLU C 36 29.52 -4.33 2.61
CA GLU C 36 29.94 -3.28 3.48
C GLU C 36 28.94 -3.00 4.61
N LEU C 37 27.65 -2.92 4.24
CA LEU C 37 26.57 -2.72 5.18
C LEU C 37 26.49 -3.83 6.21
N LEU C 38 26.51 -5.06 5.75
CA LEU C 38 26.34 -6.18 6.66
C LEU C 38 27.50 -6.14 7.62
N THR C 39 28.70 -6.11 7.05
CA THR C 39 29.95 -6.16 7.80
C THR C 39 30.07 -5.02 8.76
N ARG C 40 29.68 -3.81 8.38
CA ARG C 40 29.92 -2.66 9.25
C ARG C 40 28.75 -2.41 10.18
N GLU C 41 27.54 -2.78 9.75
CA GLU C 41 26.33 -2.39 10.50
C GLU C 41 25.60 -3.53 11.18
N LEU C 42 25.75 -4.74 10.65
CA LEU C 42 25.17 -5.94 11.23
C LEU C 42 26.20 -7.07 11.49
N PRO C 43 27.32 -6.78 12.20
CA PRO C 43 28.35 -7.81 12.36
C PRO C 43 27.93 -9.00 13.20
N SER C 44 26.86 -8.87 13.96
CA SER C 44 26.43 -9.97 14.80
C SER C 44 25.77 -10.99 13.93
N PHE C 45 25.00 -10.50 12.98
CA PHE C 45 24.30 -11.36 12.03
C PHE C 45 25.32 -12.08 11.15
N LEU C 46 26.17 -11.32 10.50
CA LEU C 46 27.08 -11.90 9.55
C LEU C 46 28.08 -12.87 10.14
N GLY C 47 28.61 -12.55 11.31
CA GLY C 47 29.71 -13.31 11.88
C GLY C 47 31.04 -12.92 11.25
N LYS C 48 31.97 -13.87 11.16
CA LYS C 48 33.32 -13.60 10.66
C LYS C 48 33.78 -14.58 9.58
N ARG C 49 34.76 -14.16 8.78
CA ARG C 49 35.37 -14.99 7.71
C ARG C 49 34.37 -15.56 6.67
N THR C 50 33.19 -14.95 6.59
CA THR C 50 32.14 -15.40 5.67
C THR C 50 32.71 -15.58 4.26
N ASP C 51 32.46 -16.75 3.66
CA ASP C 51 33.01 -17.11 2.33
C ASP C 51 32.16 -16.58 1.16
N GLU C 52 32.75 -16.59 -0.04
CA GLU C 52 32.13 -16.06 -1.27
C GLU C 52 30.79 -16.69 -1.61
N ALA C 53 30.71 -18.02 -1.49
CA ALA C 53 29.44 -18.73 -1.57
C ALA C 53 28.38 -18.23 -0.54
N ALA C 54 28.81 -17.80 0.66
CA ALA C 54 27.89 -17.35 1.71
C ALA C 54 27.42 -15.91 1.47
N PHE C 55 28.33 -15.04 1.06
CA PHE C 55 27.89 -13.73 0.61
C PHE C 55 26.95 -13.84 -0.59
N GLN C 56 27.22 -14.76 -1.53
CA GLN C 56 26.32 -14.92 -2.68
C GLN C 56 24.97 -15.56 -2.29
N LYS C 57 24.96 -16.45 -1.30
CA LYS C 57 23.72 -17.08 -0.84
C LYS C 57 22.80 -16.04 -0.22
N LEU C 58 23.43 -15.12 0.51
CA LEU C 58 22.76 -14.06 1.18
C LEU C 58 22.19 -13.08 0.16
N MET C 59 22.98 -12.71 -0.83
CA MET C 59 22.47 -11.86 -1.90
C MET C 59 21.27 -12.48 -2.61
N SER C 60 21.38 -13.76 -2.98
CA SER C 60 20.27 -14.53 -3.49
C SER C 60 19.05 -14.43 -2.59
N ASN C 61 19.21 -14.69 -1.30
CA ASN C 61 18.07 -14.76 -0.43
C ASN C 61 17.42 -13.39 -0.30
N LEU C 62 18.20 -12.35 -0.52
CA LEU C 62 17.67 -11.01 -0.35
C LEU C 62 17.16 -10.38 -1.65
N ASP C 63 17.70 -10.83 -2.78
CA ASP C 63 17.41 -10.26 -4.08
C ASP C 63 16.22 -11.01 -4.64
N SER C 64 15.02 -10.63 -4.25
CA SER C 64 13.83 -11.31 -4.72
C SER C 64 13.44 -10.99 -6.15
N ASN C 65 13.88 -9.90 -6.72
CA ASN C 65 13.60 -9.60 -8.09
C ASN C 65 14.67 -10.06 -9.06
N ARG C 66 15.71 -10.70 -8.53
CA ARG C 66 16.74 -11.36 -9.33
C ARG C 66 17.60 -10.40 -10.20
N ASP C 67 17.72 -9.14 -9.77
CA ASP C 67 18.47 -8.14 -10.53
C ASP C 67 19.86 -7.95 -9.92
N ASN C 68 20.20 -8.77 -8.92
CA ASN C 68 21.53 -8.72 -8.28
C ASN C 68 21.82 -7.50 -7.41
N GLU C 69 20.78 -6.76 -7.04
CA GLU C 69 20.90 -5.63 -6.20
C GLU C 69 19.85 -5.73 -5.15
N VAL C 70 20.07 -5.15 -4.00
CA VAL C 70 19.07 -5.12 -3.00
C VAL C 70 18.44 -3.73 -2.97
N ASP C 71 17.16 -3.63 -3.25
CA ASP C 71 16.47 -2.34 -3.14
C ASP C 71 15.88 -2.17 -1.74
N PHE C 72 15.22 -1.04 -1.51
CA PHE C 72 14.84 -0.66 -0.18
C PHE C 72 13.72 -1.51 0.32
N GLN C 73 12.83 -1.95 -0.55
CA GLN C 73 11.78 -2.93 -0.16
C GLN C 73 12.42 -4.30 0.20
N GLU C 74 13.39 -4.75 -0.57
CA GLU C 74 14.00 -6.04 -0.24
C GLU C 74 14.79 -5.94 1.06
N TYR C 75 15.37 -4.75 1.35
CA TYR C 75 16.09 -4.52 2.57
C TYR C 75 15.15 -4.53 3.80
N CYS C 76 13.94 -3.98 3.66
CA CYS C 76 12.91 -4.03 4.68
C CYS C 76 12.42 -5.42 5.08
N VAL C 77 12.13 -6.27 4.08
CA VAL C 77 11.83 -7.69 4.31
C VAL C 77 12.98 -8.28 5.14
N PHE C 78 14.21 -8.02 4.76
CA PHE C 78 15.37 -8.60 5.47
C PHE C 78 15.38 -8.20 6.95
N LEU C 79 15.26 -6.92 7.23
CA LEU C 79 15.22 -6.49 8.64
C LEU C 79 14.00 -7.01 9.41
N SER C 80 12.83 -7.05 8.75
CA SER C 80 11.63 -7.67 9.35
C SER C 80 11.86 -9.10 9.74
N CYS C 81 12.65 -9.82 8.95
CA CYS C 81 12.88 -11.23 9.23
C CYS C 81 13.86 -11.36 10.43
N ILE C 82 14.86 -10.48 10.51
CA ILE C 82 15.63 -10.30 11.72
C ILE C 82 14.75 -9.96 12.92
N ALA C 83 13.86 -8.98 12.77
CA ALA C 83 12.97 -8.57 13.87
C ALA C 83 12.14 -9.74 14.37
N MET C 84 11.66 -10.52 13.42
CA MET C 84 10.80 -11.67 13.70
C MET C 84 11.60 -12.69 14.56
N MET C 85 12.88 -12.91 14.23
CA MET C 85 13.69 -13.82 15.02
C MET C 85 13.91 -13.25 16.42
N CYS C 86 14.08 -11.94 16.54
CA CYS C 86 14.21 -11.34 17.85
C CYS C 86 12.92 -11.49 18.63
N ASN C 87 11.78 -11.41 17.95
CA ASN C 87 10.48 -11.50 18.60
C ASN C 87 10.31 -12.86 19.33
N GLU C 88 10.79 -13.91 18.67
CA GLU C 88 10.72 -15.27 19.20
C GLU C 88 11.36 -15.40 20.57
N PHE C 89 12.49 -14.74 20.80
CA PHE C 89 13.09 -14.69 22.12
C PHE C 89 12.09 -14.21 23.18
N PHE C 90 11.37 -13.12 22.88
CA PHE C 90 10.42 -12.50 23.81
C PHE C 90 9.26 -13.40 24.05
N GLU C 91 8.94 -14.22 23.07
CA GLU C 91 7.88 -15.21 23.26
C GLU C 91 8.38 -16.47 23.97
N GLY C 92 9.70 -16.55 24.19
CA GLY C 92 10.32 -17.71 24.86
C GLY C 92 10.59 -18.86 23.91
N PHE C 93 10.74 -18.54 22.63
CA PHE C 93 10.88 -19.53 21.55
C PHE C 93 9.68 -20.49 21.40
N PRO C 94 9.93 -21.82 21.26
CA PRO C 94 8.99 -22.67 20.51
C PRO C 94 7.63 -22.83 21.19
N ALA D 2 25.54 -1.42 21.25
CA ALA D 2 25.84 -1.97 19.89
C ALA D 2 26.08 -0.88 18.80
N CYS D 3 26.50 -1.32 17.61
CA CYS D 3 26.33 -0.57 16.35
C CYS D 3 24.91 -0.04 16.19
N PRO D 4 24.74 1.11 15.54
CA PRO D 4 23.40 1.74 15.62
C PRO D 4 22.24 0.93 14.97
N LEU D 5 22.52 0.14 13.93
CA LEU D 5 21.40 -0.56 13.29
C LEU D 5 20.93 -1.79 14.08
N GLU D 6 21.84 -2.48 14.73
CA GLU D 6 21.47 -3.52 15.63
C GLU D 6 20.74 -2.99 16.84
N LYS D 7 21.19 -1.87 17.36
CA LYS D 7 20.49 -1.23 18.40
C LYS D 7 19.15 -0.77 17.94
N ALA D 8 19.06 -0.32 16.70
CA ALA D 8 17.83 0.16 16.17
C ALA D 8 16.82 -1.01 16.11
N LEU D 9 17.30 -2.18 15.70
CA LEU D 9 16.40 -3.32 15.66
C LEU D 9 15.99 -3.74 17.07
N ASP D 10 16.92 -3.62 18.02
CA ASP D 10 16.62 -3.93 19.39
C ASP D 10 15.48 -3.05 19.90
N VAL D 11 15.57 -1.73 19.70
CA VAL D 11 14.56 -0.80 20.17
C VAL D 11 13.21 -1.06 19.53
N MET D 12 13.20 -1.35 18.24
CA MET D 12 11.95 -1.59 17.51
CA MET D 12 11.94 -1.58 17.54
C MET D 12 11.16 -2.73 18.14
N VAL D 13 11.85 -3.82 18.43
CA VAL D 13 11.22 -5.01 18.91
C VAL D 13 10.93 -4.94 20.40
N SER D 14 11.84 -4.33 21.15
CA SER D 14 11.67 -4.15 22.60
C SER D 14 10.51 -3.22 22.93
N THR D 15 10.34 -2.15 22.14
CA THR D 15 9.23 -1.22 22.31
C THR D 15 7.89 -1.95 22.21
N PHE D 16 7.73 -2.77 21.18
CA PHE D 16 6.49 -3.55 21.07
C PHE D 16 6.11 -4.28 22.37
N HIS D 17 7.05 -5.01 22.98
CA HIS D 17 6.77 -5.85 24.19
C HIS D 17 6.68 -5.05 25.45
N LYS D 18 7.32 -3.89 25.50
CA LYS D 18 7.12 -2.96 26.58
C LYS D 18 5.64 -2.59 26.72
N TYR D 19 4.87 -2.50 25.63
CA TYR D 19 3.43 -2.13 25.70
C TYR D 19 2.51 -3.33 25.60
N SER D 20 2.81 -4.28 24.73
CA SER D 20 1.98 -5.48 24.60
C SER D 20 1.87 -6.27 25.90
N GLY D 21 2.85 -6.15 26.79
CA GLY D 21 2.91 -6.99 27.98
C GLY D 21 2.04 -6.55 29.14
N LYS D 22 1.58 -5.33 29.13
CA LYS D 22 0.84 -4.82 30.25
C LYS D 22 -0.47 -5.49 30.60
N GLU D 23 -1.26 -5.81 29.61
CA GLU D 23 -2.60 -6.38 29.83
C GLU D 23 -3.05 -7.50 28.87
N GLY D 24 -3.95 -8.35 29.35
CA GLY D 24 -4.49 -9.43 28.52
C GLY D 24 -3.39 -10.22 27.86
N ASP D 25 -3.52 -10.43 26.55
CA ASP D 25 -2.53 -11.16 25.80
C ASP D 25 -1.21 -10.38 25.86
N LYS D 26 -0.15 -11.08 26.29
CA LYS D 26 1.15 -10.50 26.54
C LYS D 26 1.83 -10.15 25.23
N PHE D 27 1.40 -10.80 24.15
CA PHE D 27 2.04 -10.67 22.85
C PHE D 27 1.23 -9.87 21.83
N LYS D 28 0.22 -9.15 22.28
CA LYS D 28 -0.58 -8.35 21.36
C LYS D 28 -0.92 -7.08 22.04
N LEU D 29 -0.99 -6.02 21.25
CA LEU D 29 -1.46 -4.72 21.70
C LEU D 29 -2.97 -4.65 21.65
N ASN D 30 -3.63 -4.35 22.75
CA ASN D 30 -5.05 -4.05 22.66
C ASN D 30 -5.17 -2.56 22.43
N LYS D 31 -6.40 -2.05 22.29
CA LYS D 31 -6.65 -0.64 21.98
C LYS D 31 -5.82 0.33 22.83
N SER D 32 -5.82 0.15 24.15
CA SER D 32 -5.15 1.10 25.06
C SER D 32 -3.64 0.98 25.13
N GLU D 33 -3.11 -0.22 24.86
CA GLU D 33 -1.65 -0.42 24.76
C GLU D 33 -1.17 0.18 23.45
N LEU D 34 -2.05 0.18 22.45
CA LEU D 34 -1.76 0.78 21.15
C LEU D 34 -1.72 2.29 21.27
N LYS D 35 -2.75 2.85 21.90
CA LYS D 35 -2.85 4.29 22.13
C LYS D 35 -1.57 4.78 22.81
N GLU D 36 -1.16 4.11 23.89
CA GLU D 36 0.09 4.47 24.64
C GLU D 36 1.37 4.39 23.78
N LEU D 37 1.57 3.27 23.09
CA LEU D 37 2.71 3.10 22.20
C LEU D 37 2.71 4.21 21.15
N LEU D 38 1.62 4.39 20.43
CA LEU D 38 1.54 5.50 19.48
C LEU D 38 1.82 6.84 20.11
N THR D 39 1.22 7.12 21.27
CA THR D 39 1.29 8.47 21.88
C THR D 39 2.66 8.81 22.50
N ARG D 40 3.31 7.83 23.10
CA ARG D 40 4.59 8.08 23.76
C ARG D 40 5.79 7.77 22.90
N GLU D 41 5.69 6.77 22.06
CA GLU D 41 6.78 6.38 21.19
C GLU D 41 6.84 6.98 19.79
N LEU D 42 5.72 7.35 19.21
CA LEU D 42 5.70 7.93 17.89
C LEU D 42 4.82 9.15 17.79
N PRO D 43 5.12 10.14 18.58
CA PRO D 43 4.36 11.37 18.66
C PRO D 43 4.40 12.20 17.39
N SER D 44 5.53 12.21 16.70
CA SER D 44 5.68 12.97 15.46
C SER D 44 4.68 12.45 14.47
N PHE D 45 4.46 11.13 14.50
CA PHE D 45 3.49 10.48 13.62
C PHE D 45 2.02 10.81 13.93
N LEU D 46 1.64 10.68 15.21
CA LEU D 46 0.24 10.81 15.65
C LEU D 46 -0.37 12.20 15.47
N GLY D 47 0.35 13.23 15.90
CA GLY D 47 -0.14 14.59 15.90
C GLY D 47 -0.45 15.07 17.29
N LYS D 48 -0.22 16.32 17.61
CA LYS D 48 -0.38 16.76 18.99
C LYS D 48 -1.78 16.54 19.49
N ARG D 49 -2.74 16.89 18.66
CA ARG D 49 -4.12 16.64 18.97
C ARG D 49 -4.68 15.79 17.86
N THR D 50 -5.42 14.75 18.24
CA THR D 50 -5.94 13.75 17.32
C THR D 50 -7.44 13.82 17.33
N ASP D 51 -8.06 13.75 16.16
CA ASP D 51 -9.50 13.85 16.05
C ASP D 51 -10.19 12.75 16.81
N GLU D 52 -9.64 11.56 16.67
CA GLU D 52 -9.91 10.36 17.42
C GLU D 52 -11.08 9.57 16.95
N ALA D 53 -11.73 10.09 15.93
CA ALA D 53 -12.58 9.33 15.08
C ALA D 53 -11.52 8.45 14.51
N ALA D 54 -10.40 9.13 14.27
CA ALA D 54 -9.16 8.64 13.68
C ALA D 54 -8.42 7.55 14.45
N PHE D 55 -8.38 7.66 15.76
CA PHE D 55 -7.61 6.71 16.50
C PHE D 55 -8.20 5.36 16.23
N GLN D 56 -9.52 5.25 16.19
CA GLN D 56 -10.06 3.96 15.91
C GLN D 56 -9.66 3.52 14.53
N LYS D 57 -9.70 4.44 13.61
CA LYS D 57 -9.45 4.08 12.23
C LYS D 57 -8.04 3.59 11.99
N LEU D 58 -7.10 4.25 12.62
CA LEU D 58 -5.71 3.83 12.70
C LEU D 58 -5.58 2.41 13.27
N MET D 59 -6.20 2.17 14.42
CA MET D 59 -6.23 0.84 15.02
C MET D 59 -6.75 -0.24 14.06
N SER D 60 -7.93 -0.06 13.48
CA SER D 60 -8.49 -1.12 12.65
C SER D 60 -7.69 -1.25 11.37
N ASN D 61 -7.02 -0.17 11.03
CA ASN D 61 -6.09 -0.16 9.95
C ASN D 61 -4.96 -1.19 10.12
N LEU D 62 -4.39 -1.18 11.33
CA LEU D 62 -3.24 -1.99 11.68
C LEU D 62 -3.64 -3.45 11.90
N ASP D 63 -4.93 -3.65 12.26
CA ASP D 63 -5.46 -4.92 12.69
C ASP D 63 -6.03 -5.73 11.54
N SER D 64 -5.14 -6.34 10.78
CA SER D 64 -5.46 -6.98 9.51
C SER D 64 -6.19 -8.30 9.64
N ASN D 65 -5.93 -9.06 10.69
CA ASN D 65 -6.60 -10.33 10.86
C ASN D 65 -7.89 -10.17 11.68
N ARG D 66 -8.16 -8.94 12.09
CA ARG D 66 -9.47 -8.56 12.67
C ARG D 66 -9.78 -9.21 14.02
N ASP D 67 -8.78 -9.37 14.88
CA ASP D 67 -9.01 -9.99 16.16
C ASP D 67 -8.97 -8.90 17.24
N ASN D 68 -9.12 -7.66 16.76
CA ASN D 68 -9.12 -6.43 17.57
C ASN D 68 -7.83 -6.16 18.34
N GLU D 69 -6.74 -6.75 17.93
CA GLU D 69 -5.49 -6.65 18.64
C GLU D 69 -4.42 -6.39 17.63
N VAL D 70 -3.34 -5.74 17.97
CA VAL D 70 -2.19 -5.68 17.10
C VAL D 70 -1.13 -6.68 17.50
N ASP D 71 -0.84 -7.66 16.67
CA ASP D 71 0.24 -8.62 17.00
C ASP D 71 1.58 -8.12 16.43
N PHE D 72 2.69 -8.80 16.76
CA PHE D 72 4.00 -8.35 16.35
C PHE D 72 4.15 -8.20 14.84
N GLN D 73 3.54 -9.11 14.07
CA GLN D 73 3.61 -9.09 12.61
C GLN D 73 2.88 -7.87 12.05
N GLU D 74 1.74 -7.53 12.64
CA GLU D 74 0.97 -6.38 12.17
C GLU D 74 1.70 -5.06 12.45
N TYR D 75 2.48 -5.08 13.53
CA TYR D 75 3.29 -3.98 14.02
C TYR D 75 4.48 -3.75 13.08
N CYS D 76 5.14 -4.83 12.65
CA CYS D 76 6.21 -4.71 11.67
C CYS D 76 5.72 -4.09 10.39
N VAL D 77 4.60 -4.61 9.85
CA VAL D 77 3.99 -4.03 8.64
C VAL D 77 3.76 -2.53 8.84
N PHE D 78 3.19 -2.15 9.98
CA PHE D 78 2.99 -0.74 10.27
C PHE D 78 4.32 0.01 10.19
N LEU D 79 5.39 -0.53 10.79
CA LEU D 79 6.68 0.15 10.81
C LEU D 79 7.37 0.18 9.45
N SER D 80 7.15 -0.87 8.67
CA SER D 80 7.63 -0.84 7.28
C SER D 80 6.96 0.27 6.49
N CYS D 81 5.69 0.56 6.77
CA CYS D 81 4.99 1.66 6.09
CA CYS D 81 5.01 1.65 6.06
C CYS D 81 5.61 3.01 6.42
N ILE D 82 5.89 3.24 7.70
CA ILE D 82 6.59 4.50 8.05
C ILE D 82 7.95 4.58 7.27
N ALA D 83 8.67 3.45 7.26
CA ALA D 83 10.01 3.40 6.71
C ALA D 83 9.97 3.72 5.24
N MET D 84 8.93 3.22 4.57
CA MET D 84 8.78 3.37 3.12
C MET D 84 8.49 4.81 2.80
N MET D 85 7.76 5.46 3.70
CA MET D 85 7.46 6.86 3.53
C MET D 85 8.71 7.67 3.77
N CYS D 86 9.58 7.23 4.69
CA CYS D 86 10.83 7.99 4.96
C CYS D 86 11.76 7.90 3.76
N ASN D 87 11.75 6.72 3.14
CA ASN D 87 12.54 6.42 1.98
C ASN D 87 12.28 7.34 0.80
N GLU D 88 11.02 7.71 0.61
CA GLU D 88 10.58 8.67 -0.41
C GLU D 88 11.27 10.01 -0.28
N PHE D 89 11.53 10.47 0.94
CA PHE D 89 12.35 11.66 1.12
C PHE D 89 13.71 11.46 0.44
N PHE D 90 14.28 10.24 0.56
CA PHE D 90 15.64 10.01 0.05
C PHE D 90 15.69 9.94 -1.44
N GLU D 91 14.65 9.35 -2.03
CA GLU D 91 14.49 9.29 -3.47
C GLU D 91 14.11 10.66 -4.11
N GLY D 92 13.78 11.65 -3.28
CA GLY D 92 13.49 12.99 -3.72
C GLY D 92 12.04 13.20 -4.12
N PHE D 93 11.14 12.39 -3.54
CA PHE D 93 9.71 12.41 -3.87
C PHE D 93 9.49 12.41 -5.40
N PRO D 94 9.83 11.29 -6.05
CA PRO D 94 9.93 11.21 -7.51
C PRO D 94 8.58 11.14 -8.25
N ALA E 2 19.64 25.21 29.38
CA ALA E 2 19.90 24.91 27.94
C ALA E 2 18.66 25.22 27.07
N CYS E 3 18.89 25.92 25.96
CA CYS E 3 17.83 26.32 25.07
C CYS E 3 18.20 25.76 23.74
N PRO E 4 17.68 24.56 23.43
CA PRO E 4 17.95 24.02 22.11
C PRO E 4 17.70 25.04 21.00
N LEU E 5 16.71 25.92 21.16
CA LEU E 5 16.35 26.80 20.06
C LEU E 5 17.40 27.86 19.82
N GLU E 6 17.97 28.40 20.90
CA GLU E 6 19.05 29.38 20.80
C GLU E 6 20.24 28.71 20.16
N LYS E 7 20.54 27.50 20.63
CA LYS E 7 21.63 26.69 20.05
C LYS E 7 21.53 26.44 18.54
N ALA E 8 20.36 26.02 18.09
CA ALA E 8 20.07 25.84 16.69
C ALA E 8 20.36 27.12 15.87
N LEU E 9 19.94 28.26 16.40
CA LEU E 9 20.18 29.50 15.74
C LEU E 9 21.69 29.78 15.67
N ASP E 10 22.40 29.46 16.75
CA ASP E 10 23.86 29.60 16.83
C ASP E 10 24.53 28.81 15.74
N VAL E 11 24.17 27.52 15.66
CA VAL E 11 24.69 26.60 14.66
C VAL E 11 24.40 27.13 13.26
N MET E 12 23.15 27.56 13.06
CA MET E 12 22.78 28.11 11.77
C MET E 12 23.72 29.28 11.34
N VAL E 13 23.99 30.22 12.23
CA VAL E 13 24.74 31.39 11.78
C VAL E 13 26.22 31.07 11.73
N SER E 14 26.72 30.34 12.71
CA SER E 14 28.11 29.90 12.77
C SER E 14 28.49 29.02 11.60
N THR E 15 27.61 28.12 11.21
CA THR E 15 27.91 27.25 10.09
C THR E 15 28.23 28.04 8.79
N PHE E 16 27.48 29.11 8.52
CA PHE E 16 27.65 29.83 7.31
C PHE E 16 29.03 30.47 7.34
N HIS E 17 29.41 30.96 8.50
CA HIS E 17 30.68 31.66 8.60
C HIS E 17 31.91 30.75 8.59
N LYS E 18 31.72 29.53 9.08
CA LYS E 18 32.71 28.49 8.97
C LYS E 18 33.15 28.35 7.53
N TYR E 19 32.22 28.49 6.60
CA TYR E 19 32.50 28.29 5.18
C TYR E 19 32.70 29.60 4.36
N SER E 20 32.01 30.68 4.71
CA SER E 20 32.07 31.90 3.94
C SER E 20 33.47 32.49 4.09
N GLY E 21 34.08 32.24 5.24
CA GLY E 21 35.38 32.80 5.55
C GLY E 21 36.61 32.11 4.99
N LYS E 22 36.45 31.00 4.27
CA LYS E 22 37.61 30.21 3.78
C LYS E 22 38.42 30.88 2.67
N GLU E 23 37.75 31.66 1.84
CA GLU E 23 38.41 32.30 0.69
C GLU E 23 37.53 33.41 0.13
N GLY E 24 38.16 34.37 -0.53
CA GLY E 24 37.46 35.49 -1.16
C GLY E 24 36.75 36.35 -0.12
N ASP E 25 35.59 36.86 -0.51
CA ASP E 25 34.71 37.57 0.41
C ASP E 25 34.41 36.61 1.57
N LYS E 26 34.68 37.04 2.77
CA LYS E 26 34.60 36.21 3.96
C LYS E 26 33.22 36.15 4.53
N PHE E 27 32.31 36.90 3.97
CA PHE E 27 30.91 36.90 4.39
C PHE E 27 30.06 36.38 3.26
N LYS E 28 30.69 35.87 2.22
CA LYS E 28 29.93 35.21 1.16
C LYS E 28 30.49 33.81 0.78
N LEU E 29 29.61 32.92 0.35
CA LEU E 29 30.04 31.64 -0.18
C LEU E 29 30.20 31.75 -1.68
N ASN E 30 31.37 31.39 -2.19
CA ASN E 30 31.52 31.17 -3.61
C ASN E 30 31.17 29.70 -3.86
N LYS E 31 31.35 29.26 -5.08
CA LYS E 31 31.17 27.86 -5.49
C LYS E 31 31.80 26.80 -4.64
N SER E 32 33.07 26.89 -4.35
CA SER E 32 33.67 25.85 -3.56
C SER E 32 33.24 25.86 -2.14
N GLU E 33 33.14 27.02 -1.54
CA GLU E 33 32.64 27.15 -0.21
C GLU E 33 31.20 26.65 -0.10
N LEU E 34 30.40 26.84 -1.11
CA LEU E 34 29.04 26.35 -1.06
C LEU E 34 28.94 24.85 -1.24
N LYS E 35 29.72 24.31 -2.16
CA LYS E 35 29.83 22.88 -2.32
C LYS E 35 30.18 22.26 -1.02
N GLU E 36 31.15 22.79 -0.33
CA GLU E 36 31.56 22.19 0.95
C GLU E 36 30.49 22.31 2.05
N LEU E 37 29.83 23.46 2.14
CA LEU E 37 28.78 23.58 3.15
C LEU E 37 27.68 22.53 2.90
N LEU E 38 27.18 22.48 1.68
CA LEU E 38 26.12 21.55 1.34
C LEU E 38 26.53 20.10 1.62
N THR E 39 27.72 19.72 1.14
CA THR E 39 28.24 18.34 1.25
C THR E 39 28.44 17.85 2.69
N ARG E 40 29.14 18.64 3.49
CA ARG E 40 29.47 18.22 4.84
C ARG E 40 28.34 18.49 5.84
N GLU E 41 27.53 19.53 5.60
CA GLU E 41 26.57 20.05 6.57
C GLU E 41 25.10 19.76 6.24
N LEU E 42 24.76 19.63 4.97
CA LEU E 42 23.40 19.24 4.57
C LEU E 42 23.34 17.97 3.67
N PRO E 43 24.05 16.89 4.02
CA PRO E 43 24.11 15.78 3.10
C PRO E 43 22.76 15.06 2.85
N SER E 44 21.80 15.12 3.78
CA SER E 44 20.46 14.56 3.50
C SER E 44 19.79 15.30 2.37
N PHE E 45 19.85 16.64 2.40
CA PHE E 45 19.27 17.47 1.34
C PHE E 45 19.95 17.25 0.01
N LEU E 46 21.26 17.04 0.07
CA LEU E 46 22.11 16.95 -1.10
C LEU E 46 22.21 15.53 -1.69
N GLY E 47 22.45 14.55 -0.83
CA GLY E 47 22.71 13.17 -1.29
C GLY E 47 24.15 12.98 -1.71
N LYS E 48 24.36 11.99 -2.58
CA LYS E 48 25.69 11.52 -2.98
C LYS E 48 25.99 11.75 -4.47
N ARG E 49 27.26 12.00 -4.77
CA ARG E 49 27.76 12.09 -6.17
C ARG E 49 27.07 13.17 -7.01
N THR E 50 26.93 14.37 -6.44
CA THR E 50 26.34 15.50 -7.14
C THR E 50 27.29 16.01 -8.23
N ASP E 51 26.85 15.93 -9.49
CA ASP E 51 27.66 16.39 -10.65
C ASP E 51 27.75 17.93 -10.72
N GLU E 52 28.76 18.45 -11.41
CA GLU E 52 28.99 19.91 -11.45
C GLU E 52 27.74 20.70 -11.92
N ALA E 53 26.95 20.10 -12.82
CA ALA E 53 25.68 20.69 -13.28
C ALA E 53 24.72 20.96 -12.12
N ALA E 54 24.40 19.93 -11.34
CA ALA E 54 23.43 20.05 -10.26
C ALA E 54 23.88 21.08 -9.23
N PHE E 55 25.17 21.04 -8.87
CA PHE E 55 25.78 22.08 -8.07
C PHE E 55 25.63 23.49 -8.65
N GLN E 56 25.72 23.63 -9.98
CA GLN E 56 25.58 24.94 -10.60
C GLN E 56 24.13 25.43 -10.55
N LYS E 57 23.19 24.53 -10.77
CA LYS E 57 21.78 24.83 -10.69
C LYS E 57 21.39 25.27 -9.30
N LEU E 58 21.99 24.64 -8.31
CA LEU E 58 21.84 25.07 -6.93
C LEU E 58 22.43 26.44 -6.65
N MET E 59 23.66 26.69 -7.12
CA MET E 59 24.24 28.00 -6.93
C MET E 59 23.29 29.02 -7.54
N SER E 60 22.81 28.73 -8.76
CA SER E 60 21.88 29.61 -9.48
C SER E 60 20.61 29.98 -8.72
N ASN E 61 19.92 29.01 -8.14
CA ASN E 61 18.75 29.26 -7.32
C ASN E 61 19.04 30.21 -6.14
N LEU E 62 20.07 29.85 -5.37
CA LEU E 62 20.43 30.50 -4.13
C LEU E 62 20.99 31.91 -4.29
N ASP E 63 21.78 32.13 -5.36
CA ASP E 63 22.35 33.43 -5.69
C ASP E 63 21.32 34.33 -6.41
N SER E 64 20.27 34.76 -5.71
CA SER E 64 19.16 35.50 -6.34
C SER E 64 19.55 36.87 -6.81
N ASN E 65 20.55 37.49 -6.21
CA ASN E 65 20.95 38.80 -6.70
C ASN E 65 22.05 38.73 -7.78
N ARG E 66 22.39 37.48 -8.14
CA ARG E 66 23.28 37.16 -9.26
C ARG E 66 24.62 37.92 -9.21
N ASP E 67 25.22 37.95 -8.03
CA ASP E 67 26.59 38.45 -7.89
C ASP E 67 27.67 37.34 -7.86
N ASN E 68 27.29 36.09 -8.18
CA ASN E 68 28.16 34.90 -8.12
C ASN E 68 28.43 34.20 -6.78
N GLU E 69 27.80 34.68 -5.71
CA GLU E 69 28.00 34.08 -4.41
C GLU E 69 26.75 34.13 -3.59
N VAL E 70 26.81 33.48 -2.43
CA VAL E 70 25.67 33.42 -1.55
C VAL E 70 25.98 34.19 -0.28
N ASP E 71 25.30 35.32 -0.10
CA ASP E 71 25.45 36.06 1.14
C ASP E 71 24.58 35.46 2.26
N PHE E 72 24.58 36.09 3.41
CA PHE E 72 23.92 35.50 4.55
C PHE E 72 22.42 35.55 4.36
N GLN E 73 21.92 36.61 3.73
CA GLN E 73 20.47 36.72 3.52
C GLN E 73 19.97 35.66 2.54
N GLU E 74 20.75 35.45 1.49
CA GLU E 74 20.42 34.44 0.50
C GLU E 74 20.39 33.08 1.20
N TYR E 75 21.37 32.86 2.08
CA TYR E 75 21.51 31.63 2.86
C TYR E 75 20.29 31.40 3.80
N CYS E 76 19.78 32.46 4.42
CA CYS E 76 18.59 32.27 5.30
C CYS E 76 17.36 31.93 4.49
N VAL E 77 17.30 32.44 3.28
CA VAL E 77 16.17 32.19 2.40
C VAL E 77 16.15 30.70 2.03
N PHE E 78 17.35 30.15 1.82
CA PHE E 78 17.50 28.76 1.51
C PHE E 78 17.06 27.86 2.67
N LEU E 79 17.55 28.17 3.85
CA LEU E 79 17.21 27.38 5.03
C LEU E 79 15.73 27.47 5.34
N SER E 80 15.14 28.61 5.03
CA SER E 80 13.70 28.79 5.20
C SER E 80 12.96 27.90 4.27
N CYS E 81 13.48 27.67 3.06
CA CYS E 81 12.83 26.75 2.12
C CYS E 81 12.90 25.35 2.69
N ILE E 82 14.06 24.99 3.21
CA ILE E 82 14.16 23.66 3.79
C ILE E 82 13.18 23.56 4.94
N ALA E 83 13.20 24.56 5.83
CA ALA E 83 12.30 24.54 6.97
C ALA E 83 10.83 24.41 6.52
N MET E 84 10.45 25.14 5.46
CA MET E 84 9.04 25.09 5.00
C MET E 84 8.68 23.69 4.50
N MET E 85 9.64 23.03 3.89
CA MET E 85 9.47 21.68 3.45
C MET E 85 9.26 20.69 4.59
N CYS E 86 9.96 20.85 5.68
CA CYS E 86 9.77 20.08 6.90
C CYS E 86 8.42 20.29 7.54
N ASN E 87 7.94 21.50 7.54
CA ASN E 87 6.70 21.90 8.15
C ASN E 87 5.53 21.17 7.52
N GLU E 88 5.61 20.94 6.24
CA GLU E 88 4.62 20.20 5.54
C GLU E 88 4.47 18.86 6.17
N PHE E 89 5.53 18.26 6.65
CA PHE E 89 5.39 16.97 7.29
C PHE E 89 4.44 17.07 8.51
N PHE E 90 4.67 18.06 9.37
CA PHE E 90 3.80 18.28 10.51
C PHE E 90 2.37 18.59 10.10
N GLU E 91 2.19 19.27 8.96
CA GLU E 91 0.83 19.55 8.44
C GLU E 91 0.20 18.37 7.65
N GLY E 92 0.97 17.31 7.40
CA GLY E 92 0.45 16.00 6.98
C GLY E 92 0.43 15.56 5.51
N PHE E 93 0.77 16.45 4.57
CA PHE E 93 0.65 16.22 3.10
C PHE E 93 0.15 14.82 2.66
N ALA F 2 24.88 13.34 13.66
CA ALA F 2 25.97 13.42 12.63
C ALA F 2 26.03 14.80 11.95
N CYS F 3 24.88 15.46 11.81
CA CYS F 3 24.85 16.77 11.12
C CYS F 3 24.15 17.82 11.96
N PRO F 4 24.92 18.68 12.60
CA PRO F 4 24.34 19.71 13.43
C PRO F 4 23.52 20.72 12.66
N LEU F 5 23.83 20.98 11.39
CA LEU F 5 22.94 21.92 10.68
C LEU F 5 21.54 21.33 10.45
N GLU F 6 21.47 20.09 9.93
CA GLU F 6 20.20 19.42 9.74
C GLU F 6 19.46 19.29 11.08
N LYS F 7 20.20 19.04 12.17
CA LYS F 7 19.58 18.85 13.49
C LYS F 7 18.99 20.18 14.02
N ALA F 8 19.71 21.27 13.70
CA ALA F 8 19.27 22.62 13.98
C ALA F 8 17.96 22.93 13.27
N LEU F 9 17.85 22.55 11.99
CA LEU F 9 16.62 22.87 11.24
C LEU F 9 15.44 22.12 11.84
N ASP F 10 15.68 20.87 12.21
CA ASP F 10 14.78 20.03 12.99
C ASP F 10 14.30 20.73 14.28
N VAL F 11 15.19 21.24 15.10
CA VAL F 11 14.75 21.93 16.31
C VAL F 11 13.85 23.14 15.98
N MET F 12 14.23 23.94 14.97
CA MET F 12 13.44 25.10 14.56
C MET F 12 12.03 24.70 14.14
N VAL F 13 11.92 23.71 13.28
CA VAL F 13 10.63 23.24 12.83
C VAL F 13 9.84 22.57 13.97
N SER F 14 10.51 21.80 14.82
CA SER F 14 9.76 21.01 15.80
C SER F 14 9.28 21.85 16.97
N THR F 15 10.07 22.83 17.37
CA THR F 15 9.75 23.71 18.50
C THR F 15 8.50 24.57 18.25
N PHE F 16 8.30 25.00 17.00
CA PHE F 16 7.06 25.67 16.63
C PHE F 16 5.83 24.79 16.87
N HIS F 17 5.88 23.54 16.45
CA HIS F 17 4.69 22.68 16.61
C HIS F 17 4.43 22.21 18.04
N LYS F 18 5.49 22.14 18.84
CA LYS F 18 5.40 21.96 20.30
C LYS F 18 4.47 22.97 20.95
N TYR F 19 4.40 24.21 20.46
CA TYR F 19 3.56 25.23 21.11
C TYR F 19 2.26 25.56 20.39
N SER F 20 2.26 25.51 19.05
CA SER F 20 1.07 25.87 18.27
C SER F 20 -0.06 24.84 18.26
N GLY F 21 0.24 23.58 18.60
CA GLY F 21 -0.81 22.55 18.70
C GLY F 21 -1.65 22.68 19.98
N LYS F 22 -1.20 23.55 20.91
CA LYS F 22 -1.76 23.54 22.26
C LYS F 22 -3.19 24.03 22.32
N GLU F 23 -3.48 25.11 21.59
CA GLU F 23 -4.75 25.81 21.65
C GLU F 23 -5.23 26.24 20.26
N GLY F 24 -6.55 26.38 20.11
CA GLY F 24 -7.15 26.78 18.85
C GLY F 24 -6.58 26.03 17.66
N ASP F 25 -6.19 26.80 16.64
CA ASP F 25 -5.58 26.31 15.42
C ASP F 25 -4.23 25.61 15.70
N LYS F 26 -4.15 24.32 15.31
CA LYS F 26 -3.02 23.45 15.59
C LYS F 26 -1.72 23.93 14.92
N PHE F 27 -1.85 24.62 13.80
CA PHE F 27 -0.69 25.09 13.06
C PHE F 27 -0.45 26.60 13.18
N LYS F 28 -1.07 27.28 14.15
CA LYS F 28 -0.73 28.68 14.43
C LYS F 28 -0.49 28.98 15.92
N LEU F 29 0.41 29.91 16.22
CA LEU F 29 0.55 30.44 17.57
C LEU F 29 -0.41 31.63 17.86
N ASN F 30 -1.27 31.45 18.86
CA ASN F 30 -1.97 32.56 19.55
C ASN F 30 -1.01 33.26 20.53
N LYS F 31 -1.55 34.19 21.32
CA LYS F 31 -0.75 35.09 22.17
C LYS F 31 0.03 34.33 23.23
N SER F 32 -0.68 33.48 23.97
CA SER F 32 -0.11 32.73 25.09
C SER F 32 0.87 31.68 24.60
N GLU F 33 0.56 31.08 23.45
CA GLU F 33 1.40 30.06 22.82
C GLU F 33 2.71 30.69 22.39
N LEU F 34 2.62 31.85 21.74
CA LEU F 34 3.80 32.65 21.42
C LEU F 34 4.58 33.09 22.67
N LYS F 35 3.87 33.61 23.68
CA LYS F 35 4.50 33.99 24.94
C LYS F 35 5.31 32.84 25.52
N GLU F 36 4.68 31.67 25.59
CA GLU F 36 5.28 30.44 26.09
C GLU F 36 6.53 30.04 25.33
N LEU F 37 6.44 30.07 24.00
CA LEU F 37 7.56 29.67 23.16
C LEU F 37 8.68 30.62 23.50
N LEU F 38 8.40 31.92 23.42
CA LEU F 38 9.44 32.93 23.67
C LEU F 38 10.06 32.79 25.07
N THR F 39 9.24 32.75 26.12
CA THR F 39 9.74 32.60 27.51
C THR F 39 10.50 31.31 27.77
N ARG F 40 10.03 30.21 27.20
CA ARG F 40 10.69 28.92 27.44
C ARG F 40 11.89 28.63 26.50
N GLU F 41 11.83 29.09 25.25
CA GLU F 41 12.82 28.62 24.27
C GLU F 41 13.79 29.72 23.83
N LEU F 42 13.35 30.98 23.90
CA LEU F 42 14.23 32.12 23.61
C LEU F 42 14.41 33.10 24.80
N PRO F 43 14.76 32.58 26.00
CA PRO F 43 14.85 33.46 27.17
C PRO F 43 15.86 34.57 27.02
N SER F 44 16.94 34.31 26.27
CA SER F 44 17.93 35.35 26.02
C SER F 44 17.34 36.50 25.23
N PHE F 45 16.33 36.23 24.42
CA PHE F 45 15.64 37.29 23.67
C PHE F 45 14.65 38.08 24.54
N LEU F 46 13.79 37.36 25.29
CA LEU F 46 12.85 37.95 26.26
C LEU F 46 13.35 38.53 27.61
N GLY F 47 14.14 37.76 28.34
CA GLY F 47 14.73 38.18 29.62
C GLY F 47 13.78 39.00 30.47
N ASP F 51 4.39 43.60 31.42
CA ASP F 51 4.70 44.29 30.17
C ASP F 51 4.08 43.59 28.97
N GLU F 52 2.76 43.71 28.85
CA GLU F 52 2.01 43.17 27.73
C GLU F 52 2.13 44.02 26.46
N ALA F 53 2.48 45.29 26.65
CA ALA F 53 2.66 46.25 25.54
C ALA F 53 3.79 45.87 24.58
N ALA F 54 5.00 45.68 25.11
CA ALA F 54 6.19 45.34 24.32
C ALA F 54 6.02 44.02 23.57
N PHE F 55 5.14 43.19 24.09
CA PHE F 55 4.90 41.86 23.56
C PHE F 55 3.83 41.87 22.42
N GLN F 56 2.78 42.69 22.55
CA GLN F 56 1.87 42.93 21.42
C GLN F 56 2.61 43.63 20.29
N LYS F 57 3.50 44.51 20.65
CA LYS F 57 4.27 45.19 19.66
C LYS F 57 5.00 44.10 18.86
N LEU F 58 5.52 43.12 19.57
CA LEU F 58 6.17 41.98 18.94
C LEU F 58 5.22 41.08 18.13
N MET F 59 4.13 40.62 18.76
CA MET F 59 3.10 39.86 18.06
C MET F 59 2.66 40.59 16.77
N SER F 60 2.42 41.89 16.86
CA SER F 60 2.06 42.72 15.70
C SER F 60 3.14 42.71 14.62
N ASN F 61 4.39 42.90 15.03
CA ASN F 61 5.53 42.76 14.12
C ASN F 61 5.63 41.37 13.45
N LEU F 62 5.23 40.33 14.18
CA LEU F 62 5.27 38.99 13.59
C LEU F 62 4.07 38.63 12.70
N ASP F 63 2.87 39.01 13.14
CA ASP F 63 1.63 38.75 12.40
C ASP F 63 1.57 39.56 11.10
N SER F 64 2.22 39.03 10.08
CA SER F 64 2.43 39.75 8.84
C SER F 64 1.18 39.84 7.98
N ASN F 65 0.35 38.78 8.01
CA ASN F 65 -0.92 38.77 7.27
C ASN F 65 -2.11 39.25 8.11
N ARG F 66 -1.83 39.86 9.26
CA ARG F 66 -2.88 40.49 10.08
C ARG F 66 -4.04 39.56 10.49
N ASP F 67 -3.77 38.31 10.89
CA ASP F 67 -4.88 37.48 11.42
C ASP F 67 -4.85 37.24 12.95
N ASN F 68 -4.09 38.06 13.65
CA ASN F 68 -3.82 37.87 15.10
C ASN F 68 -3.17 36.52 15.53
N GLU F 69 -2.63 35.76 14.58
CA GLU F 69 -1.90 34.53 14.94
C GLU F 69 -0.57 34.42 14.18
N VAL F 70 0.43 33.85 14.82
CA VAL F 70 1.71 33.63 14.16
C VAL F 70 1.80 32.25 13.52
N ASP F 71 1.87 32.19 12.19
CA ASP F 71 1.99 30.89 11.55
C ASP F 71 3.44 30.50 11.21
N PHE F 72 3.60 29.30 10.64
CA PHE F 72 4.95 28.79 10.45
C PHE F 72 5.84 29.70 9.61
N GLN F 73 5.31 30.26 8.53
CA GLN F 73 6.05 31.21 7.68
C GLN F 73 6.40 32.52 8.39
N GLU F 74 5.56 32.97 9.32
CA GLU F 74 5.83 34.19 10.05
C GLU F 74 6.89 33.94 11.13
N TYR F 75 6.91 32.72 11.63
CA TYR F 75 7.88 32.28 12.63
C TYR F 75 9.26 32.23 12.01
N CYS F 76 9.34 31.74 10.78
CA CYS F 76 10.65 31.65 10.14
C CYS F 76 11.18 33.02 9.89
N VAL F 77 10.29 33.94 9.53
CA VAL F 77 10.69 35.36 9.35
C VAL F 77 11.29 35.87 10.66
N PHE F 78 10.61 35.63 11.77
CA PHE F 78 11.12 36.02 13.07
C PHE F 78 12.54 35.43 13.33
N LEU F 79 12.69 34.12 13.17
CA LEU F 79 14.01 33.49 13.36
C LEU F 79 15.08 34.03 12.40
N SER F 80 14.69 34.27 11.14
CA SER F 80 15.62 34.83 10.19
C SER F 80 16.11 36.16 10.72
N CYS F 81 15.21 36.93 11.35
CA CYS F 81 15.59 38.19 11.97
C CYS F 81 16.59 38.09 13.13
N ILE F 82 16.30 37.24 14.12
CA ILE F 82 17.32 36.89 15.13
C ILE F 82 18.64 36.46 14.47
N ALA F 83 18.54 35.60 13.44
CA ALA F 83 19.75 35.12 12.71
C ALA F 83 20.58 36.30 12.17
N MET F 84 19.88 37.27 11.56
CA MET F 84 20.54 38.44 11.02
C MET F 84 21.26 39.27 12.09
N MET F 85 20.69 39.35 13.29
CA MET F 85 21.37 40.11 14.35
C MET F 85 22.63 39.36 14.83
N CYS F 86 22.54 38.03 14.95
CA CYS F 86 23.71 37.23 15.24
C CYS F 86 24.75 37.46 14.17
N ASN F 87 24.30 37.48 12.91
CA ASN F 87 25.23 37.65 11.82
C ASN F 87 26.02 38.95 11.93
N GLU F 88 25.38 40.04 12.36
CA GLU F 88 26.09 41.32 12.59
C GLU F 88 27.32 41.15 13.50
N PHE F 89 27.23 40.33 14.54
CA PHE F 89 28.36 40.03 15.41
C PHE F 89 29.59 39.52 14.66
N PHE F 90 29.39 38.64 13.69
CA PHE F 90 30.51 38.11 12.87
C PHE F 90 31.10 39.06 11.88
N GLU F 91 30.32 40.07 11.51
CA GLU F 91 30.81 41.09 10.60
C GLU F 91 31.58 42.17 11.35
N GLY F 92 31.58 42.08 12.68
CA GLY F 92 32.30 43.01 13.55
C GLY F 92 31.49 44.22 14.00
N PHE F 93 30.19 44.20 13.72
CA PHE F 93 29.25 45.29 14.04
C PHE F 93 29.51 46.61 13.27
N PRO F 94 29.08 46.67 12.00
CA PRO F 94 29.10 47.92 11.26
C PRO F 94 27.70 48.59 11.22
N ALA G 2 29.08 19.40 38.76
CA ALA G 2 29.59 20.39 39.73
C ALA G 2 29.10 21.79 39.32
N CYS G 3 29.95 22.79 39.56
CA CYS G 3 29.60 24.19 39.41
C CYS G 3 30.09 24.72 38.08
N PRO G 4 29.17 25.05 37.15
CA PRO G 4 29.66 25.59 35.89
C PRO G 4 30.54 26.83 36.12
N LEU G 5 30.16 27.65 37.10
CA LEU G 5 30.88 28.90 37.29
C LEU G 5 32.34 28.73 37.76
N GLU G 6 32.57 27.89 38.76
CA GLU G 6 33.93 27.55 39.20
C GLU G 6 34.69 26.87 38.06
N LYS G 7 34.10 25.91 37.39
CA LYS G 7 34.67 25.41 36.13
C LYS G 7 35.16 26.52 35.16
N ALA G 8 34.34 27.57 35.00
CA ALA G 8 34.59 28.66 34.05
C ALA G 8 35.83 29.46 34.46
N LEU G 9 35.91 29.75 35.75
CA LEU G 9 37.08 30.40 36.30
C LEU G 9 38.32 29.56 36.11
N ASP G 10 38.20 28.24 36.34
CA ASP G 10 39.31 27.29 36.20
C ASP G 10 39.92 27.31 34.79
N VAL G 11 39.04 27.35 33.81
CA VAL G 11 39.37 27.36 32.40
C VAL G 11 40.06 28.65 32.01
N MET G 12 39.49 29.74 32.46
CA MET G 12 40.04 31.04 32.22
C MET G 12 41.49 31.13 32.70
N VAL G 13 41.76 30.70 33.91
CA VAL G 13 43.10 30.81 34.48
C VAL G 13 44.05 29.80 33.87
N SER G 14 43.58 28.56 33.72
CA SER G 14 44.36 27.46 33.14
C SER G 14 44.81 27.74 31.72
N THR G 15 43.96 28.38 30.92
CA THR G 15 44.24 28.63 29.54
C THR G 15 45.43 29.55 29.33
N PHE G 16 45.55 30.56 30.17
CA PHE G 16 46.67 31.48 30.14
C PHE G 16 47.94 30.70 30.27
N HIS G 17 47.98 29.85 31.27
CA HIS G 17 49.22 29.11 31.62
C HIS G 17 49.51 27.95 30.67
N LYS G 18 48.50 27.52 29.95
CA LYS G 18 48.64 26.57 28.87
C LYS G 18 49.54 27.17 27.81
N TYR G 19 49.44 28.47 27.58
CA TYR G 19 50.24 29.13 26.56
C TYR G 19 51.46 29.89 27.07
N SER G 20 51.35 30.51 28.25
CA SER G 20 52.40 31.32 28.78
C SER G 20 53.60 30.52 29.23
N GLY G 21 53.42 29.24 29.55
CA GLY G 21 54.55 28.44 29.96
C GLY G 21 55.39 27.82 28.85
N LYS G 22 55.01 28.02 27.59
CA LYS G 22 55.67 27.27 26.52
C LYS G 22 57.11 27.70 26.26
N GLU G 23 57.36 29.00 26.34
CA GLU G 23 58.68 29.55 26.03
C GLU G 23 59.00 30.77 26.88
N GLY G 24 60.27 30.95 27.23
CA GLY G 24 60.72 32.17 27.92
C GLY G 24 60.14 32.32 29.29
N ASP G 25 59.67 33.53 29.63
CA ASP G 25 59.02 33.78 30.93
C ASP G 25 57.75 32.94 30.92
N LYS G 26 57.57 32.14 31.98
CA LYS G 26 56.55 31.10 32.03
C LYS G 26 55.19 31.72 32.35
N PHE G 27 55.25 32.95 32.85
CA PHE G 27 54.09 33.63 33.41
C PHE G 27 53.65 34.78 32.53
N LYS G 28 54.19 34.85 31.31
CA LYS G 28 53.83 35.91 30.35
C LYS G 28 53.73 35.35 28.94
N LEU G 29 52.80 35.92 28.16
CA LEU G 29 52.58 35.51 26.79
C LEU G 29 53.39 36.38 25.80
N ASN G 30 54.40 35.82 25.15
CA ASN G 30 55.03 36.53 24.03
C ASN G 30 54.09 36.56 22.81
N LYS G 31 54.52 37.16 21.71
CA LYS G 31 53.65 37.33 20.54
C LYS G 31 53.16 35.99 19.98
N SER G 32 54.06 35.03 19.91
CA SER G 32 53.74 33.74 19.39
C SER G 32 52.72 33.00 20.26
N GLU G 33 52.97 32.99 21.57
CA GLU G 33 52.13 32.30 22.52
C GLU G 33 50.75 32.95 22.54
N LEU G 34 50.71 34.27 22.42
CA LEU G 34 49.47 35.03 22.45
C LEU G 34 48.63 34.65 21.25
N LYS G 35 49.32 34.55 20.11
CA LYS G 35 48.71 34.20 18.85
C LYS G 35 48.05 32.82 18.89
N GLU G 36 48.80 31.83 19.36
CA GLU G 36 48.24 30.50 19.57
C GLU G 36 46.93 30.56 20.38
N LEU G 37 46.95 31.30 21.49
CA LEU G 37 45.81 31.43 22.39
C LEU G 37 44.60 32.13 21.75
N LEU G 38 44.83 33.25 21.05
CA LEU G 38 43.71 33.93 20.36
C LEU G 38 43.05 33.11 19.25
N THR G 39 43.86 32.33 18.52
CA THR G 39 43.43 31.56 17.35
C THR G 39 42.76 30.27 17.76
N ARG G 40 43.38 29.56 18.70
CA ARG G 40 42.85 28.29 19.18
C ARG G 40 41.77 28.48 20.23
N GLU G 41 41.81 29.59 20.97
CA GLU G 41 40.94 29.70 22.14
C GLU G 41 39.83 30.72 22.04
N LEU G 42 40.05 31.80 21.30
CA LEU G 42 39.01 32.80 21.01
C LEU G 42 38.76 32.99 19.51
N PRO G 43 38.44 31.91 18.77
CA PRO G 43 38.32 32.12 17.32
C PRO G 43 37.13 33.00 16.91
N SER G 44 36.09 33.10 17.75
CA SER G 44 34.97 34.00 17.44
C SER G 44 35.39 35.46 17.51
N PHE G 45 36.32 35.76 18.41
CA PHE G 45 36.74 37.14 18.60
C PHE G 45 37.64 37.62 17.44
N LEU G 46 38.43 36.70 16.95
CA LEU G 46 39.42 36.92 15.93
C LEU G 46 38.91 36.99 14.53
N GLY G 47 37.88 36.24 14.24
CA GLY G 47 37.39 35.98 12.92
C GLY G 47 38.30 35.22 12.00
N LYS G 48 38.47 35.66 10.76
CA LYS G 48 39.24 34.90 9.78
C LYS G 48 40.05 35.79 8.85
N GLU G 52 49.25 38.96 10.84
CA GLU G 52 50.46 39.72 11.15
C GLU G 52 50.13 41.13 11.60
N ALA G 53 49.44 41.89 10.74
CA ALA G 53 48.97 43.23 11.08
C ALA G 53 48.00 43.18 12.26
N ALA G 54 46.96 42.36 12.13
CA ALA G 54 45.90 42.25 13.13
C ALA G 54 46.48 41.94 14.52
N PHE G 55 47.39 40.97 14.58
CA PHE G 55 48.04 40.60 15.86
C PHE G 55 48.88 41.68 16.53
N GLN G 56 49.70 42.40 15.76
CA GLN G 56 50.55 43.43 16.38
C GLN G 56 49.72 44.55 17.03
N LYS G 57 48.60 44.90 16.40
CA LYS G 57 47.68 45.90 16.95
C LYS G 57 46.95 45.44 18.24
N LEU G 58 46.46 44.20 18.25
CA LEU G 58 45.89 43.60 19.47
C LEU G 58 46.95 43.47 20.57
N MET G 59 48.12 42.92 20.21
CA MET G 59 49.17 42.65 21.18
C MET G 59 49.56 43.91 21.93
N SER G 60 49.74 45.01 21.21
CA SER G 60 50.12 46.26 21.87
C SER G 60 48.99 46.93 22.68
N ASN G 61 47.73 46.74 22.26
CA ASN G 61 46.58 47.21 23.05
C ASN G 61 46.45 46.43 24.37
N LEU G 62 46.81 45.16 24.34
CA LEU G 62 46.77 44.29 25.50
C LEU G 62 47.92 44.52 26.45
N ASP G 63 49.09 44.77 25.87
CA ASP G 63 50.32 44.95 26.63
C ASP G 63 50.42 46.41 27.13
N SER G 64 49.71 46.72 28.21
CA SER G 64 49.59 48.10 28.68
C SER G 64 50.82 48.67 29.41
N ASN G 65 51.56 47.82 30.10
CA ASN G 65 52.86 48.25 30.68
C ASN G 65 54.01 48.27 29.66
N ARG G 66 53.71 47.93 28.41
CA ARG G 66 54.69 47.93 27.32
C ARG G 66 55.99 47.20 27.65
N ASP G 67 55.93 45.90 27.87
CA ASP G 67 57.15 45.10 28.01
C ASP G 67 57.23 44.03 26.90
N ASN G 68 56.37 44.22 25.90
CA ASN G 68 56.20 43.36 24.71
C ASN G 68 55.54 42.01 24.98
N GLU G 69 55.00 41.87 26.20
CA GLU G 69 54.40 40.60 26.63
C GLU G 69 53.06 40.82 27.31
N VAL G 70 52.19 39.80 27.30
CA VAL G 70 50.92 39.89 28.02
C VAL G 70 50.99 39.07 29.32
N ASP G 71 50.95 39.75 30.46
CA ASP G 71 50.95 39.06 31.75
C ASP G 71 49.52 38.74 32.21
N PHE G 72 49.38 38.15 33.38
CA PHE G 72 48.07 37.61 33.77
C PHE G 72 47.09 38.73 34.06
N GLN G 73 47.55 39.75 34.77
CA GLN G 73 46.73 40.93 35.01
C GLN G 73 46.24 41.56 33.70
N GLU G 74 47.13 41.73 32.71
CA GLU G 74 46.72 42.30 31.40
C GLU G 74 45.72 41.39 30.66
N TYR G 75 45.89 40.08 30.78
CA TYR G 75 45.00 39.07 30.18
C TYR G 75 43.61 39.08 30.78
N CYS G 76 43.53 39.21 32.10
CA CYS G 76 42.28 39.40 32.80
C CYS G 76 41.53 40.62 32.37
N VAL G 77 42.25 41.73 32.26
CA VAL G 77 41.70 42.98 31.81
C VAL G 77 41.08 42.75 30.44
N PHE G 78 41.80 42.07 29.56
CA PHE G 78 41.29 41.83 28.22
C PHE G 78 39.98 41.03 28.29
N LEU G 79 39.95 39.99 29.12
CA LEU G 79 38.77 39.16 29.18
C LEU G 79 37.61 39.93 29.82
N SER G 80 37.93 40.90 30.65
CA SER G 80 36.88 41.72 31.25
C SER G 80 36.15 42.58 30.21
N CYS G 81 36.89 43.10 29.24
CA CYS G 81 36.32 43.85 28.15
C CYS G 81 35.39 42.98 27.31
N ILE G 82 35.82 41.76 27.00
CA ILE G 82 34.97 40.85 26.23
C ILE G 82 33.69 40.62 27.02
N ALA G 83 33.84 40.42 28.33
CA ALA G 83 32.73 40.18 29.20
C ALA G 83 31.77 41.38 29.23
N MET G 84 32.30 42.60 29.16
CA MET G 84 31.48 43.80 29.30
C MET G 84 30.64 44.01 28.06
N MET G 85 31.11 43.48 26.94
CA MET G 85 30.40 43.55 25.67
C MET G 85 29.27 42.52 25.63
N CYS G 86 29.54 41.32 26.14
CA CYS G 86 28.48 40.30 26.30
C CYS G 86 27.41 40.78 27.25
N ASN G 87 27.83 41.51 28.28
CA ASN G 87 26.86 42.07 29.23
C ASN G 87 26.01 43.12 28.52
N GLU G 88 26.62 43.83 27.58
CA GLU G 88 25.92 44.83 26.78
C GLU G 88 24.70 44.18 26.07
N PHE G 89 24.86 42.93 25.65
CA PHE G 89 23.76 42.20 25.02
C PHE G 89 22.59 42.01 25.98
N PHE G 90 22.85 41.69 27.25
CA PHE G 90 21.77 41.37 28.21
C PHE G 90 20.99 42.61 28.62
N GLU G 91 21.64 43.75 28.51
CA GLU G 91 20.98 45.01 28.79
C GLU G 91 20.17 45.47 27.57
N GLY G 92 20.68 45.25 26.37
CA GLY G 92 19.99 45.63 25.13
C GLY G 92 20.73 46.68 24.32
N PHE G 93 22.03 46.85 24.60
CA PHE G 93 22.91 47.88 24.00
C PHE G 93 22.35 49.29 24.19
N PRO G 94 22.28 49.76 25.46
CA PRO G 94 21.55 51.00 25.72
C PRO G 94 22.41 52.24 25.50
N ALA H 2 32.66 23.19 21.33
CA ALA H 2 32.91 24.66 21.37
C ALA H 2 34.34 24.98 21.79
N CYS H 3 34.53 26.24 22.20
CA CYS H 3 35.81 26.71 22.65
C CYS H 3 35.65 26.86 24.15
N PRO H 4 36.42 26.07 24.92
CA PRO H 4 36.29 26.13 26.37
C PRO H 4 36.36 27.56 26.88
N LEU H 5 37.27 28.38 26.38
CA LEU H 5 37.40 29.76 26.91
C LEU H 5 36.16 30.57 26.59
N GLU H 6 35.64 30.44 25.38
CA GLU H 6 34.43 31.19 24.98
C GLU H 6 33.17 30.67 25.70
N LYS H 7 33.07 29.35 25.95
CA LYS H 7 32.02 28.83 26.86
C LYS H 7 32.13 29.48 28.25
N ALA H 8 33.37 29.65 28.73
CA ALA H 8 33.62 30.08 30.10
C ALA H 8 33.18 31.53 30.33
N LEU H 9 33.51 32.40 29.39
CA LEU H 9 33.03 33.79 29.42
C LEU H 9 31.50 33.89 29.39
N ASP H 10 30.86 33.06 28.55
CA ASP H 10 29.41 32.94 28.44
C ASP H 10 28.78 32.57 29.81
N VAL H 11 29.45 31.71 30.56
CA VAL H 11 28.99 31.30 31.89
C VAL H 11 29.19 32.41 32.92
N MET H 12 30.38 33.01 32.96
CA MET H 12 30.63 34.18 33.79
C MET H 12 29.52 35.21 33.60
N VAL H 13 29.27 35.56 32.35
CA VAL H 13 28.29 36.61 32.05
C VAL H 13 26.83 36.23 32.33
N SER H 14 26.40 35.06 31.86
CA SER H 14 25.01 34.62 32.03
C SER H 14 24.64 34.35 33.48
N THR H 15 25.61 33.91 34.29
CA THR H 15 25.37 33.59 35.70
C THR H 15 25.00 34.83 36.54
N PHE H 16 25.77 35.90 36.35
CA PHE H 16 25.31 37.19 36.79
C PHE H 16 23.82 37.46 36.46
N HIS H 17 23.45 37.40 35.19
CA HIS H 17 22.04 37.71 34.82
C HIS H 17 21.02 36.63 35.17
N LYS H 18 21.47 35.41 35.48
CA LYS H 18 20.58 34.40 35.99
C LYS H 18 19.97 34.88 37.34
N TYR H 19 20.76 35.53 38.19
CA TYR H 19 20.33 35.85 39.55
C TYR H 19 19.91 37.32 39.76
N SER H 20 20.49 38.22 38.99
CA SER H 20 20.20 39.62 39.10
C SER H 20 18.79 39.92 38.53
N GLY H 21 18.27 39.02 37.72
CA GLY H 21 17.01 39.25 37.02
C GLY H 21 15.82 38.88 37.86
N LYS H 22 16.09 38.25 39.01
CA LYS H 22 15.06 37.72 39.88
C LYS H 22 14.18 38.84 40.41
N GLU H 23 14.74 39.66 41.30
CA GLU H 23 14.00 40.73 41.99
C GLU H 23 14.50 42.14 41.66
N GLY H 24 13.54 43.05 41.55
CA GLY H 24 13.83 44.48 41.49
C GLY H 24 14.62 44.89 40.27
N ASP H 25 15.67 45.66 40.52
CA ASP H 25 16.67 45.98 39.52
C ASP H 25 17.13 44.69 38.82
N LYS H 26 16.93 44.63 37.50
CA LYS H 26 17.24 43.43 36.74
C LYS H 26 18.75 43.26 36.47
N PHE H 27 19.53 44.29 36.75
CA PHE H 27 20.95 44.33 36.38
C PHE H 27 21.91 44.51 37.56
N LYS H 28 21.39 44.45 38.78
CA LYS H 28 22.26 44.43 39.96
C LYS H 28 21.84 43.28 40.87
N LEU H 29 22.75 42.81 41.70
CA LEU H 29 22.41 41.78 42.68
C LEU H 29 22.19 42.49 43.99
N ASN H 30 21.08 42.18 44.63
CA ASN H 30 20.91 42.59 46.03
C ASN H 30 21.44 41.49 46.95
N LYS H 31 21.30 41.67 48.25
CA LYS H 31 21.74 40.68 49.25
C LYS H 31 21.13 39.29 49.00
N SER H 32 19.82 39.25 48.85
CA SER H 32 19.10 38.02 48.54
C SER H 32 19.72 37.25 47.36
N GLU H 33 19.96 37.95 46.26
CA GLU H 33 20.37 37.34 45.00
C GLU H 33 21.82 36.96 45.07
N LEU H 34 22.64 37.83 45.66
CA LEU H 34 24.05 37.52 45.86
C LEU H 34 24.22 36.19 46.61
N LYS H 35 23.44 36.05 47.69
CA LYS H 35 23.42 34.85 48.52
C LYS H 35 23.06 33.62 47.71
N GLU H 36 22.09 33.76 46.82
CA GLU H 36 21.70 32.67 45.92
C GLU H 36 22.83 32.34 44.91
N LEU H 37 23.45 33.37 44.33
CA LEU H 37 24.56 33.21 43.40
C LEU H 37 25.70 32.46 44.06
N LEU H 38 26.09 32.93 45.25
CA LEU H 38 27.28 32.39 45.92
C LEU H 38 27.07 30.96 46.40
N THR H 39 25.84 30.64 46.82
CA THR H 39 25.48 29.32 47.34
C THR H 39 25.28 28.31 46.20
N ARG H 40 24.60 28.70 45.14
CA ARG H 40 24.44 27.78 44.02
C ARG H 40 25.72 27.60 43.21
N GLU H 41 26.37 28.71 42.89
CA GLU H 41 27.39 28.73 41.85
C GLU H 41 28.82 28.79 42.34
N LEU H 42 29.04 29.20 43.58
CA LEU H 42 30.40 29.25 44.12
C LEU H 42 30.58 28.59 45.49
N PRO H 43 30.08 27.35 45.68
CA PRO H 43 30.10 26.72 47.02
C PRO H 43 31.50 26.46 47.57
N SER H 44 32.50 26.31 46.70
CA SER H 44 33.88 26.18 47.18
C SER H 44 34.37 27.43 47.86
N PHE H 45 33.89 28.58 47.40
CA PHE H 45 34.28 29.84 47.99
C PHE H 45 33.53 30.14 49.30
N LEU H 46 32.22 29.95 49.29
CA LEU H 46 31.42 30.19 50.50
C LEU H 46 31.71 29.19 51.61
N GLY H 47 31.85 27.93 51.22
CA GLY H 47 31.79 26.79 52.12
C GLY H 47 30.33 26.42 52.33
N LYS H 48 30.00 26.00 53.54
CA LYS H 48 28.61 25.72 53.92
C LYS H 48 28.21 26.53 55.16
N ARG H 49 26.99 27.06 55.14
CA ARG H 49 26.40 27.82 56.25
C ARG H 49 27.25 29.00 56.73
N THR H 50 27.13 30.12 56.03
CA THR H 50 27.86 31.32 56.37
C THR H 50 26.90 32.29 57.07
N ASP H 51 27.39 32.98 58.11
CA ASP H 51 26.59 33.93 58.91
C ASP H 51 26.09 35.12 58.08
N GLU H 52 25.05 35.80 58.56
CA GLU H 52 24.61 37.07 57.97
C GLU H 52 25.64 38.18 58.20
N ALA H 53 26.44 38.01 59.26
CA ALA H 53 27.58 38.91 59.60
C ALA H 53 28.83 38.68 58.71
N ALA H 54 28.81 37.59 57.94
CA ALA H 54 29.85 37.28 56.95
C ALA H 54 29.35 37.45 55.50
N PHE H 55 28.02 37.33 55.31
CA PHE H 55 27.37 37.69 54.05
C PHE H 55 27.44 39.19 53.81
N GLN H 56 27.12 39.96 54.85
CA GLN H 56 27.16 41.42 54.81
C GLN H 56 28.59 41.97 54.63
N LYS H 57 29.58 41.28 55.22
CA LYS H 57 31.00 41.66 55.11
C LYS H 57 31.50 41.53 53.67
N LEU H 58 30.93 40.59 52.93
CA LEU H 58 31.28 40.38 51.54
C LEU H 58 30.57 41.39 50.67
N MET H 59 29.30 41.66 51.00
CA MET H 59 28.58 42.76 50.38
C MET H 59 29.34 44.08 50.48
N SER H 60 29.83 44.43 51.67
CA SER H 60 30.60 45.66 51.83
C SER H 60 31.82 45.65 50.91
N ASN H 61 32.52 44.54 50.88
CA ASN H 61 33.67 44.38 50.02
C ASN H 61 33.35 44.45 48.54
N LEU H 62 32.26 43.83 48.16
CA LEU H 62 31.85 43.78 46.76
C LEU H 62 31.05 44.99 46.25
N ASP H 63 30.62 45.87 47.15
CA ASP H 63 29.83 47.06 46.76
C ASP H 63 30.59 48.39 46.81
N SER H 64 31.54 48.57 45.93
CA SER H 64 32.38 49.72 46.03
C SER H 64 31.73 51.08 45.71
N ASN H 65 30.43 51.13 45.50
CA ASN H 65 29.79 52.42 45.29
C ASN H 65 28.67 52.67 46.30
N ARG H 66 28.27 51.61 46.97
CA ARG H 66 27.39 51.68 48.14
C ARG H 66 25.93 52.01 47.86
N ASP H 67 25.40 51.45 46.77
CA ASP H 67 23.96 51.48 46.51
C ASP H 67 23.28 50.22 47.08
N ASN H 68 24.01 49.55 47.97
CA ASN H 68 23.57 48.31 48.64
C ASN H 68 23.25 47.11 47.74
N GLU H 69 23.74 47.17 46.51
CA GLU H 69 23.52 46.16 45.50
C GLU H 69 24.76 46.03 44.59
N VAL H 70 25.09 44.80 44.20
CA VAL H 70 26.25 44.51 43.34
C VAL H 70 25.88 44.53 41.84
N ASP H 71 26.53 45.40 41.08
CA ASP H 71 26.34 45.35 39.62
C ASP H 71 27.39 44.48 38.88
N PHE H 72 27.24 44.39 37.56
CA PHE H 72 28.12 43.54 36.75
C PHE H 72 29.61 43.90 36.88
N GLN H 73 29.94 45.19 36.94
CA GLN H 73 31.33 45.61 36.98
C GLN H 73 31.95 45.24 38.31
N GLU H 74 31.16 45.34 39.37
CA GLU H 74 31.60 44.95 40.71
C GLU H 74 31.77 43.44 40.87
N TYR H 75 30.84 42.70 40.29
CA TYR H 75 30.90 41.25 40.14
C TYR H 75 32.13 40.78 39.32
N CYS H 76 32.49 41.52 38.27
CA CYS H 76 33.70 41.15 37.49
C CYS H 76 34.96 41.30 38.31
N VAL H 77 35.00 42.37 39.12
CA VAL H 77 36.10 42.67 40.02
C VAL H 77 36.30 41.50 40.98
N PHE H 78 35.21 41.01 41.54
CA PHE H 78 35.23 39.91 42.47
C PHE H 78 35.82 38.66 41.78
N LEU H 79 35.30 38.32 40.60
CA LEU H 79 35.80 37.21 39.78
C LEU H 79 37.26 37.36 39.41
N SER H 80 37.69 38.58 39.07
CA SER H 80 39.11 38.82 38.78
C SER H 80 39.97 38.43 40.00
N CYS H 81 39.46 38.73 41.18
CA CYS H 81 40.22 38.56 42.38
C CYS H 81 40.30 37.08 42.73
N ILE H 82 39.23 36.34 42.48
CA ILE H 82 39.30 34.89 42.61
C ILE H 82 40.34 34.37 41.64
N ALA H 83 40.21 34.79 40.38
CA ALA H 83 41.10 34.40 39.33
C ALA H 83 42.56 34.64 39.74
N MET H 84 42.82 35.77 40.41
CA MET H 84 44.16 36.12 40.81
C MET H 84 44.66 35.14 41.84
N MET H 85 43.77 34.67 42.71
CA MET H 85 44.16 33.70 43.71
C MET H 85 44.50 32.37 43.05
N CYS H 86 43.77 32.01 42.00
CA CYS H 86 44.04 30.77 41.28
C CYS H 86 45.39 30.86 40.57
N ASN H 87 45.67 32.02 39.99
CA ASN H 87 46.93 32.32 39.29
C ASN H 87 48.11 32.13 40.23
N GLU H 88 47.92 32.55 41.48
CA GLU H 88 48.96 32.39 42.51
C GLU H 88 49.37 30.94 42.70
N PHE H 89 48.42 30.02 42.55
CA PHE H 89 48.73 28.60 42.56
C PHE H 89 49.69 28.22 41.43
N PHE H 90 49.36 28.66 40.21
CA PHE H 90 50.23 28.42 39.07
C PHE H 90 51.62 29.01 39.22
N GLU H 91 51.75 30.09 39.96
CA GLU H 91 53.04 30.76 40.14
C GLU H 91 53.85 30.15 41.28
N GLY H 92 53.29 29.10 41.90
CA GLY H 92 54.02 28.29 42.88
C GLY H 92 54.12 28.79 44.31
N PHE H 93 53.52 29.92 44.61
CA PHE H 93 53.48 30.38 46.00
C PHE H 93 52.11 31.02 46.30
N PRO H 94 51.09 30.16 46.56
CA PRO H 94 49.66 30.54 46.62
C PRO H 94 49.31 31.61 47.66
N ASP H 95 49.80 31.45 48.89
CA ASP H 95 49.55 32.38 49.99
C ASP H 95 49.99 33.82 49.70
N ALA I 2 28.43 4.64 40.41
CA ALA I 2 27.70 5.50 41.39
C ALA I 2 28.55 5.91 42.59
N CYS I 3 29.86 5.59 42.56
CA CYS I 3 30.76 5.88 43.71
C CYS I 3 32.04 6.59 43.40
N PRO I 4 31.95 7.91 43.21
CA PRO I 4 33.12 8.77 42.92
C PRO I 4 34.30 8.53 43.86
N LEU I 5 34.06 8.38 45.16
CA LEU I 5 35.22 8.23 46.06
C LEU I 5 35.96 6.89 45.89
N GLU I 6 35.22 5.79 45.70
CA GLU I 6 35.81 4.49 45.38
C GLU I 6 36.57 4.56 44.05
N LYS I 7 35.95 5.12 43.00
CA LYS I 7 36.69 5.34 41.71
C LYS I 7 37.97 6.14 41.90
N ALA I 8 37.90 7.20 42.70
CA ALA I 8 39.09 7.99 42.93
C ALA I 8 40.20 7.14 43.59
N LEU I 9 39.85 6.29 44.56
CA LEU I 9 40.85 5.37 45.14
C LEU I 9 41.43 4.40 44.09
N ASP I 10 40.56 3.81 43.30
CA ASP I 10 40.92 3.00 42.14
C ASP I 10 41.95 3.68 41.22
N VAL I 11 41.65 4.89 40.78
CA VAL I 11 42.55 5.68 39.91
C VAL I 11 43.92 5.94 40.59
N MET I 12 43.92 6.29 41.86
CA MET I 12 45.19 6.51 42.57
C MET I 12 46.05 5.26 42.57
N VAL I 13 45.48 4.12 43.00
CA VAL I 13 46.19 2.81 42.93
C VAL I 13 46.58 2.36 41.51
N SER I 14 45.62 2.41 40.59
CA SER I 14 45.87 1.95 39.23
C SER I 14 46.96 2.73 38.51
N THR I 15 47.00 4.05 38.72
CA THR I 15 47.96 4.91 38.06
C THR I 15 49.40 4.58 38.47
N PHE I 16 49.66 4.33 39.75
CA PHE I 16 50.99 3.89 40.14
C PHE I 16 51.43 2.67 39.32
N HIS I 17 50.56 1.68 39.18
CA HIS I 17 50.96 0.42 38.55
C HIS I 17 51.03 0.48 37.04
N LYS I 18 50.31 1.43 36.45
CA LYS I 18 50.39 1.71 35.01
C LYS I 18 51.83 2.08 34.64
N TYR I 19 52.49 2.88 35.49
CA TYR I 19 53.86 3.36 35.24
C TYR I 19 54.96 2.51 35.91
N SER I 20 54.69 1.91 37.07
CA SER I 20 55.71 1.10 37.73
C SER I 20 56.02 -0.14 36.92
N GLY I 21 55.03 -0.65 36.19
CA GLY I 21 55.17 -1.89 35.43
C GLY I 21 55.95 -1.77 34.14
N LYS I 22 56.34 -0.55 33.72
CA LYS I 22 56.95 -0.38 32.38
C LYS I 22 58.30 -1.08 32.26
N GLU I 23 59.09 -1.04 33.33
CA GLU I 23 60.47 -1.53 33.32
C GLU I 23 61.04 -1.87 34.71
N GLY I 24 62.12 -2.66 34.70
CA GLY I 24 62.80 -3.09 35.92
C GLY I 24 61.88 -3.71 36.96
N ASP I 25 62.05 -3.29 38.22
CA ASP I 25 61.11 -3.68 39.27
C ASP I 25 59.76 -3.12 38.87
N LYS I 26 58.83 -4.07 38.76
CA LYS I 26 57.50 -3.86 38.23
C LYS I 26 56.58 -3.25 39.28
N PHE I 27 57.03 -3.21 40.53
CA PHE I 27 56.21 -2.61 41.59
C PHE I 27 56.83 -1.35 42.17
N LYS I 28 57.78 -0.79 41.43
CA LYS I 28 58.47 0.44 41.83
C LYS I 28 58.70 1.35 40.63
N LEU I 29 58.74 2.65 40.90
CA LEU I 29 58.93 3.66 39.86
C LEU I 29 60.39 4.07 39.79
N ASN I 30 61.00 4.01 38.60
CA ASN I 30 62.35 4.56 38.48
C ASN I 30 62.32 6.04 38.10
N LYS I 31 63.46 6.58 37.72
CA LYS I 31 63.54 8.00 37.40
C LYS I 31 62.68 8.25 36.17
N SER I 32 62.79 7.36 35.21
CA SER I 32 62.13 7.58 33.97
C SER I 32 60.61 7.36 34.12
N GLU I 33 60.21 6.31 34.85
CA GLU I 33 58.79 6.03 35.10
C GLU I 33 58.15 7.11 35.98
N LEU I 34 58.89 7.57 37.00
CA LEU I 34 58.40 8.65 37.85
C LEU I 34 58.22 9.97 37.05
N LYS I 35 59.19 10.29 36.19
CA LYS I 35 59.11 11.48 35.39
C LYS I 35 57.84 11.44 34.56
N GLU I 36 57.57 10.25 34.04
CA GLU I 36 56.45 10.01 33.13
C GLU I 36 55.14 10.16 33.86
N LEU I 37 55.03 9.57 35.06
CA LEU I 37 53.83 9.71 35.89
C LEU I 37 53.58 11.17 36.22
N LEU I 38 54.58 11.84 36.76
CA LEU I 38 54.37 13.24 37.15
C LEU I 38 53.99 14.13 35.96
N THR I 39 54.60 13.89 34.80
CA THR I 39 54.41 14.68 33.59
C THR I 39 53.04 14.51 32.93
N ARG I 40 52.58 13.27 32.83
CA ARG I 40 51.29 12.98 32.20
C ARG I 40 50.11 13.06 33.14
N GLU I 41 50.31 12.71 34.40
CA GLU I 41 49.17 12.56 35.34
C GLU I 41 48.96 13.69 36.35
N LEU I 42 50.03 14.39 36.69
CA LEU I 42 50.00 15.48 37.65
C LEU I 42 50.62 16.78 37.11
N PRO I 43 50.21 17.23 35.90
CA PRO I 43 50.88 18.35 35.22
C PRO I 43 50.68 19.72 35.86
N SER I 44 49.61 19.90 36.61
CA SER I 44 49.49 21.18 37.29
C SER I 44 50.36 21.23 38.55
N PHE I 45 50.75 20.08 39.06
CA PHE I 45 51.73 20.05 40.14
C PHE I 45 53.13 20.40 39.59
N LEU I 46 53.53 19.70 38.55
CA LEU I 46 54.84 19.80 37.99
C LEU I 46 55.04 21.16 37.32
N GLY I 47 54.03 21.60 36.57
CA GLY I 47 54.18 22.75 35.68
C GLY I 47 55.06 22.36 34.51
N LYS I 48 55.53 23.34 33.75
CA LYS I 48 56.25 23.02 32.52
C LYS I 48 57.77 23.38 32.55
N ARG I 49 58.53 22.68 31.70
CA ARG I 49 60.00 22.86 31.52
C ARG I 49 60.82 22.52 32.77
N THR I 50 60.38 21.51 33.50
CA THR I 50 61.06 21.08 34.72
C THR I 50 62.43 20.50 34.37
N ASP I 51 63.47 21.17 34.84
CA ASP I 51 64.85 20.76 34.60
C ASP I 51 65.26 19.46 35.32
N GLU I 52 66.41 18.92 34.92
CA GLU I 52 66.80 17.60 35.39
C GLU I 52 67.11 17.54 36.89
N ALA I 53 67.56 18.67 37.44
CA ALA I 53 67.96 18.81 38.85
C ALA I 53 66.78 18.95 39.79
N ALA I 54 65.71 19.55 39.29
CA ALA I 54 64.43 19.60 40.00
C ALA I 54 63.84 18.21 40.09
N PHE I 55 63.93 17.44 39.00
CA PHE I 55 63.44 16.07 39.01
C PHE I 55 64.25 15.18 39.97
N GLN I 56 65.57 15.41 40.02
CA GLN I 56 66.41 14.72 40.98
C GLN I 56 66.08 15.10 42.42
N LYS I 57 65.72 16.35 42.66
CA LYS I 57 65.34 16.79 44.01
C LYS I 57 64.06 16.09 44.41
N LEU I 58 63.07 16.17 43.51
CA LEU I 58 61.82 15.44 43.65
C LEU I 58 62.00 13.95 43.90
N MET I 59 62.75 13.27 43.04
CA MET I 59 62.93 11.81 43.14
C MET I 59 63.54 11.42 44.47
N SER I 60 64.56 12.17 44.91
CA SER I 60 65.25 11.81 46.14
C SER I 60 64.37 12.12 47.34
N ASN I 61 63.52 13.13 47.21
CA ASN I 61 62.59 13.44 48.27
C ASN I 61 61.48 12.40 48.47
N LEU I 62 60.95 11.83 47.39
CA LEU I 62 59.92 10.78 47.51
C LEU I 62 60.50 9.44 47.92
N ASP I 63 61.78 9.23 47.56
CA ASP I 63 62.51 7.99 47.84
C ASP I 63 63.04 7.92 49.29
N SER I 64 62.11 7.91 50.25
CA SER I 64 62.44 7.89 51.67
C SER I 64 63.51 6.88 52.04
N ASN I 65 63.41 5.65 51.54
CA ASN I 65 64.33 4.59 51.96
C ASN I 65 65.60 4.44 51.07
N ARG I 66 65.82 5.45 50.22
CA ARG I 66 67.09 5.65 49.51
C ARG I 66 67.55 4.46 48.65
N ASP I 67 66.59 3.71 48.14
CA ASP I 67 66.94 2.62 47.26
C ASP I 67 66.86 2.96 45.81
N ASN I 68 66.76 4.24 45.52
CA ASN I 68 66.77 4.74 44.16
C ASN I 68 65.51 4.53 43.32
N GLU I 69 64.40 4.18 43.96
CA GLU I 69 63.12 4.05 43.31
C GLU I 69 61.96 4.37 44.21
N VAL I 70 60.81 4.67 43.65
CA VAL I 70 59.64 5.00 44.44
C VAL I 70 58.67 3.85 44.55
N ASP I 71 58.34 3.44 45.76
CA ASP I 71 57.47 2.29 45.94
C ASP I 71 56.05 2.77 46.25
N PHE I 72 55.13 1.86 46.40
CA PHE I 72 53.74 2.28 46.51
C PHE I 72 53.49 3.13 47.74
N GLN I 73 54.13 2.78 48.85
CA GLN I 73 53.95 3.45 50.13
C GLN I 73 54.51 4.87 50.04
N GLU I 74 55.67 5.00 49.44
CA GLU I 74 56.26 6.29 49.16
C GLU I 74 55.39 7.19 48.28
N TYR I 75 54.73 6.58 47.30
CA TYR I 75 53.84 7.30 46.42
C TYR I 75 52.55 7.72 47.13
N CYS I 76 52.09 6.96 48.11
CA CYS I 76 50.92 7.40 48.90
C CYS I 76 51.25 8.63 49.70
N VAL I 77 52.46 8.64 50.28
CA VAL I 77 52.94 9.73 51.13
C VAL I 77 52.96 11.01 50.32
N PHE I 78 53.54 10.93 49.12
CA PHE I 78 53.49 12.04 48.18
C PHE I 78 52.05 12.50 47.89
N LEU I 79 51.14 11.58 47.58
CA LEU I 79 49.76 11.99 47.31
C LEU I 79 49.09 12.64 48.52
N SER I 80 49.39 12.18 49.74
CA SER I 80 48.86 12.82 50.93
C SER I 80 49.37 14.24 51.11
N CYS I 81 50.65 14.49 50.80
CA CYS I 81 51.18 15.84 50.74
C CYS I 81 50.33 16.72 49.84
N ILE I 82 50.13 16.31 48.60
CA ILE I 82 49.25 17.07 47.73
C ILE I 82 47.87 17.28 48.35
N ALA I 83 47.28 16.21 48.87
CA ALA I 83 45.95 16.25 49.50
C ALA I 83 45.89 17.26 50.64
N MET I 84 46.97 17.30 51.44
CA MET I 84 47.04 18.18 52.60
C MET I 84 46.99 19.61 52.12
N MET I 85 47.75 19.94 51.07
CA MET I 85 47.67 21.27 50.51
C MET I 85 46.28 21.62 49.97
N CYS I 86 45.58 20.69 49.34
CA CYS I 86 44.20 20.98 48.93
C CYS I 86 43.32 21.27 50.12
N ASN I 87 43.55 20.55 51.22
CA ASN I 87 42.72 20.69 52.38
C ASN I 87 42.84 22.08 52.96
N GLU I 88 44.03 22.69 52.84
CA GLU I 88 44.27 24.06 53.32
C GLU I 88 43.40 25.04 52.57
N PHE I 89 43.10 24.79 51.31
CA PHE I 89 42.20 25.69 50.61
C PHE I 89 40.86 25.71 51.30
N PHE I 90 40.33 24.51 51.56
CA PHE I 90 39.02 24.38 52.21
C PHE I 90 38.99 24.97 53.56
N GLU I 91 40.12 24.96 54.26
CA GLU I 91 40.21 25.65 55.56
C GLU I 91 40.40 27.15 55.43
N GLY I 92 40.49 27.64 54.19
CA GLY I 92 40.60 29.08 53.90
C GLY I 92 41.96 29.66 54.19
N PHE I 93 43.00 28.82 54.04
CA PHE I 93 44.41 29.16 54.32
C PHE I 93 44.62 29.81 55.70
N PRO I 94 44.39 29.03 56.78
CA PRO I 94 44.33 29.51 58.16
C PRO I 94 45.62 30.17 58.67
N ALA J 2 40.71 15.24 30.95
CA ALA J 2 41.85 16.03 31.48
C ALA J 2 42.84 15.15 32.30
N CYS J 3 42.78 15.20 33.64
CA CYS J 3 43.76 14.47 34.43
C CYS J 3 43.05 13.65 35.48
N PRO J 4 42.86 12.35 35.20
CA PRO J 4 42.12 11.51 36.15
C PRO J 4 42.73 11.52 37.57
N LEU J 5 44.06 11.54 37.68
CA LEU J 5 44.70 11.50 39.00
C LEU J 5 44.49 12.82 39.76
N GLU J 6 44.60 13.95 39.08
CA GLU J 6 44.27 15.23 39.69
C GLU J 6 42.82 15.29 40.08
N LYS J 7 41.92 14.81 39.20
CA LYS J 7 40.52 14.71 39.58
C LYS J 7 40.27 13.85 40.81
N ALA J 8 41.02 12.77 40.93
CA ALA J 8 40.86 11.82 42.03
C ALA J 8 41.26 12.44 43.37
N LEU J 9 42.40 13.14 43.40
CA LEU J 9 42.77 13.93 44.56
C LEU J 9 41.69 14.91 45.01
N ASP J 10 41.14 15.59 44.02
CA ASP J 10 40.03 16.49 44.18
C ASP J 10 38.80 15.81 44.83
N VAL J 11 38.47 14.60 44.41
CA VAL J 11 37.29 13.92 44.89
C VAL J 11 37.52 13.44 46.33
N MET J 12 38.75 13.00 46.62
CA MET J 12 39.14 12.59 47.94
CA MET J 12 39.02 12.60 47.99
C MET J 12 39.00 13.75 48.94
N VAL J 13 39.55 14.90 48.60
CA VAL J 13 39.52 16.05 49.48
C VAL J 13 38.12 16.63 49.57
N SER J 14 37.49 16.91 48.45
CA SER J 14 36.16 17.50 48.49
C SER J 14 35.11 16.62 49.20
N THR J 15 35.23 15.30 49.04
CA THR J 15 34.29 14.42 49.66
C THR J 15 34.28 14.57 51.17
N PHE J 16 35.46 14.70 51.77
CA PHE J 16 35.56 14.90 53.19
C PHE J 16 34.79 16.14 53.67
N HIS J 17 34.99 17.24 52.98
CA HIS J 17 34.32 18.50 53.31
C HIS J 17 32.81 18.53 53.03
N LYS J 18 32.37 17.71 52.09
CA LYS J 18 30.97 17.57 51.84
C LYS J 18 30.27 17.12 53.14
N TYR J 19 30.81 16.12 53.82
CA TYR J 19 30.21 15.61 55.05
C TYR J 19 30.70 16.35 56.32
N SER J 20 31.99 16.67 56.40
CA SER J 20 32.52 17.30 57.58
C SER J 20 31.82 18.62 57.93
N GLY J 21 31.32 19.31 56.91
CA GLY J 21 30.74 20.62 57.10
C GLY J 21 29.26 20.62 57.45
N LYS J 22 28.65 19.45 57.59
CA LYS J 22 27.22 19.39 57.85
C LYS J 22 26.83 19.83 59.25
N GLU J 23 27.63 19.47 60.26
CA GLU J 23 27.27 19.70 61.67
C GLU J 23 28.50 20.03 62.48
N GLY J 24 28.33 20.86 63.51
CA GLY J 24 29.37 21.10 64.51
C GLY J 24 30.65 21.62 63.88
N ASP J 25 31.79 21.07 64.29
CA ASP J 25 33.09 21.40 63.70
C ASP J 25 33.02 21.08 62.23
N LYS J 26 33.36 22.08 61.41
CA LYS J 26 33.12 22.02 59.97
C LYS J 26 34.21 21.23 59.27
N PHE J 27 35.25 20.92 60.02
CA PHE J 27 36.41 20.25 59.45
C PHE J 27 36.58 18.95 60.14
N LYS J 28 35.55 18.50 60.84
CA LYS J 28 35.58 17.18 61.37
C LYS J 28 34.30 16.42 61.16
N LEU J 29 34.47 15.10 61.02
CA LEU J 29 33.39 14.15 60.92
C LEU J 29 32.97 13.69 62.31
N ASN J 30 31.78 14.09 62.74
CA ASN J 30 31.16 13.48 63.91
C ASN J 30 30.59 12.12 63.53
N LYS J 31 29.99 11.42 64.48
CA LYS J 31 29.44 10.06 64.25
C LYS J 31 28.38 10.01 63.12
N SER J 32 27.53 11.02 63.04
CA SER J 32 26.48 11.01 62.04
C SER J 32 27.07 11.35 60.68
N GLU J 33 28.03 12.27 60.64
CA GLU J 33 28.59 12.60 59.33
C GLU J 33 29.41 11.44 58.80
N LEU J 34 30.13 10.76 59.69
CA LEU J 34 30.96 9.65 59.26
C LEU J 34 30.12 8.51 58.67
N LYS J 35 29.00 8.21 59.33
CA LYS J 35 28.09 7.18 58.91
C LYS J 35 27.59 7.49 57.51
N GLU J 36 27.14 8.71 57.27
CA GLU J 36 26.72 9.16 55.93
C GLU J 36 27.83 9.09 54.89
N LEU J 37 29.07 9.41 55.28
CA LEU J 37 30.15 9.35 54.33
C LEU J 37 30.44 7.91 53.98
N LEU J 38 30.55 7.05 54.99
CA LEU J 38 30.85 5.64 54.73
C LEU J 38 29.75 4.97 53.92
N THR J 39 28.50 5.17 54.36
CA THR J 39 27.33 4.57 53.71
C THR J 39 27.19 5.01 52.27
N ARG J 40 27.40 6.29 51.98
CA ARG J 40 27.04 6.82 50.65
C ARG J 40 28.22 6.89 49.72
N GLU J 41 29.42 6.95 50.28
CA GLU J 41 30.60 7.14 49.43
C GLU J 41 31.52 5.94 49.45
N LEU J 42 31.45 5.12 50.49
CA LEU J 42 32.26 3.91 50.50
C LEU J 42 31.44 2.65 50.81
N PRO J 43 30.32 2.45 50.09
CA PRO J 43 29.43 1.33 50.40
C PRO J 43 30.07 -0.04 50.19
N SER J 44 31.04 -0.15 49.28
CA SER J 44 31.79 -1.41 49.08
C SER J 44 32.56 -1.80 50.33
N PHE J 45 33.24 -0.83 50.95
CA PHE J 45 33.97 -1.06 52.19
C PHE J 45 33.08 -1.41 53.39
N LEU J 46 31.92 -0.77 53.45
CA LEU J 46 31.06 -0.78 54.62
C LEU J 46 30.30 -2.09 54.71
N GLY J 47 29.52 -2.35 53.66
CA GLY J 47 28.65 -3.48 53.57
C GLY J 47 27.28 -3.07 54.04
N LYS J 48 26.58 -4.07 54.55
CA LYS J 48 25.14 -4.04 54.64
C LYS J 48 24.64 -3.91 56.06
N ARG J 49 23.62 -3.05 56.26
CA ARG J 49 22.70 -3.11 57.43
C ARG J 49 23.39 -2.86 58.75
N THR J 50 24.59 -2.30 58.63
CA THR J 50 25.53 -2.16 59.70
C THR J 50 24.91 -1.43 60.93
N ASP J 51 25.09 -2.05 62.09
CA ASP J 51 24.49 -1.64 63.37
C ASP J 51 25.33 -0.59 64.12
N GLU J 52 24.83 -0.18 65.28
CA GLU J 52 25.43 0.87 66.09
C GLU J 52 26.80 0.45 66.62
N ALA J 53 26.94 -0.80 67.03
CA ALA J 53 28.22 -1.28 67.50
C ALA J 53 29.29 -1.24 66.41
N ALA J 54 28.88 -1.60 65.18
CA ALA J 54 29.85 -1.77 64.08
C ALA J 54 30.37 -0.41 63.68
N PHE J 55 29.47 0.57 63.64
CA PHE J 55 29.85 1.92 63.38
C PHE J 55 30.77 2.49 64.47
N GLN J 56 30.52 2.15 65.74
CA GLN J 56 31.38 2.57 66.83
C GLN J 56 32.78 1.94 66.75
N LYS J 57 32.86 0.67 66.37
CA LYS J 57 34.17 0.05 66.16
C LYS J 57 34.96 0.82 65.11
N LEU J 58 34.28 1.24 64.06
CA LEU J 58 34.89 1.98 62.97
C LEU J 58 35.30 3.38 63.39
N MET J 59 34.41 4.10 64.07
CA MET J 59 34.79 5.41 64.63
C MET J 59 36.04 5.30 65.53
N SER J 60 36.09 4.27 66.39
CA SER J 60 37.25 4.07 67.27
C SER J 60 38.55 3.80 66.53
N ASN J 61 38.47 3.13 65.39
CA ASN J 61 39.69 2.86 64.65
C ASN J 61 40.15 4.10 63.92
N LEU J 62 39.20 4.85 63.37
CA LEU J 62 39.47 6.04 62.59
C LEU J 62 39.98 7.19 63.45
N ASP J 63 39.44 7.30 64.68
CA ASP J 63 39.65 8.45 65.53
C ASP J 63 40.79 8.16 66.46
N SER J 64 41.99 8.16 65.91
CA SER J 64 43.14 7.72 66.62
C SER J 64 43.55 8.67 67.71
N ASN J 65 43.26 9.98 67.59
CA ASN J 65 43.65 10.94 68.66
C ASN J 65 42.59 11.03 69.75
N ARG J 66 41.54 10.23 69.64
CA ARG J 66 40.48 10.15 70.66
C ARG J 66 39.76 11.47 70.98
N ASP J 67 39.44 12.28 69.98
CA ASP J 67 38.64 13.46 70.27
C ASP J 67 37.19 13.27 69.88
N ASN J 68 36.79 12.02 69.66
CA ASN J 68 35.42 11.68 69.26
C ASN J 68 34.99 12.06 67.83
N GLU J 69 35.91 12.58 67.02
CA GLU J 69 35.58 13.01 65.64
C GLU J 69 36.73 12.63 64.72
N VAL J 70 36.45 12.61 63.41
CA VAL J 70 37.46 12.23 62.45
C VAL J 70 37.89 13.44 61.66
N ASP J 71 39.19 13.74 61.71
CA ASP J 71 39.65 14.94 61.10
C ASP J 71 40.30 14.61 59.78
N PHE J 72 40.71 15.61 59.04
CA PHE J 72 41.25 15.36 57.70
C PHE J 72 42.43 14.38 57.68
N GLN J 73 43.35 14.53 58.63
CA GLN J 73 44.56 13.68 58.68
C GLN J 73 44.20 12.23 59.06
N GLU J 74 43.23 12.05 59.94
CA GLU J 74 42.78 10.72 60.29
C GLU J 74 42.12 10.07 59.10
N TYR J 75 41.37 10.86 58.33
CA TYR J 75 40.69 10.42 57.14
C TYR J 75 41.67 9.97 56.01
N CYS J 76 42.80 10.68 55.82
CA CYS J 76 43.85 10.27 54.85
C CYS J 76 44.53 8.98 55.25
N VAL J 77 44.78 8.84 56.55
CA VAL J 77 45.24 7.58 57.09
C VAL J 77 44.28 6.43 56.71
N PHE J 78 42.98 6.66 56.85
CA PHE J 78 41.99 5.63 56.53
C PHE J 78 42.06 5.32 55.02
N LEU J 79 42.01 6.37 54.20
CA LEU J 79 42.11 6.20 52.76
C LEU J 79 43.38 5.50 52.31
N SER J 80 44.51 5.79 52.97
CA SER J 80 45.80 5.11 52.66
C SER J 80 45.76 3.64 52.98
N CYS J 81 45.03 3.26 54.02
CA CYS J 81 44.86 1.85 54.38
CA CYS J 81 44.83 1.85 54.39
C CYS J 81 44.06 1.08 53.30
N ILE J 82 42.98 1.68 52.82
CA ILE J 82 42.26 1.15 51.67
C ILE J 82 43.18 1.00 50.44
N ALA J 83 43.91 2.04 50.08
CA ALA J 83 44.79 2.00 48.92
C ALA J 83 45.82 0.89 49.07
N MET J 84 46.35 0.75 50.26
CA MET J 84 47.35 -0.28 50.54
C MET J 84 46.77 -1.68 50.26
N MET J 85 45.57 -1.96 50.79
CA MET J 85 44.88 -3.19 50.47
C MET J 85 44.65 -3.36 48.96
N CYS J 86 44.34 -2.28 48.25
CA CYS J 86 44.17 -2.39 46.80
C CYS J 86 45.49 -2.76 46.11
N ASN J 87 46.56 -2.16 46.60
CA ASN J 87 47.89 -2.43 46.08
C ASN J 87 48.30 -3.91 46.29
N GLU J 88 47.78 -4.53 47.34
CA GLU J 88 48.04 -5.94 47.57
C GLU J 88 47.54 -6.82 46.45
N PHE J 89 46.40 -6.43 45.85
CA PHE J 89 45.86 -7.10 44.69
C PHE J 89 46.80 -7.00 43.52
N PHE J 90 47.29 -5.80 43.24
CA PHE J 90 48.20 -5.70 42.11
C PHE J 90 49.44 -6.54 42.33
N GLU J 91 49.84 -6.70 43.60
CA GLU J 91 51.01 -7.52 43.92
C GLU J 91 50.72 -9.04 43.93
N GLY J 92 49.47 -9.43 43.69
CA GLY J 92 49.10 -10.85 43.66
C GLY J 92 48.88 -11.49 45.03
N PHE J 93 48.79 -10.64 46.07
CA PHE J 93 48.70 -11.05 47.50
C PHE J 93 49.91 -11.91 47.90
N PRO J 94 51.09 -11.26 48.01
CA PRO J 94 52.38 -11.97 48.06
C PRO J 94 52.60 -12.74 49.37
N ALA K 2 -27.31 -22.00 -36.18
CA ALA K 2 -26.42 -22.12 -37.38
C ALA K 2 -27.15 -22.01 -38.74
N CYS K 3 -28.27 -22.72 -38.90
CA CYS K 3 -28.94 -22.82 -40.19
C CYS K 3 -30.35 -22.25 -40.15
N PRO K 4 -30.52 -21.00 -40.63
CA PRO K 4 -31.85 -20.41 -40.57
C PRO K 4 -32.93 -21.21 -41.31
N LEU K 5 -32.57 -21.92 -42.37
CA LEU K 5 -33.56 -22.66 -43.14
C LEU K 5 -33.98 -23.90 -42.39
N GLU K 6 -33.05 -24.55 -41.69
CA GLU K 6 -33.44 -25.70 -40.84
C GLU K 6 -34.30 -25.23 -39.65
N LYS K 7 -33.99 -24.07 -39.07
CA LYS K 7 -34.84 -23.54 -37.96
C LYS K 7 -36.25 -23.22 -38.44
N ALA K 8 -36.33 -22.75 -39.68
CA ALA K 8 -37.56 -22.29 -40.21
C ALA K 8 -38.51 -23.47 -40.54
N LEU K 9 -37.95 -24.58 -41.02
CA LEU K 9 -38.70 -25.80 -41.14
C LEU K 9 -39.17 -26.30 -39.76
N ASP K 10 -38.30 -26.18 -38.76
CA ASP K 10 -38.65 -26.57 -37.41
C ASP K 10 -39.83 -25.74 -36.87
N VAL K 11 -39.75 -24.41 -36.96
CA VAL K 11 -40.85 -23.52 -36.52
C VAL K 11 -42.20 -23.86 -37.23
N MET K 12 -42.11 -24.09 -38.51
CA MET K 12 -43.30 -24.39 -39.27
C MET K 12 -43.99 -25.70 -38.85
N VAL K 13 -43.19 -26.73 -38.72
CA VAL K 13 -43.71 -27.97 -38.24
C VAL K 13 -44.19 -27.90 -36.77
N SER K 14 -43.41 -27.26 -35.91
CA SER K 14 -43.71 -27.22 -34.49
C SER K 14 -44.84 -26.33 -34.15
N THR K 15 -45.08 -25.30 -34.96
CA THR K 15 -46.19 -24.40 -34.71
C THR K 15 -47.54 -25.11 -34.92
N PHE K 16 -47.65 -25.87 -36.01
CA PHE K 16 -48.79 -26.75 -36.23
C PHE K 16 -49.14 -27.50 -34.96
N HIS K 17 -48.15 -28.14 -34.36
CA HIS K 17 -48.42 -29.03 -33.20
C HIS K 17 -48.65 -28.30 -31.87
N LYS K 18 -48.23 -27.05 -31.79
CA LYS K 18 -48.55 -26.23 -30.66
C LYS K 18 -50.07 -26.07 -30.55
N TYR K 19 -50.77 -26.07 -31.66
CA TYR K 19 -52.20 -25.78 -31.60
C TYR K 19 -53.05 -27.02 -31.81
N SER K 20 -52.62 -27.90 -32.72
CA SER K 20 -53.42 -29.06 -33.11
C SER K 20 -53.63 -30.03 -31.93
N GLY K 21 -52.68 -30.02 -31.01
CA GLY K 21 -52.76 -30.91 -29.85
C GLY K 21 -53.63 -30.42 -28.72
N LYS K 22 -54.18 -29.22 -28.81
CA LYS K 22 -54.93 -28.68 -27.67
C LYS K 22 -56.24 -29.38 -27.42
N GLU K 23 -56.94 -29.84 -28.48
CA GLU K 23 -58.23 -30.53 -28.30
C GLU K 23 -58.57 -31.53 -29.42
N GLY K 24 -59.35 -32.56 -29.07
CA GLY K 24 -59.81 -33.60 -29.99
C GLY K 24 -58.64 -34.34 -30.62
N ASP K 25 -58.69 -34.56 -31.93
CA ASP K 25 -57.59 -35.16 -32.66
C ASP K 25 -56.34 -34.26 -32.41
N LYS K 26 -55.35 -34.88 -31.76
CA LYS K 26 -54.09 -34.27 -31.44
C LYS K 26 -53.26 -33.88 -32.67
N PHE K 27 -53.64 -34.36 -33.84
CA PHE K 27 -52.83 -34.14 -35.06
C PHE K 27 -53.56 -33.30 -36.11
N LYS K 28 -54.68 -32.70 -35.74
CA LYS K 28 -55.40 -31.87 -36.70
C LYS K 28 -55.93 -30.66 -35.99
N LEU K 29 -56.07 -29.56 -36.72
CA LEU K 29 -56.63 -28.32 -36.21
C LEU K 29 -58.12 -28.38 -36.45
N ASN K 30 -58.92 -28.25 -35.39
CA ASN K 30 -60.33 -27.99 -35.58
C ASN K 30 -60.49 -26.48 -35.73
N LYS K 31 -61.72 -26.00 -35.84
CA LYS K 31 -61.92 -24.60 -36.22
C LYS K 31 -61.35 -23.63 -35.19
N SER K 32 -61.52 -23.97 -33.94
CA SER K 32 -60.99 -23.22 -32.84
C SER K 32 -59.48 -23.20 -32.73
N GLU K 33 -58.81 -24.32 -32.84
CA GLU K 33 -57.36 -24.37 -32.86
C GLU K 33 -56.78 -23.60 -34.05
N LEU K 34 -57.40 -23.73 -35.21
CA LEU K 34 -57.03 -23.01 -36.44
C LEU K 34 -57.21 -21.51 -36.27
N LYS K 35 -58.24 -21.08 -35.58
CA LYS K 35 -58.41 -19.64 -35.37
C LYS K 35 -57.26 -19.11 -34.49
N GLU K 36 -56.93 -19.84 -33.41
CA GLU K 36 -55.81 -19.46 -32.55
C GLU K 36 -54.50 -19.40 -33.34
N LEU K 37 -54.21 -20.42 -34.12
CA LEU K 37 -52.96 -20.42 -34.90
C LEU K 37 -52.86 -19.17 -35.78
N LEU K 38 -53.91 -18.85 -36.53
CA LEU K 38 -53.85 -17.72 -37.47
C LEU K 38 -53.72 -16.41 -36.76
N THR K 39 -54.52 -16.26 -35.71
CA THR K 39 -54.56 -15.01 -34.97
C THR K 39 -53.28 -14.78 -34.24
N ARG K 40 -52.61 -15.84 -33.80
CA ARG K 40 -51.41 -15.61 -32.99
C ARG K 40 -50.12 -15.75 -33.76
N GLU K 41 -50.15 -16.53 -34.83
CA GLU K 41 -48.94 -16.86 -35.54
C GLU K 41 -48.89 -16.20 -36.93
N LEU K 42 -50.04 -15.79 -37.47
CA LEU K 42 -50.09 -15.18 -38.79
C LEU K 42 -50.95 -13.92 -38.85
N PRO K 43 -50.73 -12.97 -37.91
CA PRO K 43 -51.59 -11.77 -37.84
C PRO K 43 -51.47 -10.87 -39.07
N SER K 44 -50.32 -10.90 -39.76
CA SER K 44 -50.19 -10.17 -41.03
C SER K 44 -51.09 -10.74 -42.13
N PHE K 45 -51.25 -12.04 -42.22
CA PHE K 45 -52.16 -12.63 -43.17
C PHE K 45 -53.63 -12.36 -42.88
N LEU K 46 -53.99 -12.54 -41.64
CA LEU K 46 -55.35 -12.41 -41.19
C LEU K 46 -56.01 -11.07 -41.31
N GLY K 47 -55.27 -10.03 -40.98
CA GLY K 47 -55.85 -8.73 -41.02
C GLY K 47 -56.50 -8.47 -39.71
N LYS K 48 -57.07 -7.30 -39.58
CA LYS K 48 -57.64 -6.98 -38.32
C LYS K 48 -59.04 -7.42 -37.90
N ARG K 49 -60.09 -7.14 -38.66
CA ARG K 49 -61.43 -7.46 -38.17
C ARG K 49 -61.73 -8.95 -37.95
N THR K 50 -61.40 -9.79 -38.92
CA THR K 50 -61.54 -11.23 -38.72
C THR K 50 -62.85 -11.87 -38.21
N ASP K 51 -63.97 -11.58 -38.89
CA ASP K 51 -65.30 -12.10 -38.58
C ASP K 51 -65.44 -13.60 -38.88
N GLU K 52 -66.51 -14.23 -38.38
CA GLU K 52 -66.70 -15.65 -38.53
C GLU K 52 -66.88 -16.17 -39.91
N ALA K 53 -67.54 -15.43 -40.77
CA ALA K 53 -67.64 -15.78 -42.20
C ALA K 53 -66.25 -15.86 -42.84
N ALA K 54 -65.32 -15.03 -42.36
CA ALA K 54 -63.93 -15.04 -42.83
C ALA K 54 -63.20 -16.28 -42.38
N PHE K 55 -63.51 -16.74 -41.18
CA PHE K 55 -62.90 -17.95 -40.67
C PHE K 55 -63.46 -19.21 -41.31
N GLN K 56 -64.77 -19.25 -41.54
CA GLN K 56 -65.37 -20.39 -42.24
C GLN K 56 -64.93 -20.49 -43.71
N LYS K 57 -64.77 -19.35 -44.35
CA LYS K 57 -64.16 -19.31 -45.67
C LYS K 57 -62.75 -19.98 -45.69
N LEU K 58 -61.92 -19.64 -44.73
CA LEU K 58 -60.58 -20.21 -44.67
C LEU K 58 -60.67 -21.72 -44.49
N MET K 59 -61.43 -22.12 -43.49
CA MET K 59 -61.67 -23.51 -43.20
C MET K 59 -62.15 -24.23 -44.46
N SER K 60 -63.13 -23.68 -45.14
CA SER K 60 -63.62 -24.31 -46.35
C SER K 60 -62.50 -24.53 -47.37
N ASN K 61 -61.63 -23.54 -47.51
CA ASN K 61 -60.47 -23.63 -48.41
C ASN K 61 -59.40 -24.64 -48.05
N LEU K 62 -59.10 -24.75 -46.77
CA LEU K 62 -58.04 -25.58 -46.28
C LEU K 62 -58.46 -27.05 -46.14
N ASP K 63 -59.75 -27.26 -45.85
CA ASP K 63 -60.18 -28.57 -45.46
C ASP K 63 -60.64 -29.37 -46.68
N SER K 64 -59.72 -29.64 -47.59
CA SER K 64 -60.02 -30.24 -48.90
C SER K 64 -60.43 -31.70 -48.90
N ASN K 65 -60.13 -32.45 -47.86
CA ASN K 65 -60.79 -33.78 -47.75
C ASN K 65 -62.07 -33.74 -46.89
N ARG K 66 -62.48 -32.52 -46.58
CA ARG K 66 -63.75 -32.23 -45.96
C ARG K 66 -64.08 -33.08 -44.74
N ASP K 67 -63.17 -33.10 -43.79
CA ASP K 67 -63.42 -33.94 -42.60
C ASP K 67 -63.58 -32.99 -41.43
N ASN K 68 -63.73 -31.69 -41.74
CA ASN K 68 -63.95 -30.63 -40.79
C ASN K 68 -62.76 -30.27 -39.87
N GLU K 69 -61.56 -30.68 -40.29
CA GLU K 69 -60.32 -30.42 -39.55
C GLU K 69 -59.23 -30.14 -40.61
N VAL K 70 -58.14 -29.47 -40.19
CA VAL K 70 -57.02 -29.20 -41.07
C VAL K 70 -55.87 -30.10 -40.65
N ASP K 71 -55.49 -31.04 -41.49
CA ASP K 71 -54.40 -31.93 -41.12
C ASP K 71 -53.08 -31.33 -41.61
N PHE K 72 -51.99 -31.96 -41.24
CA PHE K 72 -50.71 -31.39 -41.49
C PHE K 72 -50.43 -31.21 -42.98
N GLN K 73 -50.84 -32.17 -43.82
CA GLN K 73 -50.71 -32.01 -45.28
C GLN K 73 -51.47 -30.75 -45.75
N GLU K 74 -52.67 -30.53 -45.24
CA GLU K 74 -53.50 -29.42 -45.71
C GLU K 74 -52.95 -28.10 -45.26
N TYR K 75 -52.28 -28.11 -44.09
CA TYR K 75 -51.60 -26.94 -43.55
C TYR K 75 -50.38 -26.58 -44.41
N CYS K 76 -49.63 -27.57 -44.91
CA CYS K 76 -48.52 -27.33 -45.83
C CYS K 76 -48.99 -26.74 -47.13
N VAL K 77 -50.09 -27.25 -47.67
CA VAL K 77 -50.68 -26.65 -48.86
C VAL K 77 -51.00 -25.15 -48.61
N PHE K 78 -51.46 -24.83 -47.42
CA PHE K 78 -51.73 -23.43 -47.06
C PHE K 78 -50.45 -22.57 -46.90
N LEU K 79 -49.45 -23.07 -46.18
CA LEU K 79 -48.24 -22.30 -46.05
C LEU K 79 -47.54 -22.08 -47.39
N SER K 80 -47.63 -23.05 -48.28
CA SER K 80 -46.99 -22.90 -49.56
C SER K 80 -47.78 -22.00 -50.55
N CYS K 81 -49.10 -21.79 -50.35
CA CYS K 81 -49.82 -20.68 -51.03
C CYS K 81 -49.30 -19.34 -50.57
N ILE K 82 -49.12 -19.16 -49.28
CA ILE K 82 -48.52 -17.92 -48.80
C ILE K 82 -47.10 -17.74 -49.37
N ALA K 83 -46.27 -18.78 -49.31
CA ALA K 83 -44.92 -18.76 -49.93
C ALA K 83 -44.95 -18.35 -51.41
N MET K 84 -45.95 -18.81 -52.14
CA MET K 84 -46.07 -18.48 -53.55
C MET K 84 -46.37 -16.99 -53.70
N MET K 85 -47.26 -16.46 -52.88
CA MET K 85 -47.52 -15.02 -52.90
C MET K 85 -46.30 -14.15 -52.53
N CYS K 86 -45.47 -14.55 -51.57
CA CYS K 86 -44.22 -13.85 -51.29
C CYS K 86 -43.25 -13.86 -52.47
N ASN K 87 -43.27 -14.96 -53.21
CA ASN K 87 -42.34 -15.17 -54.27
C ASN K 87 -42.61 -14.19 -55.41
N GLU K 88 -43.89 -13.83 -55.56
CA GLU K 88 -44.30 -12.89 -56.59
C GLU K 88 -43.62 -11.56 -56.35
N PHE K 89 -43.44 -11.18 -55.09
CA PHE K 89 -42.69 -9.97 -54.76
C PHE K 89 -41.28 -10.02 -55.31
N PHE K 90 -40.59 -11.12 -55.10
CA PHE K 90 -39.25 -11.22 -55.65
C PHE K 90 -39.26 -11.19 -57.17
N GLU K 91 -40.32 -11.70 -57.78
CA GLU K 91 -40.39 -11.75 -59.25
C GLU K 91 -40.94 -10.48 -59.86
N GLY K 92 -41.06 -9.43 -59.07
CA GLY K 92 -41.41 -8.11 -59.61
C GLY K 92 -42.89 -7.90 -59.89
N PHE K 93 -43.73 -8.89 -59.57
CA PHE K 93 -45.17 -8.92 -59.94
C PHE K 93 -45.34 -8.81 -61.47
N PRO K 94 -45.44 -9.96 -62.16
CA PRO K 94 -45.76 -9.93 -63.59
C PRO K 94 -47.22 -10.30 -63.89
N ALA L 2 -41.90 -10.23 -33.37
CA ALA L 2 -43.14 -10.87 -32.86
C ALA L 2 -43.56 -12.26 -33.44
N CYS L 3 -43.39 -12.52 -34.74
CA CYS L 3 -44.03 -13.75 -35.35
C CYS L 3 -43.11 -14.77 -35.94
N PRO L 4 -42.74 -15.80 -35.15
CA PRO L 4 -41.78 -16.82 -35.57
C PRO L 4 -42.22 -17.48 -36.88
N LEU L 5 -43.50 -17.80 -37.01
CA LEU L 5 -43.95 -18.42 -38.25
C LEU L 5 -43.88 -17.49 -39.46
N GLU L 6 -44.22 -16.21 -39.30
CA GLU L 6 -44.06 -15.29 -40.44
C GLU L 6 -42.58 -15.15 -40.77
N LYS L 7 -41.73 -15.10 -39.74
CA LYS L 7 -40.28 -15.11 -39.97
C LYS L 7 -39.80 -16.38 -40.71
N ALA L 8 -40.35 -17.55 -40.37
CA ALA L 8 -39.94 -18.78 -41.06
C ALA L 8 -40.31 -18.76 -42.56
N LEU L 9 -41.50 -18.23 -42.88
CA LEU L 9 -41.92 -18.07 -44.26
C LEU L 9 -40.96 -17.20 -45.09
N ASP L 10 -40.56 -16.09 -44.48
CA ASP L 10 -39.64 -15.16 -45.01
C ASP L 10 -38.31 -15.87 -45.30
N VAL L 11 -37.78 -16.62 -44.38
CA VAL L 11 -36.55 -17.35 -44.60
C VAL L 11 -36.65 -18.39 -45.70
N MET L 12 -37.73 -19.14 -45.75
CA MET L 12 -37.86 -20.11 -46.77
C MET L 12 -37.87 -19.48 -48.14
N VAL L 13 -38.59 -18.38 -48.26
CA VAL L 13 -38.76 -17.75 -49.54
C VAL L 13 -37.50 -17.01 -49.96
N SER L 14 -36.93 -16.23 -49.04
CA SER L 14 -35.71 -15.46 -49.30
C SER L 14 -34.48 -16.30 -49.60
N THR L 15 -34.35 -17.47 -48.97
CA THR L 15 -33.21 -18.33 -49.13
C THR L 15 -33.15 -18.86 -50.56
N PHE L 16 -34.29 -19.13 -51.16
CA PHE L 16 -34.32 -19.57 -52.51
C PHE L 16 -33.75 -18.50 -53.40
N HIS L 17 -34.17 -17.28 -53.19
CA HIS L 17 -33.76 -16.12 -53.94
C HIS L 17 -32.29 -15.72 -53.79
N LYS L 18 -31.74 -15.96 -52.64
CA LYS L 18 -30.35 -15.77 -52.38
C LYS L 18 -29.40 -16.57 -53.26
N TYR L 19 -29.79 -17.77 -53.66
CA TYR L 19 -28.97 -18.63 -54.54
C TYR L 19 -29.46 -18.67 -55.97
N SER L 20 -30.75 -18.46 -56.23
CA SER L 20 -31.26 -18.54 -57.60
C SER L 20 -30.81 -17.41 -58.50
N GLY L 21 -30.70 -16.24 -57.92
CA GLY L 21 -30.29 -15.07 -58.68
C GLY L 21 -28.81 -15.01 -59.09
N LYS L 22 -27.97 -15.94 -58.64
CA LYS L 22 -26.52 -15.76 -58.89
C LYS L 22 -26.10 -15.98 -60.33
N GLU L 23 -26.80 -16.89 -61.03
CA GLU L 23 -26.44 -17.28 -62.40
C GLU L 23 -27.68 -17.47 -63.32
N GLY L 24 -27.50 -17.14 -64.60
CA GLY L 24 -28.53 -17.41 -65.63
C GLY L 24 -29.91 -16.99 -65.19
N ASP L 25 -30.90 -17.83 -65.41
CA ASP L 25 -32.22 -17.51 -64.94
C ASP L 25 -32.13 -17.14 -63.46
N LYS L 26 -32.57 -15.93 -63.14
CA LYS L 26 -32.49 -15.42 -61.78
C LYS L 26 -33.54 -16.03 -60.84
N PHE L 27 -34.54 -16.69 -61.40
CA PHE L 27 -35.63 -17.23 -60.61
C PHE L 27 -35.60 -18.76 -60.51
N LYS L 28 -34.52 -19.37 -60.96
CA LYS L 28 -34.34 -20.83 -60.86
C LYS L 28 -32.97 -21.22 -60.38
N LEU L 29 -32.91 -22.31 -59.61
CA LEU L 29 -31.64 -22.86 -59.21
C LEU L 29 -31.14 -23.80 -60.28
N ASN L 30 -29.97 -23.48 -60.82
CA ASN L 30 -29.27 -24.42 -61.66
C ASN L 30 -28.55 -25.33 -60.73
N LYS L 31 -27.76 -26.24 -61.28
CA LYS L 31 -27.23 -27.35 -60.53
C LYS L 31 -26.21 -26.91 -59.50
N SER L 32 -25.42 -25.89 -59.79
CA SER L 32 -24.49 -25.43 -58.74
C SER L 32 -25.14 -24.51 -57.70
N GLU L 33 -26.16 -23.76 -58.09
CA GLU L 33 -26.85 -22.92 -57.12
C GLU L 33 -27.61 -23.83 -56.19
N LEU L 34 -28.06 -24.98 -56.70
CA LEU L 34 -28.80 -25.91 -55.84
C LEU L 34 -27.87 -26.57 -54.86
N LYS L 35 -26.73 -27.02 -55.36
CA LYS L 35 -25.74 -27.65 -54.53
C LYS L 35 -25.31 -26.75 -53.38
N GLU L 36 -25.12 -25.46 -53.67
CA GLU L 36 -24.78 -24.46 -52.65
C GLU L 36 -25.89 -24.26 -51.64
N LEU L 37 -27.11 -24.04 -52.09
CA LEU L 37 -28.22 -23.90 -51.13
C LEU L 37 -28.20 -25.10 -50.21
N LEU L 38 -28.11 -26.31 -50.75
CA LEU L 38 -28.24 -27.52 -49.93
C LEU L 38 -27.08 -27.65 -48.96
N THR L 39 -25.88 -27.48 -49.51
CA THR L 39 -24.65 -27.49 -48.74
C THR L 39 -24.64 -26.42 -47.66
N ARG L 40 -25.00 -25.19 -47.97
CA ARG L 40 -24.90 -24.14 -46.94
C ARG L 40 -26.12 -24.14 -46.05
N GLU L 41 -27.29 -24.47 -46.59
CA GLU L 41 -28.53 -24.15 -45.86
C GLU L 41 -29.23 -25.34 -45.27
N LEU L 42 -28.96 -26.54 -45.79
CA LEU L 42 -29.59 -27.77 -45.35
C LEU L 42 -28.53 -28.88 -45.08
N PRO L 43 -27.46 -28.56 -44.34
CA PRO L 43 -26.44 -29.62 -44.15
C PRO L 43 -26.88 -30.91 -43.42
N SER L 44 -27.86 -30.82 -42.51
CA SER L 44 -28.38 -32.02 -41.86
C SER L 44 -29.12 -32.93 -42.84
N PHE L 45 -29.68 -32.35 -43.89
CA PHE L 45 -30.29 -33.16 -44.90
C PHE L 45 -29.21 -33.90 -45.68
N LEU L 46 -28.21 -33.18 -46.18
CA LEU L 46 -27.15 -33.73 -47.04
C LEU L 46 -26.23 -34.74 -46.43
N GLY L 47 -25.67 -34.36 -45.28
CA GLY L 47 -24.57 -35.11 -44.67
C GLY L 47 -23.19 -34.66 -45.09
N LYS L 48 -22.21 -35.47 -44.71
CA LYS L 48 -20.81 -35.08 -44.79
C LYS L 48 -20.28 -34.89 -46.23
N ARG L 49 -20.12 -35.99 -46.97
CA ARG L 49 -19.41 -35.96 -48.27
C ARG L 49 -20.19 -36.70 -49.37
N THR L 50 -21.29 -36.08 -49.77
CA THR L 50 -22.24 -36.65 -50.72
C THR L 50 -21.60 -36.98 -52.08
N ASP L 51 -21.78 -38.19 -52.56
CA ASP L 51 -21.23 -38.60 -53.87
C ASP L 51 -22.03 -37.97 -55.03
N GLU L 52 -21.53 -38.12 -56.25
CA GLU L 52 -22.21 -37.48 -57.36
C GLU L 52 -23.51 -38.19 -57.75
N ALA L 53 -23.55 -39.51 -57.60
CA ALA L 53 -24.80 -40.27 -57.75
C ALA L 53 -25.95 -39.65 -56.94
N ALA L 54 -25.66 -39.41 -55.67
CA ALA L 54 -26.66 -38.93 -54.73
C ALA L 54 -27.04 -37.47 -54.97
N PHE L 55 -26.10 -36.60 -55.36
CA PHE L 55 -26.53 -35.27 -55.80
C PHE L 55 -27.42 -35.35 -57.05
N GLN L 56 -27.08 -36.24 -57.99
CA GLN L 56 -27.81 -36.40 -59.22
C GLN L 56 -29.26 -36.85 -58.95
N LYS L 57 -29.44 -37.88 -58.11
CA LYS L 57 -30.77 -38.30 -57.66
C LYS L 57 -31.57 -37.17 -57.02
N LEU L 58 -30.94 -36.44 -56.13
CA LEU L 58 -31.53 -35.25 -55.51
C LEU L 58 -32.01 -34.16 -56.52
N MET L 59 -31.14 -33.76 -57.46
CA MET L 59 -31.54 -32.88 -58.56
C MET L 59 -32.68 -33.50 -59.36
N SER L 60 -32.52 -34.76 -59.74
CA SER L 60 -33.52 -35.39 -60.57
C SER L 60 -34.86 -35.47 -59.87
N ASN L 61 -34.86 -35.70 -58.56
CA ASN L 61 -36.10 -35.72 -57.82
C ASN L 61 -36.76 -34.34 -57.63
N LEU L 62 -35.97 -33.29 -57.40
CA LEU L 62 -36.52 -31.95 -57.28
C LEU L 62 -37.05 -31.38 -58.60
N ASP L 63 -36.34 -31.67 -59.70
CA ASP L 63 -36.66 -31.06 -61.00
C ASP L 63 -37.77 -31.85 -61.68
N SER L 64 -38.98 -31.61 -61.21
CA SER L 64 -40.12 -32.40 -61.62
C SER L 64 -40.45 -32.23 -63.10
N ASN L 65 -40.16 -31.06 -63.69
CA ASN L 65 -40.37 -30.86 -65.14
C ASN L 65 -39.14 -31.16 -66.00
N ARG L 66 -38.06 -31.68 -65.40
CA ARG L 66 -36.88 -32.17 -66.16
C ARG L 66 -36.27 -31.12 -67.09
N ASP L 67 -36.30 -29.84 -66.70
CA ASP L 67 -35.63 -28.78 -67.46
C ASP L 67 -34.28 -28.37 -66.87
N ASN L 68 -33.78 -29.16 -65.91
CA ASN L 68 -32.44 -29.02 -65.34
C ASN L 68 -32.28 -27.80 -64.41
N GLU L 69 -33.39 -27.26 -63.92
CA GLU L 69 -33.40 -26.13 -63.06
C GLU L 69 -34.39 -26.39 -61.97
N VAL L 70 -34.26 -25.86 -60.78
CA VAL L 70 -35.29 -26.02 -59.80
C VAL L 70 -35.96 -24.70 -59.63
N ASP L 71 -37.24 -24.64 -59.92
CA ASP L 71 -37.99 -23.40 -59.82
C ASP L 71 -38.61 -23.31 -58.43
N PHE L 72 -39.26 -22.18 -58.12
CA PHE L 72 -39.76 -21.94 -56.79
C PHE L 72 -40.82 -22.94 -56.39
N GLN L 73 -41.68 -23.32 -57.33
CA GLN L 73 -42.76 -24.25 -57.04
C GLN L 73 -42.13 -25.57 -56.65
N GLU L 74 -41.10 -25.99 -57.39
CA GLU L 74 -40.47 -27.27 -57.14
C GLU L 74 -39.76 -27.30 -55.83
N TYR L 75 -39.11 -26.16 -55.50
CA TYR L 75 -38.43 -25.95 -54.20
C TYR L 75 -39.42 -25.99 -53.01
N CYS L 76 -40.58 -25.37 -53.17
CA CYS L 76 -41.68 -25.52 -52.17
C CYS L 76 -42.14 -26.95 -51.95
N VAL L 77 -42.29 -27.72 -53.04
CA VAL L 77 -42.59 -29.17 -52.95
C VAL L 77 -41.48 -29.95 -52.17
N PHE L 78 -40.22 -29.59 -52.36
CA PHE L 78 -39.12 -30.24 -51.62
C PHE L 78 -39.19 -29.94 -50.11
N LEU L 79 -39.42 -28.68 -49.77
CA LEU L 79 -39.51 -28.24 -48.39
C LEU L 79 -40.70 -28.92 -47.70
N SER L 80 -41.82 -29.03 -48.40
CA SER L 80 -43.01 -29.68 -47.84
C SER L 80 -42.74 -31.13 -47.52
N CYS L 81 -41.94 -31.76 -48.37
CA CYS L 81 -41.66 -33.15 -48.19
C CYS L 81 -40.74 -33.32 -46.96
N ILE L 82 -39.77 -32.43 -46.79
CA ILE L 82 -38.98 -32.38 -45.55
C ILE L 82 -39.88 -32.13 -44.36
N ALA L 83 -40.84 -31.19 -44.51
CA ALA L 83 -41.70 -30.86 -43.37
C ALA L 83 -42.53 -32.09 -42.96
N MET L 84 -43.01 -32.83 -43.96
CA MET L 84 -43.78 -34.08 -43.78
C MET L 84 -43.04 -35.16 -43.04
N MET L 85 -41.77 -35.35 -43.37
CA MET L 85 -40.91 -36.28 -42.63
C MET L 85 -40.76 -35.83 -41.20
N CYS L 86 -40.60 -34.52 -40.97
CA CYS L 86 -40.52 -33.98 -39.62
C CYS L 86 -41.82 -34.21 -38.80
N ASN L 87 -42.96 -34.03 -39.47
CA ASN L 87 -44.27 -34.15 -38.83
C ASN L 87 -44.45 -35.54 -38.29
N GLU L 88 -43.86 -36.50 -39.01
CA GLU L 88 -43.94 -37.91 -38.64
C GLU L 88 -43.31 -38.21 -37.29
N PHE L 89 -42.35 -37.39 -36.88
CA PHE L 89 -41.76 -37.50 -35.56
C PHE L 89 -42.79 -37.16 -34.47
N PHE L 90 -43.57 -36.11 -34.73
CA PHE L 90 -44.69 -35.70 -33.86
C PHE L 90 -45.82 -36.70 -33.77
N GLU L 91 -46.03 -37.45 -34.84
CA GLU L 91 -46.91 -38.64 -34.76
C GLU L 91 -46.43 -39.65 -33.72
N GLY L 92 -45.11 -39.81 -33.62
CA GLY L 92 -44.51 -40.89 -32.82
C GLY L 92 -44.24 -42.09 -33.72
N PHE L 93 -44.04 -41.79 -35.02
CA PHE L 93 -43.80 -42.76 -36.09
C PHE L 93 -44.85 -43.86 -36.21
N PRO L 94 -45.84 -43.64 -37.11
CA PRO L 94 -46.99 -44.51 -37.32
C PRO L 94 -46.60 -45.85 -37.96
N ALA M 2 -36.44 -21.73 -24.65
CA ALA M 2 -36.95 -22.98 -25.30
C ALA M 2 -36.61 -24.20 -24.42
N CYS M 3 -35.87 -25.17 -24.99
CA CYS M 3 -35.52 -26.40 -24.27
C CYS M 3 -34.02 -26.74 -24.25
N PRO M 4 -33.31 -26.22 -23.25
CA PRO M 4 -31.88 -26.50 -23.09
C PRO M 4 -31.52 -28.01 -23.18
N LEU M 5 -32.33 -28.89 -22.58
CA LEU M 5 -32.00 -30.31 -22.57
C LEU M 5 -32.16 -30.95 -23.93
N GLU M 6 -33.17 -30.48 -24.69
CA GLU M 6 -33.34 -30.96 -26.05
C GLU M 6 -32.15 -30.49 -26.87
N LYS M 7 -31.73 -29.24 -26.65
CA LYS M 7 -30.58 -28.73 -27.38
C LYS M 7 -29.35 -29.54 -26.99
N ALA M 8 -29.28 -29.94 -25.70
CA ALA M 8 -28.12 -30.68 -25.26
C ALA M 8 -27.99 -32.02 -25.95
N LEU M 9 -29.12 -32.69 -26.14
CA LEU M 9 -29.08 -33.97 -26.82
C LEU M 9 -28.75 -33.75 -28.32
N ASP M 10 -29.25 -32.69 -28.89
CA ASP M 10 -28.97 -32.35 -30.27
C ASP M 10 -27.43 -32.24 -30.42
N VAL M 11 -26.80 -31.51 -29.52
CA VAL M 11 -25.39 -31.28 -29.60
C VAL M 11 -24.56 -32.57 -29.37
N MET M 12 -25.00 -33.41 -28.45
CA MET M 12 -24.32 -34.70 -28.26
C MET M 12 -24.38 -35.56 -29.51
N VAL M 13 -25.57 -35.68 -30.12
CA VAL M 13 -25.67 -36.50 -31.30
C VAL M 13 -24.97 -35.84 -32.50
N SER M 14 -25.19 -34.54 -32.71
CA SER M 14 -24.61 -33.85 -33.89
C SER M 14 -23.09 -33.88 -33.89
N THR M 15 -22.50 -33.63 -32.73
CA THR M 15 -21.07 -33.60 -32.59
C THR M 15 -20.43 -34.94 -32.97
N PHE M 16 -21.09 -36.04 -32.65
CA PHE M 16 -20.58 -37.34 -33.07
C PHE M 16 -20.43 -37.38 -34.57
N HIS M 17 -21.39 -36.82 -35.28
CA HIS M 17 -21.42 -36.96 -36.73
C HIS M 17 -20.58 -35.95 -37.46
N LYS M 18 -20.36 -34.81 -36.82
CA LYS M 18 -19.48 -33.77 -37.33
C LYS M 18 -18.04 -34.27 -37.51
N TYR M 19 -17.62 -35.27 -36.75
CA TYR M 19 -16.27 -35.86 -36.87
C TYR M 19 -16.25 -37.26 -37.48
N SER M 20 -17.24 -38.09 -37.19
CA SER M 20 -17.28 -39.44 -37.78
C SER M 20 -17.43 -39.41 -39.30
N GLY M 21 -18.02 -38.35 -39.83
CA GLY M 21 -18.26 -38.24 -41.26
C GLY M 21 -17.06 -37.76 -42.09
N LYS M 22 -15.93 -37.48 -41.45
CA LYS M 22 -14.79 -36.86 -42.19
C LYS M 22 -14.00 -37.79 -43.11
N GLU M 23 -13.96 -39.09 -42.77
CA GLU M 23 -13.20 -40.11 -43.51
C GLU M 23 -13.60 -41.55 -43.13
N GLY M 24 -13.42 -42.48 -44.06
CA GLY M 24 -13.71 -43.89 -43.83
C GLY M 24 -15.18 -44.14 -43.54
N ASP M 25 -15.46 -45.14 -42.72
CA ASP M 25 -16.77 -45.33 -42.14
C ASP M 25 -17.28 -43.99 -41.62
N LYS M 26 -18.41 -43.53 -42.19
CA LYS M 26 -18.96 -42.22 -41.86
C LYS M 26 -19.60 -42.25 -40.47
N PHE M 27 -19.89 -43.44 -39.98
CA PHE M 27 -20.62 -43.61 -38.74
C PHE M 27 -19.75 -44.14 -37.59
N LYS M 28 -18.44 -44.00 -37.77
CA LYS M 28 -17.43 -44.42 -36.82
C LYS M 28 -16.30 -43.40 -36.80
N LEU M 29 -15.78 -43.14 -35.63
CA LEU M 29 -14.64 -42.28 -35.52
C LEU M 29 -13.44 -43.22 -35.61
N ASN M 30 -12.54 -42.96 -36.54
CA ASN M 30 -11.29 -43.70 -36.54
C ASN M 30 -10.43 -42.98 -35.54
N LYS M 31 -9.19 -43.43 -35.40
CA LYS M 31 -8.25 -42.84 -34.44
C LYS M 31 -8.05 -41.33 -34.65
N SER M 32 -7.93 -40.89 -35.89
CA SER M 32 -7.59 -39.49 -36.16
C SER M 32 -8.74 -38.57 -35.81
N GLU M 33 -9.96 -39.11 -35.97
CA GLU M 33 -11.21 -38.38 -35.84
C GLU M 33 -11.62 -38.29 -34.39
N LEU M 34 -11.30 -39.33 -33.63
CA LEU M 34 -11.47 -39.32 -32.18
C LEU M 34 -10.63 -38.21 -31.62
N LYS M 35 -9.40 -38.09 -32.14
CA LYS M 35 -8.44 -37.08 -31.73
C LYS M 35 -8.97 -35.68 -31.90
N GLU M 36 -9.46 -35.35 -33.10
CA GLU M 36 -10.02 -33.99 -33.29
C GLU M 36 -11.26 -33.73 -32.39
N LEU M 37 -12.11 -34.76 -32.17
CA LEU M 37 -13.29 -34.58 -31.31
C LEU M 37 -12.89 -34.19 -29.90
N LEU M 38 -12.04 -35.01 -29.28
CA LEU M 38 -11.57 -34.76 -27.93
C LEU M 38 -10.92 -33.41 -27.82
N THR M 39 -9.98 -33.10 -28.70
CA THR M 39 -9.21 -31.88 -28.50
C THR M 39 -10.04 -30.63 -28.83
N ARG M 40 -11.06 -30.78 -29.66
CA ARG M 40 -11.84 -29.61 -30.07
C ARG M 40 -13.13 -29.44 -29.24
N GLU M 41 -13.75 -30.54 -28.88
CA GLU M 41 -15.05 -30.51 -28.20
C GLU M 41 -15.02 -30.82 -26.70
N LEU M 42 -13.99 -31.53 -26.24
CA LEU M 42 -13.85 -31.86 -24.82
C LEU M 42 -12.49 -31.49 -24.23
N PRO M 43 -12.02 -30.25 -24.46
CA PRO M 43 -10.64 -29.94 -24.01
C PRO M 43 -10.45 -30.07 -22.52
N SER M 44 -11.45 -29.70 -21.74
CA SER M 44 -11.39 -29.86 -20.29
C SER M 44 -11.24 -31.31 -19.84
N PHE M 45 -11.55 -32.26 -20.70
CA PHE M 45 -11.30 -33.64 -20.33
C PHE M 45 -9.84 -34.00 -20.67
N LEU M 46 -9.45 -33.64 -21.88
CA LEU M 46 -8.10 -33.91 -22.41
C LEU M 46 -6.88 -33.26 -21.77
N GLY M 47 -6.97 -31.97 -21.48
CA GLY M 47 -5.82 -31.25 -21.00
C GLY M 47 -4.97 -30.72 -22.15
N LYS M 48 -3.76 -30.25 -21.82
CA LYS M 48 -2.82 -29.68 -22.76
C LYS M 48 -1.69 -30.63 -23.07
N ARG M 49 -1.15 -30.56 -24.28
CA ARG M 49 0.01 -31.41 -24.64
C ARG M 49 -0.22 -32.90 -24.40
N THR M 50 -1.40 -33.39 -24.76
CA THR M 50 -1.68 -34.81 -24.63
C THR M 50 -0.80 -35.56 -25.63
N ASP M 51 -0.06 -36.54 -25.10
CA ASP M 51 0.81 -37.42 -25.86
C ASP M 51 0.09 -38.60 -26.47
N GLU M 52 0.76 -39.31 -27.36
CA GLU M 52 0.19 -40.44 -28.07
C GLU M 52 -0.27 -41.67 -27.24
N ALA M 53 0.44 -42.02 -26.18
CA ALA M 53 0.03 -43.19 -25.38
C ALA M 53 -1.33 -42.92 -24.69
N ALA M 54 -1.60 -41.65 -24.45
CA ALA M 54 -2.84 -41.22 -23.81
C ALA M 54 -4.03 -41.44 -24.75
N PHE M 55 -3.88 -41.05 -26.02
CA PHE M 55 -4.89 -41.29 -27.03
C PHE M 55 -5.07 -42.77 -27.32
N GLN M 56 -3.95 -43.48 -27.47
CA GLN M 56 -3.91 -44.93 -27.61
C GLN M 56 -4.73 -45.64 -26.53
N LYS M 57 -4.56 -45.23 -25.28
CA LYS M 57 -5.27 -45.83 -24.17
C LYS M 57 -6.72 -45.33 -24.08
N LEU M 58 -6.98 -44.16 -24.65
CA LEU M 58 -8.33 -43.64 -24.74
C LEU M 58 -9.12 -44.50 -25.73
N MET M 59 -8.47 -44.89 -26.83
CA MET M 59 -9.05 -45.79 -27.81
C MET M 59 -9.27 -47.19 -27.25
N SER M 60 -8.25 -47.69 -26.55
CA SER M 60 -8.32 -48.99 -25.91
C SER M 60 -9.57 -49.06 -25.03
N ASN M 61 -9.79 -48.00 -24.23
CA ASN M 61 -10.92 -47.94 -23.34
C ASN M 61 -12.24 -47.80 -24.12
N LEU M 62 -12.24 -46.99 -25.18
CA LEU M 62 -13.49 -46.65 -25.85
C LEU M 62 -13.98 -47.80 -26.75
N ASP M 63 -13.05 -48.40 -27.50
CA ASP M 63 -13.33 -49.41 -28.51
C ASP M 63 -13.54 -50.78 -27.85
N SER M 64 -14.56 -50.89 -27.01
CA SER M 64 -14.81 -52.08 -26.22
C SER M 64 -14.97 -53.34 -27.07
N ASN M 65 -15.45 -53.16 -28.30
CA ASN M 65 -15.66 -54.25 -29.22
C ASN M 65 -14.49 -54.54 -30.13
N ARG M 66 -13.43 -53.79 -29.95
CA ARG M 66 -12.13 -54.04 -30.58
C ARG M 66 -12.17 -54.14 -32.10
N ASP M 67 -12.68 -53.10 -32.75
CA ASP M 67 -12.64 -53.04 -34.23
C ASP M 67 -11.86 -51.84 -34.72
N ASN M 68 -11.10 -51.22 -33.82
CA ASN M 68 -10.27 -50.06 -34.18
C ASN M 68 -11.04 -48.78 -34.30
N GLU M 69 -12.35 -48.83 -34.11
CA GLU M 69 -13.13 -47.62 -34.27
C GLU M 69 -14.10 -47.41 -33.11
N VAL M 70 -14.52 -46.17 -32.92
CA VAL M 70 -15.55 -45.85 -31.92
C VAL M 70 -16.89 -45.56 -32.63
N ASP M 71 -17.89 -46.42 -32.38
CA ASP M 71 -19.18 -46.24 -32.97
C ASP M 71 -20.03 -45.40 -32.02
N PHE M 72 -21.23 -45.05 -32.46
CA PHE M 72 -22.09 -44.16 -31.73
C PHE M 72 -22.40 -44.73 -30.35
N GLN M 73 -22.62 -46.03 -30.25
CA GLN M 73 -22.88 -46.63 -28.95
C GLN M 73 -21.67 -46.51 -28.00
N GLU M 74 -20.46 -46.63 -28.55
CA GLU M 74 -19.26 -46.56 -27.73
C GLU M 74 -19.03 -45.11 -27.29
N TYR M 75 -19.49 -44.19 -28.12
CA TYR M 75 -19.33 -42.77 -27.85
C TYR M 75 -20.29 -42.40 -26.70
N CYS M 76 -21.52 -42.90 -26.74
CA CYS M 76 -22.49 -42.70 -25.64
C CYS M 76 -21.97 -43.29 -24.31
N VAL M 77 -21.42 -44.51 -24.33
CA VAL M 77 -20.74 -45.03 -23.12
C VAL M 77 -19.74 -44.03 -22.55
N PHE M 78 -18.96 -43.44 -23.42
CA PHE M 78 -17.96 -42.55 -22.95
C PHE M 78 -18.62 -41.31 -22.36
N LEU M 79 -19.67 -40.81 -23.00
CA LEU M 79 -20.27 -39.57 -22.54
C LEU M 79 -21.00 -39.85 -21.25
N SER M 80 -21.54 -41.05 -21.12
CA SER M 80 -22.15 -41.45 -19.86
C SER M 80 -21.11 -41.57 -18.77
N CYS M 81 -19.88 -41.90 -19.13
CA CYS M 81 -18.83 -41.89 -18.12
C CYS M 81 -18.54 -40.54 -17.54
N ILE M 82 -18.44 -39.54 -18.41
CA ILE M 82 -18.23 -38.15 -17.98
C ILE M 82 -19.48 -37.69 -17.20
N ALA M 83 -20.68 -38.04 -17.65
CA ALA M 83 -21.88 -37.58 -16.96
C ALA M 83 -21.95 -38.07 -15.53
N MET M 84 -21.56 -39.33 -15.30
CA MET M 84 -21.49 -39.92 -13.93
C MET M 84 -20.49 -39.22 -13.04
N MET M 85 -19.38 -38.78 -13.63
CA MET M 85 -18.37 -38.12 -12.85
C MET M 85 -18.94 -36.80 -12.43
N CYS M 86 -19.59 -36.08 -13.36
CA CYS M 86 -20.22 -34.80 -12.98
C CYS M 86 -21.23 -35.00 -11.83
N ASN M 87 -22.00 -36.09 -11.91
CA ASN M 87 -23.05 -36.42 -10.95
C ASN M 87 -22.50 -36.60 -9.54
N GLU M 88 -21.29 -37.10 -9.48
CA GLU M 88 -20.57 -37.32 -8.24
C GLU M 88 -20.32 -35.95 -7.56
N PHE M 89 -20.04 -34.89 -8.33
CA PHE M 89 -20.05 -33.52 -7.75
C PHE M 89 -21.39 -33.14 -7.11
N PHE M 90 -22.51 -33.45 -7.75
CA PHE M 90 -23.79 -33.11 -7.13
C PHE M 90 -24.08 -33.93 -5.88
N GLU M 91 -23.60 -35.15 -5.86
CA GLU M 91 -23.83 -36.09 -4.77
C GLU M 91 -22.92 -35.79 -3.56
N GLY M 92 -22.04 -34.80 -3.71
CA GLY M 92 -21.15 -34.34 -2.63
C GLY M 92 -19.79 -35.01 -2.61
N PHE M 93 -19.00 -34.75 -1.55
CA PHE M 93 -17.67 -35.38 -1.45
C PHE M 93 -17.18 -35.53 -0.01
N ALA N 2 -18.24 -21.89 -24.59
CA ALA N 2 -17.40 -21.99 -25.82
C ALA N 2 -17.17 -23.45 -26.26
N CYS N 3 -17.50 -24.40 -25.38
CA CYS N 3 -17.46 -25.84 -25.68
C CYS N 3 -18.85 -26.40 -25.59
N PRO N 4 -19.57 -26.38 -26.72
CA PRO N 4 -20.94 -26.85 -26.81
C PRO N 4 -21.10 -28.22 -26.22
N LEU N 5 -20.18 -29.16 -26.50
CA LEU N 5 -20.31 -30.51 -25.99
C LEU N 5 -20.23 -30.59 -24.44
N GLU N 6 -19.30 -29.86 -23.85
CA GLU N 6 -19.20 -29.76 -22.37
C GLU N 6 -20.41 -29.03 -21.77
N LYS N 7 -20.89 -27.97 -22.41
CA LYS N 7 -22.11 -27.33 -21.96
C LYS N 7 -23.25 -28.35 -21.94
N ALA N 8 -23.33 -29.16 -22.99
CA ALA N 8 -24.39 -30.15 -23.14
C ALA N 8 -24.34 -31.19 -22.03
N LEU N 9 -23.14 -31.64 -21.69
CA LEU N 9 -22.98 -32.51 -20.55
C LEU N 9 -23.48 -31.82 -19.27
N ASP N 10 -23.06 -30.58 -19.09
CA ASP N 10 -23.46 -29.82 -17.94
C ASP N 10 -24.99 -29.72 -17.82
N VAL N 11 -25.66 -29.38 -18.92
CA VAL N 11 -27.13 -29.28 -18.96
C VAL N 11 -27.82 -30.64 -18.63
N MET N 12 -27.24 -31.73 -19.08
CA MET N 12 -27.86 -33.03 -18.86
CA MET N 12 -27.80 -33.06 -18.89
C MET N 12 -27.85 -33.43 -17.40
N VAL N 13 -26.73 -33.22 -16.73
CA VAL N 13 -26.55 -33.53 -15.34
C VAL N 13 -27.25 -32.50 -14.44
N SER N 14 -27.12 -31.22 -14.77
CA SER N 14 -27.75 -30.19 -13.95
C SER N 14 -29.26 -30.26 -13.97
N THR N 15 -29.84 -30.61 -15.12
CA THR N 15 -31.30 -30.74 -15.24
C THR N 15 -31.88 -31.84 -14.32
N PHE N 16 -31.18 -32.96 -14.21
CA PHE N 16 -31.60 -34.06 -13.35
C PHE N 16 -31.76 -33.54 -11.92
N HIS N 17 -30.72 -32.87 -11.43
CA HIS N 17 -30.65 -32.39 -10.09
C HIS N 17 -31.61 -31.24 -9.73
N LYS N 18 -31.82 -30.37 -10.71
CA LYS N 18 -32.85 -29.38 -10.65
C LYS N 18 -34.22 -29.94 -10.26
N TYR N 19 -34.57 -31.13 -10.73
CA TYR N 19 -35.87 -31.73 -10.38
C TYR N 19 -35.81 -32.75 -9.23
N SER N 20 -34.71 -33.52 -9.16
CA SER N 20 -34.60 -34.66 -8.24
C SER N 20 -34.59 -34.23 -6.79
N GLY N 21 -34.11 -33.02 -6.55
CA GLY N 21 -33.84 -32.55 -5.22
C GLY N 21 -34.99 -31.79 -4.61
N LYS N 22 -36.10 -31.70 -5.34
CA LYS N 22 -37.28 -31.03 -4.81
C LYS N 22 -38.02 -31.77 -3.69
N GLU N 23 -38.03 -33.10 -3.72
CA GLU N 23 -38.84 -33.94 -2.79
C GLU N 23 -38.19 -35.27 -2.49
N GLY N 24 -38.51 -35.81 -1.30
CA GLY N 24 -38.05 -37.15 -0.91
C GLY N 24 -36.55 -37.26 -1.07
N ASP N 25 -36.09 -38.37 -1.64
CA ASP N 25 -34.68 -38.56 -1.98
C ASP N 25 -34.24 -37.43 -2.91
N LYS N 26 -33.28 -36.64 -2.52
CA LYS N 26 -32.86 -35.55 -3.38
C LYS N 26 -32.08 -35.97 -4.62
N PHE N 27 -31.74 -37.24 -4.74
CA PHE N 27 -30.98 -37.76 -5.89
C PHE N 27 -31.80 -38.70 -6.72
N LYS N 28 -33.12 -38.65 -6.55
CA LYS N 28 -34.00 -39.42 -7.43
C LYS N 28 -35.24 -38.69 -7.77
N LEU N 29 -35.73 -38.92 -8.98
CA LEU N 29 -37.01 -38.40 -9.38
C LEU N 29 -38.21 -39.33 -9.02
N ASN N 30 -39.14 -38.84 -8.21
CA ASN N 30 -40.42 -39.46 -8.04
C ASN N 30 -41.38 -39.20 -9.20
N LYS N 31 -42.52 -39.83 -9.18
CA LYS N 31 -43.46 -39.70 -10.23
C LYS N 31 -43.78 -38.27 -10.62
N SER N 32 -43.90 -37.39 -9.66
CA SER N 32 -44.19 -35.97 -9.88
C SER N 32 -42.97 -35.13 -10.34
N GLU N 33 -41.79 -35.40 -9.80
CA GLU N 33 -40.61 -34.71 -10.30
C GLU N 33 -40.33 -35.11 -11.77
N LEU N 34 -40.53 -36.38 -12.07
CA LEU N 34 -40.36 -36.89 -13.45
C LEU N 34 -41.30 -36.24 -14.42
N LYS N 35 -42.57 -36.16 -14.04
CA LYS N 35 -43.61 -35.62 -14.87
C LYS N 35 -43.21 -34.19 -15.23
N GLU N 36 -42.78 -33.47 -14.22
CA GLU N 36 -42.29 -32.09 -14.35
C GLU N 36 -41.04 -32.00 -15.24
N LEU N 37 -40.08 -32.91 -15.06
CA LEU N 37 -38.90 -32.90 -15.91
C LEU N 37 -39.31 -33.09 -17.34
N LEU N 38 -40.10 -34.12 -17.61
CA LEU N 38 -40.52 -34.41 -18.97
C LEU N 38 -41.28 -33.24 -19.60
N THR N 39 -42.29 -32.74 -18.88
CA THR N 39 -43.16 -31.64 -19.33
C THR N 39 -42.40 -30.36 -19.59
N ARG N 40 -41.46 -30.00 -18.75
CA ARG N 40 -40.88 -28.68 -18.91
C ARG N 40 -39.60 -28.69 -19.74
N GLU N 41 -38.96 -29.87 -19.89
CA GLU N 41 -37.59 -29.91 -20.42
C GLU N 41 -37.44 -30.83 -21.61
N LEU N 42 -38.39 -31.75 -21.77
CA LEU N 42 -38.47 -32.60 -22.97
C LEU N 42 -39.89 -32.62 -23.54
N PRO N 43 -40.47 -31.43 -23.76
CA PRO N 43 -41.86 -31.42 -24.28
C PRO N 43 -42.04 -32.05 -25.66
N SER N 44 -40.99 -32.02 -26.50
CA SER N 44 -41.02 -32.69 -27.81
C SER N 44 -41.26 -34.19 -27.70
N PHE N 45 -40.71 -34.81 -26.66
CA PHE N 45 -40.77 -36.25 -26.48
C PHE N 45 -42.16 -36.68 -26.04
N LEU N 46 -42.66 -36.00 -25.03
CA LEU N 46 -43.93 -36.35 -24.40
C LEU N 46 -45.14 -35.98 -25.26
N GLY N 47 -45.10 -34.80 -25.87
CA GLY N 47 -46.24 -34.27 -26.57
C GLY N 47 -47.22 -33.58 -25.63
N LYS N 48 -48.50 -33.58 -25.98
CA LYS N 48 -49.52 -32.92 -25.16
C LYS N 48 -50.58 -33.89 -24.64
N ARG N 49 -51.25 -33.48 -23.56
CA ARG N 49 -52.44 -34.14 -23.01
C ARG N 49 -52.20 -35.58 -22.59
N THR N 50 -51.05 -35.85 -22.03
CA THR N 50 -50.66 -37.20 -21.64
C THR N 50 -51.44 -37.71 -20.46
N ASP N 51 -51.98 -38.91 -20.58
CA ASP N 51 -52.73 -39.54 -19.51
C ASP N 51 -51.90 -40.22 -18.46
N GLU N 52 -52.49 -40.47 -17.32
CA GLU N 52 -51.81 -41.09 -16.22
C GLU N 52 -51.33 -42.48 -16.58
N ALA N 53 -52.03 -43.17 -17.46
CA ALA N 53 -51.56 -44.46 -17.90
C ALA N 53 -50.33 -44.32 -18.83
N ALA N 54 -50.22 -43.20 -19.53
CA ALA N 54 -49.05 -42.93 -20.36
C ALA N 54 -47.79 -42.65 -19.52
N PHE N 55 -47.87 -41.66 -18.62
CA PHE N 55 -46.81 -41.39 -17.63
C PHE N 55 -46.55 -42.63 -16.80
N GLN N 56 -47.57 -43.45 -16.66
CA GLN N 56 -47.47 -44.69 -15.92
C GLN N 56 -46.53 -45.66 -16.59
N LYS N 57 -46.70 -45.86 -17.87
CA LYS N 57 -45.88 -46.80 -18.64
C LYS N 57 -44.47 -46.23 -18.80
N LEU N 58 -44.40 -44.91 -18.95
CA LEU N 58 -43.14 -44.20 -19.01
C LEU N 58 -42.39 -44.42 -17.73
N MET N 59 -43.04 -44.24 -16.60
CA MET N 59 -42.40 -44.53 -15.33
C MET N 59 -41.87 -45.96 -15.22
N SER N 60 -42.72 -46.96 -15.49
CA SER N 60 -42.33 -48.36 -15.37
C SER N 60 -41.20 -48.75 -16.31
N ASN N 61 -41.15 -48.13 -17.48
CA ASN N 61 -40.07 -48.41 -18.42
C ASN N 61 -38.73 -47.79 -18.01
N LEU N 62 -38.81 -46.61 -17.37
CA LEU N 62 -37.59 -45.94 -16.92
C LEU N 62 -37.05 -46.50 -15.60
N ASP N 63 -37.94 -46.84 -14.68
CA ASP N 63 -37.58 -47.38 -13.36
C ASP N 63 -37.23 -48.87 -13.46
N SER N 64 -35.98 -49.14 -13.83
CA SER N 64 -35.60 -50.51 -14.15
C SER N 64 -35.45 -51.35 -12.89
N ASN N 65 -35.05 -50.71 -11.80
CA ASN N 65 -34.84 -51.44 -10.55
C ASN N 65 -36.10 -51.47 -9.67
N ARG N 66 -37.20 -51.03 -10.24
CA ARG N 66 -38.54 -51.11 -9.68
C ARG N 66 -38.74 -50.55 -8.29
N ASP N 67 -38.12 -49.44 -7.97
CA ASP N 67 -38.34 -48.74 -6.70
C ASP N 67 -39.24 -47.49 -6.81
N ASN N 68 -39.94 -47.33 -7.93
CA ASN N 68 -40.81 -46.17 -8.21
C ASN N 68 -40.16 -44.79 -8.33
N GLU N 69 -38.83 -44.74 -8.45
CA GLU N 69 -38.09 -43.49 -8.63
C GLU N 69 -37.05 -43.61 -9.75
N VAL N 70 -36.76 -42.53 -10.45
CA VAL N 70 -35.75 -42.59 -11.51
C VAL N 70 -34.44 -42.06 -10.93
N ASP N 71 -33.41 -42.91 -10.87
CA ASP N 71 -32.12 -42.44 -10.37
C ASP N 71 -31.30 -41.88 -11.51
N PHE N 72 -30.12 -41.37 -11.21
CA PHE N 72 -29.33 -40.79 -12.24
C PHE N 72 -28.95 -41.80 -13.36
N GLN N 73 -28.59 -43.02 -13.01
CA GLN N 73 -28.24 -44.00 -14.06
C GLN N 73 -29.43 -44.35 -14.93
N GLU N 74 -30.61 -44.48 -14.32
CA GLU N 74 -31.82 -44.77 -15.08
C GLU N 74 -32.13 -43.62 -16.05
N TYR N 75 -31.88 -42.40 -15.58
CA TYR N 75 -32.00 -41.18 -16.35
C TYR N 75 -31.02 -41.17 -17.56
N CYS N 76 -29.78 -41.61 -17.33
CA CYS N 76 -28.84 -41.76 -18.41
C CYS N 76 -29.26 -42.74 -19.50
N VAL N 77 -29.76 -43.91 -19.10
CA VAL N 77 -30.24 -44.92 -20.05
C VAL N 77 -31.41 -44.31 -20.84
N PHE N 78 -32.31 -43.64 -20.15
CA PHE N 78 -33.35 -42.93 -20.85
C PHE N 78 -32.81 -41.98 -21.95
N LEU N 79 -31.86 -41.11 -21.57
CA LEU N 79 -31.32 -40.10 -22.48
C LEU N 79 -30.54 -40.72 -23.64
N SER N 80 -29.81 -41.80 -23.35
CA SER N 80 -29.08 -42.55 -24.36
C SER N 80 -30.04 -43.19 -25.33
N CYS N 81 -31.19 -43.63 -24.85
CA CYS N 81 -32.18 -44.17 -25.75
C CYS N 81 -32.71 -43.11 -26.76
N ILE N 82 -32.99 -41.90 -26.28
CA ILE N 82 -33.32 -40.74 -27.12
C ILE N 82 -32.19 -40.41 -28.10
N ALA N 83 -30.96 -40.45 -27.58
CA ALA N 83 -29.80 -40.22 -28.38
C ALA N 83 -29.75 -41.20 -29.56
N MET N 84 -29.90 -42.49 -29.26
CA MET N 84 -29.87 -43.54 -30.27
C MET N 84 -30.89 -43.32 -31.37
N MET N 85 -32.11 -42.91 -31.00
CA MET N 85 -33.14 -42.58 -32.00
C MET N 85 -32.74 -41.37 -32.88
N CYS N 86 -32.16 -40.33 -32.29
CA CYS N 86 -31.65 -39.21 -33.04
C CYS N 86 -30.61 -39.68 -34.04
N ASN N 87 -29.72 -40.53 -33.58
CA ASN N 87 -28.63 -41.07 -34.40
C ASN N 87 -29.14 -41.72 -35.69
N GLU N 88 -30.33 -42.30 -35.63
CA GLU N 88 -30.92 -42.95 -36.80
C GLU N 88 -31.12 -41.93 -37.93
N PHE N 89 -31.51 -40.70 -37.57
CA PHE N 89 -31.70 -39.66 -38.55
C PHE N 89 -30.41 -39.42 -39.35
N PHE N 90 -29.27 -39.38 -38.65
CA PHE N 90 -27.97 -39.20 -39.32
C PHE N 90 -27.59 -40.38 -40.17
N GLU N 91 -27.83 -41.58 -39.67
CA GLU N 91 -27.60 -42.80 -40.47
C GLU N 91 -28.63 -42.92 -41.63
N GLY N 92 -29.65 -42.04 -41.63
CA GLY N 92 -30.68 -42.03 -42.66
C GLY N 92 -31.67 -43.18 -42.53
N PHE N 93 -31.82 -43.72 -41.31
CA PHE N 93 -32.67 -44.90 -41.00
C PHE N 93 -32.33 -46.10 -41.88
N ALA O 2 -27.58 -19.25 -15.09
CA ALA O 2 -28.43 -18.65 -14.02
C ALA O 2 -27.66 -17.95 -12.91
N CYS O 3 -26.34 -18.20 -12.79
CA CYS O 3 -25.54 -17.80 -11.61
C CYS O 3 -24.25 -17.07 -11.89
N PRO O 4 -24.28 -15.72 -11.91
CA PRO O 4 -23.04 -14.99 -12.13
C PRO O 4 -21.90 -15.43 -11.21
N LEU O 5 -22.17 -15.67 -9.92
CA LEU O 5 -21.04 -15.98 -9.00
C LEU O 5 -20.32 -17.26 -9.36
N GLU O 6 -21.06 -18.34 -9.65
CA GLU O 6 -20.40 -19.58 -10.10
C GLU O 6 -19.68 -19.40 -11.43
N LYS O 7 -20.29 -18.72 -12.41
CA LYS O 7 -19.60 -18.36 -13.65
C LYS O 7 -18.31 -17.55 -13.41
N ALA O 8 -18.39 -16.56 -12.52
CA ALA O 8 -17.21 -15.81 -12.10
C ALA O 8 -16.13 -16.73 -11.52
N LEU O 9 -16.48 -17.66 -10.65
CA LEU O 9 -15.51 -18.66 -10.22
C LEU O 9 -14.90 -19.47 -11.39
N ASP O 10 -15.73 -19.97 -12.30
CA ASP O 10 -15.30 -20.74 -13.44
C ASP O 10 -14.27 -20.00 -14.27
N VAL O 11 -14.56 -18.75 -14.56
CA VAL O 11 -13.65 -17.87 -15.30
C VAL O 11 -12.28 -17.64 -14.62
N MET O 12 -12.25 -17.44 -13.31
CA MET O 12 -10.98 -17.30 -12.63
C MET O 12 -10.10 -18.54 -12.68
N VAL O 13 -10.70 -19.71 -12.48
CA VAL O 13 -9.93 -20.93 -12.50
C VAL O 13 -9.45 -21.23 -13.90
N SER O 14 -10.35 -21.14 -14.89
CA SER O 14 -10.07 -21.47 -16.27
C SER O 14 -9.14 -20.46 -16.96
N THR O 15 -9.25 -19.17 -16.66
CA THR O 15 -8.26 -18.22 -17.20
C THR O 15 -6.86 -18.70 -16.81
N PHE O 16 -6.65 -19.08 -15.55
CA PHE O 16 -5.32 -19.56 -15.15
C PHE O 16 -4.80 -20.67 -16.04
N HIS O 17 -5.53 -21.73 -16.19
CA HIS O 17 -5.11 -22.84 -16.98
C HIS O 17 -5.00 -22.59 -18.47
N LYS O 18 -5.74 -21.62 -18.94
CA LYS O 18 -5.62 -21.17 -20.33
C LYS O 18 -4.21 -20.70 -20.72
N TYR O 19 -3.43 -20.15 -19.76
CA TYR O 19 -2.09 -19.59 -20.03
C TYR O 19 -0.97 -20.45 -19.44
N SER O 20 -1.24 -21.08 -18.30
CA SER O 20 -0.25 -21.88 -17.60
C SER O 20 0.16 -23.08 -18.42
N GLY O 21 -0.76 -23.59 -19.22
CA GLY O 21 -0.48 -24.75 -20.04
C GLY O 21 0.20 -24.44 -21.37
N LYS O 22 0.54 -23.19 -21.62
CA LYS O 22 1.20 -22.84 -22.87
C LYS O 22 2.62 -23.43 -23.00
N GLU O 23 3.37 -23.45 -21.90
CA GLU O 23 4.79 -23.79 -21.92
C GLU O 23 5.24 -24.50 -20.64
N GLY O 24 6.32 -25.28 -20.72
CA GLY O 24 7.00 -25.78 -19.52
C GLY O 24 6.06 -26.51 -18.56
N ASP O 25 6.08 -26.15 -17.29
CA ASP O 25 5.14 -26.71 -16.33
C ASP O 25 3.70 -26.26 -16.67
N LYS O 26 2.81 -27.23 -16.90
CA LYS O 26 1.47 -26.95 -17.42
C LYS O 26 0.56 -26.33 -16.37
N PHE O 27 0.99 -26.35 -15.11
CA PHE O 27 0.19 -25.84 -13.98
C PHE O 27 0.76 -24.61 -13.29
N LYS O 28 1.74 -23.97 -13.91
CA LYS O 28 2.36 -22.76 -13.37
C LYS O 28 2.51 -21.79 -14.51
N LEU O 29 2.47 -20.50 -14.21
CA LEU O 29 2.71 -19.46 -15.18
C LEU O 29 4.16 -18.99 -15.13
N ASN O 30 4.92 -19.18 -16.20
CA ASN O 30 6.21 -18.51 -16.29
C ASN O 30 6.03 -17.04 -16.64
N LYS O 31 7.15 -16.36 -16.85
CA LYS O 31 7.18 -14.93 -17.10
C LYS O 31 6.44 -14.59 -18.37
N SER O 32 6.76 -15.27 -19.47
CA SER O 32 6.04 -15.07 -20.73
C SER O 32 4.53 -15.33 -20.62
N GLU O 33 4.14 -16.43 -19.95
CA GLU O 33 2.71 -16.74 -19.78
C GLU O 33 1.97 -15.78 -18.85
N LEU O 34 2.65 -15.30 -17.81
CA LEU O 34 2.10 -14.29 -16.92
C LEU O 34 1.85 -12.95 -17.62
N LYS O 35 2.81 -12.56 -18.45
CA LYS O 35 2.72 -11.39 -19.33
C LYS O 35 1.44 -11.46 -20.16
N GLU O 36 1.29 -12.55 -20.91
CA GLU O 36 0.07 -12.75 -21.69
C GLU O 36 -1.18 -12.69 -20.81
N LEU O 37 -1.23 -13.45 -19.72
CA LEU O 37 -2.42 -13.37 -18.87
C LEU O 37 -2.75 -11.90 -18.47
N LEU O 38 -1.79 -11.19 -17.90
CA LEU O 38 -2.05 -9.88 -17.43
C LEU O 38 -2.40 -8.91 -18.51
N THR O 39 -1.65 -8.90 -19.59
CA THR O 39 -1.94 -7.98 -20.67
C THR O 39 -3.25 -8.26 -21.34
N ARG O 40 -3.56 -9.51 -21.58
CA ARG O 40 -4.80 -9.86 -22.21
C ARG O 40 -6.05 -10.03 -21.33
N GLU O 41 -5.88 -10.29 -20.06
CA GLU O 41 -7.06 -10.59 -19.24
C GLU O 41 -7.25 -9.56 -18.13
N LEU O 42 -6.15 -8.93 -17.73
CA LEU O 42 -6.23 -7.88 -16.73
C LEU O 42 -5.75 -6.50 -17.20
N PRO O 43 -6.15 -6.04 -18.41
CA PRO O 43 -5.52 -4.83 -18.97
C PRO O 43 -5.76 -3.51 -18.20
N SER O 44 -6.88 -3.35 -17.49
CA SER O 44 -7.12 -2.17 -16.65
C SER O 44 -6.11 -2.11 -15.50
N PHE O 45 -5.73 -3.27 -15.03
CA PHE O 45 -4.78 -3.33 -13.96
C PHE O 45 -3.34 -2.95 -14.46
N LEU O 46 -2.97 -3.36 -15.66
CA LEU O 46 -1.60 -3.16 -16.15
C LEU O 46 -1.33 -1.77 -16.69
N GLY O 47 -2.30 -1.22 -17.42
CA GLY O 47 -2.06 -0.03 -18.23
C GLY O 47 -1.26 -0.47 -19.44
N LYS O 48 -0.64 0.49 -20.10
CA LYS O 48 -0.01 0.20 -21.40
C LYS O 48 1.51 0.15 -21.35
N ARG O 49 2.06 -0.62 -22.30
CA ARG O 49 3.48 -0.68 -22.63
C ARG O 49 4.41 -0.56 -21.42
N THR O 50 4.07 -1.28 -20.35
CA THR O 50 4.91 -1.36 -19.17
C THR O 50 6.17 -2.16 -19.52
N ASP O 51 7.30 -1.80 -18.94
CA ASP O 51 8.59 -2.37 -19.34
C ASP O 51 9.04 -3.63 -18.58
N GLU O 52 10.20 -4.16 -18.98
CA GLU O 52 10.76 -5.38 -18.42
C GLU O 52 10.89 -5.32 -16.88
N ALA O 53 11.25 -4.13 -16.39
CA ALA O 53 11.50 -3.88 -14.95
C ALA O 53 10.27 -3.95 -14.02
N ALA O 54 9.28 -3.09 -14.24
CA ALA O 54 8.07 -3.09 -13.39
C ALA O 54 7.37 -4.46 -13.46
N PHE O 55 7.55 -5.12 -14.61
CA PHE O 55 7.07 -6.47 -14.81
C PHE O 55 7.79 -7.59 -14.02
N GLN O 56 9.14 -7.54 -14.00
CA GLN O 56 9.94 -8.44 -13.17
C GLN O 56 9.58 -8.24 -11.68
N LYS O 57 9.24 -7.01 -11.28
CA LYS O 57 8.86 -6.68 -9.90
C LYS O 57 7.52 -7.28 -9.50
N LEU O 58 6.57 -7.26 -10.42
CA LEU O 58 5.25 -7.83 -10.19
C LEU O 58 5.29 -9.37 -10.19
N MET O 59 6.03 -9.96 -11.13
CA MET O 59 6.33 -11.39 -11.11
C MET O 59 7.08 -11.77 -9.86
N SER O 60 7.97 -10.91 -9.41
CA SER O 60 8.70 -11.19 -8.17
C SER O 60 7.73 -11.24 -7.00
N ASN O 61 6.80 -10.29 -6.97
CA ASN O 61 5.86 -10.12 -5.88
C ASN O 61 4.81 -11.26 -5.75
N LEU O 62 4.52 -11.92 -6.86
CA LEU O 62 3.46 -12.92 -6.91
C LEU O 62 4.02 -14.26 -6.50
N ASP O 63 5.25 -14.51 -6.93
CA ASP O 63 5.96 -15.77 -6.79
C ASP O 63 6.51 -15.88 -5.38
N SER O 64 5.62 -16.13 -4.43
CA SER O 64 5.94 -16.11 -3.00
C SER O 64 6.94 -17.16 -2.57
N ASN O 65 6.98 -18.27 -3.29
CA ASN O 65 7.87 -19.35 -2.91
C ASN O 65 9.18 -19.36 -3.69
N ARG O 66 9.28 -18.45 -4.67
CA ARG O 66 10.50 -18.19 -5.42
C ARG O 66 11.00 -19.33 -6.32
N ASP O 67 10.10 -19.94 -7.10
CA ASP O 67 10.55 -20.96 -8.06
C ASP O 67 10.54 -20.39 -9.49
N ASN O 68 10.29 -19.09 -9.57
CA ASN O 68 10.27 -18.35 -10.83
C ASN O 68 9.02 -18.50 -11.70
N GLU O 69 7.92 -18.91 -11.07
CA GLU O 69 6.70 -19.23 -11.78
C GLU O 69 5.55 -19.05 -10.82
N VAL O 70 4.36 -18.77 -11.36
CA VAL O 70 3.21 -18.52 -10.52
C VAL O 70 2.29 -19.73 -10.56
N ASP O 71 2.12 -20.37 -9.41
CA ASP O 71 1.18 -21.47 -9.28
C ASP O 71 -0.21 -20.96 -8.92
N PHE O 72 -1.18 -21.87 -8.97
CA PHE O 72 -2.56 -21.50 -8.76
C PHE O 72 -2.80 -20.76 -7.45
N GLN O 73 -2.18 -21.25 -6.39
CA GLN O 73 -2.35 -20.65 -5.08
C GLN O 73 -1.90 -19.18 -5.07
N GLU O 74 -0.74 -18.93 -5.65
CA GLU O 74 -0.20 -17.60 -5.75
C GLU O 74 -1.05 -16.71 -6.64
N TYR O 75 -1.65 -17.32 -7.67
CA TYR O 75 -2.59 -16.63 -8.53
C TYR O 75 -3.81 -16.19 -7.72
N CYS O 76 -4.31 -17.06 -6.84
CA CYS O 76 -5.47 -16.66 -6.05
C CYS O 76 -5.20 -15.48 -5.11
N VAL O 77 -4.01 -15.50 -4.50
CA VAL O 77 -3.62 -14.42 -3.61
C VAL O 77 -3.58 -13.09 -4.35
N PHE O 78 -3.08 -13.11 -5.58
CA PHE O 78 -3.04 -11.90 -6.38
C PHE O 78 -4.45 -11.40 -6.66
N LEU O 79 -5.32 -12.32 -7.05
CA LEU O 79 -6.72 -11.98 -7.30
C LEU O 79 -7.46 -11.50 -6.03
N SER O 80 -7.09 -12.04 -4.87
CA SER O 80 -7.70 -11.54 -3.64
C SER O 80 -7.33 -10.10 -3.35
N CYS O 81 -6.06 -9.78 -3.62
CA CYS O 81 -5.55 -8.48 -3.35
C CYS O 81 -6.24 -7.41 -4.20
N ILE O 82 -6.36 -7.65 -5.51
CA ILE O 82 -7.23 -6.84 -6.39
C ILE O 82 -8.67 -6.77 -5.86
N ALA O 83 -9.28 -7.91 -5.54
CA ALA O 83 -10.67 -7.89 -5.07
C ALA O 83 -10.79 -7.01 -3.83
N MET O 84 -9.71 -6.96 -3.04
CA MET O 84 -9.70 -6.15 -1.84
C MET O 84 -9.63 -4.69 -2.19
N MET O 85 -8.95 -4.40 -3.29
CA MET O 85 -8.90 -3.05 -3.78
C MET O 85 -10.23 -2.54 -4.31
N CYS O 86 -10.98 -3.42 -4.96
CA CYS O 86 -12.36 -3.11 -5.33
C CYS O 86 -13.26 -2.94 -4.10
N ASN O 87 -13.05 -3.76 -3.09
CA ASN O 87 -13.82 -3.67 -1.85
C ASN O 87 -13.79 -2.25 -1.26
N GLU O 88 -12.60 -1.66 -1.23
CA GLU O 88 -12.41 -0.30 -0.71
C GLU O 88 -13.37 0.72 -1.34
N PHE O 89 -13.67 0.61 -2.64
CA PHE O 89 -14.66 1.48 -3.28
C PHE O 89 -16.01 1.45 -2.58
N PHE O 90 -16.49 0.23 -2.26
CA PHE O 90 -17.79 0.05 -1.68
C PHE O 90 -17.82 0.56 -0.26
N GLU O 91 -16.73 0.38 0.47
CA GLU O 91 -16.63 0.89 1.85
C GLU O 91 -16.59 2.44 1.86
N GLY O 92 -16.50 3.03 0.67
CA GLY O 92 -16.50 4.48 0.47
C GLY O 92 -15.12 5.12 0.44
N PHE O 93 -14.08 4.29 0.26
CA PHE O 93 -12.66 4.68 0.41
C PHE O 93 -12.31 5.26 1.79
N PRO O 94 -12.55 4.48 2.87
CA PRO O 94 -12.34 4.98 4.22
C PRO O 94 -10.87 5.33 4.48
N ALA P 2 -15.76 -7.10 -22.64
CA ALA P 2 -14.37 -7.21 -23.19
C ALA P 2 -13.37 -8.04 -22.35
N CYS P 3 -13.48 -8.02 -21.00
CA CYS P 3 -12.54 -8.77 -20.12
C CYS P 3 -13.26 -9.68 -19.17
N PRO P 4 -13.48 -10.94 -19.58
CA PRO P 4 -14.21 -11.86 -18.72
C PRO P 4 -13.60 -11.92 -17.33
N LEU P 5 -12.28 -11.76 -17.22
CA LEU P 5 -11.65 -11.89 -15.89
C LEU P 5 -11.88 -10.68 -15.00
N GLU P 6 -11.83 -9.47 -15.57
CA GLU P 6 -12.13 -8.28 -14.76
C GLU P 6 -13.61 -8.27 -14.37
N LYS P 7 -14.51 -8.62 -15.31
CA LYS P 7 -15.93 -8.76 -15.01
C LYS P 7 -16.16 -9.79 -13.89
N ALA P 8 -15.43 -10.90 -13.93
CA ALA P 8 -15.59 -11.93 -12.93
C ALA P 8 -15.22 -11.41 -11.53
N LEU P 9 -14.14 -10.62 -11.44
CA LEU P 9 -13.79 -10.00 -10.15
C LEU P 9 -14.84 -9.02 -9.67
N ASP P 10 -15.41 -8.26 -10.60
CA ASP P 10 -16.47 -7.30 -10.32
C ASP P 10 -17.68 -7.97 -9.69
N VAL P 11 -18.09 -9.09 -10.29
CA VAL P 11 -19.22 -9.86 -9.83
C VAL P 11 -18.93 -10.46 -8.47
N MET P 12 -17.68 -10.82 -8.21
CA MET P 12 -17.25 -11.37 -6.91
C MET P 12 -17.41 -10.38 -5.81
N VAL P 13 -16.96 -9.17 -6.10
CA VAL P 13 -16.99 -8.10 -5.15
C VAL P 13 -18.40 -7.57 -4.95
N SER P 14 -19.11 -7.33 -6.06
CA SER P 14 -20.44 -6.75 -6.06
C SER P 14 -21.43 -7.63 -5.36
N THR P 15 -21.24 -8.95 -5.47
CA THR P 15 -22.22 -9.88 -4.92
C THR P 15 -22.18 -9.92 -3.40
N PHE P 16 -20.99 -9.82 -2.84
CA PHE P 16 -20.87 -9.69 -1.39
C PHE P 16 -21.70 -8.51 -0.89
N HIS P 17 -21.51 -7.34 -1.51
CA HIS P 17 -22.16 -6.09 -1.07
C HIS P 17 -23.69 -6.01 -1.28
N LYS P 18 -24.18 -6.67 -2.31
CA LYS P 18 -25.60 -6.90 -2.53
C LYS P 18 -26.29 -7.54 -1.32
N TYR P 19 -25.61 -8.51 -0.71
CA TYR P 19 -26.21 -9.19 0.41
C TYR P 19 -25.85 -8.65 1.78
N SER P 20 -24.64 -8.09 1.92
CA SER P 20 -24.22 -7.63 3.23
C SER P 20 -24.90 -6.32 3.66
N GLY P 21 -25.45 -5.58 2.70
CA GLY P 21 -25.96 -4.26 2.97
C GLY P 21 -27.41 -4.21 3.42
N LYS P 22 -28.01 -5.37 3.62
CA LYS P 22 -29.45 -5.43 3.82
C LYS P 22 -29.79 -5.20 5.27
N GLU P 23 -29.06 -5.88 6.16
CA GLU P 23 -29.31 -5.80 7.61
C GLU P 23 -28.00 -5.54 8.36
N GLY P 24 -28.13 -4.86 9.49
CA GLY P 24 -27.05 -4.68 10.44
C GLY P 24 -25.87 -3.96 9.84
N ASP P 25 -24.68 -4.41 10.22
CA ASP P 25 -23.44 -3.96 9.65
C ASP P 25 -23.56 -4.10 8.12
N LYS P 26 -23.37 -3.02 7.38
CA LYS P 26 -23.57 -3.08 5.94
C LYS P 26 -22.43 -3.70 5.14
N PHE P 27 -21.35 -4.03 5.81
CA PHE P 27 -20.21 -4.67 5.16
C PHE P 27 -19.98 -6.04 5.73
N LYS P 28 -21.01 -6.63 6.33
CA LYS P 28 -20.90 -7.99 6.78
C LYS P 28 -22.16 -8.80 6.54
N LEU P 29 -21.97 -10.07 6.25
CA LEU P 29 -23.09 -10.95 6.13
C LEU P 29 -23.41 -11.49 7.52
N ASN P 30 -24.61 -11.23 8.01
CA ASN P 30 -25.13 -12.00 9.15
C ASN P 30 -25.67 -13.38 8.67
N LYS P 31 -26.31 -14.12 9.53
CA LYS P 31 -26.83 -15.45 9.22
C LYS P 31 -27.87 -15.44 8.12
N SER P 32 -28.73 -14.47 8.16
CA SER P 32 -29.75 -14.35 7.16
C SER P 32 -29.16 -13.96 5.79
N GLU P 33 -28.27 -12.97 5.78
CA GLU P 33 -27.66 -12.56 4.51
C GLU P 33 -26.79 -13.69 3.93
N LEU P 34 -26.07 -14.41 4.79
CA LEU P 34 -25.23 -15.53 4.36
C LEU P 34 -26.02 -16.63 3.66
N LYS P 35 -27.15 -17.00 4.29
CA LYS P 35 -28.13 -17.95 3.76
C LYS P 35 -28.61 -17.50 2.40
N GLU P 36 -29.12 -16.29 2.32
CA GLU P 36 -29.52 -15.71 1.06
C GLU P 36 -28.40 -15.72 -0.01
N LEU P 37 -27.18 -15.32 0.35
CA LEU P 37 -26.11 -15.38 -0.64
C LEU P 37 -25.85 -16.78 -1.22
N LEU P 38 -25.70 -17.78 -0.36
CA LEU P 38 -25.34 -19.13 -0.83
C LEU P 38 -26.49 -19.71 -1.65
N THR P 39 -27.70 -19.60 -1.11
CA THR P 39 -28.92 -19.97 -1.79
C THR P 39 -29.09 -19.41 -3.22
N ARG P 40 -28.90 -18.10 -3.43
CA ARG P 40 -29.20 -17.53 -4.76
C ARG P 40 -27.99 -17.43 -5.64
N GLU P 41 -26.80 -17.46 -5.04
CA GLU P 41 -25.59 -17.17 -5.78
C GLU P 41 -24.68 -18.37 -5.97
N LEU P 42 -24.66 -19.29 -4.98
CA LEU P 42 -23.90 -20.55 -5.11
C LEU P 42 -24.74 -21.81 -4.93
N PRO P 43 -25.86 -21.91 -5.67
CA PRO P 43 -26.76 -23.03 -5.41
C PRO P 43 -26.15 -24.40 -5.73
N SER P 44 -25.10 -24.46 -6.57
CA SER P 44 -24.38 -25.74 -6.84
C SER P 44 -23.54 -26.19 -5.66
N PHE P 45 -22.95 -25.24 -4.96
CA PHE P 45 -22.23 -25.52 -3.72
C PHE P 45 -23.18 -26.04 -2.64
N LEU P 46 -24.38 -25.51 -2.60
CA LEU P 46 -25.32 -25.78 -1.51
C LEU P 46 -26.27 -26.96 -1.77
N GLY P 47 -26.80 -27.01 -2.99
CA GLY P 47 -27.86 -27.96 -3.33
C GLY P 47 -29.21 -27.57 -2.76
N LYS P 48 -30.15 -28.51 -2.80
CA LYS P 48 -31.54 -28.27 -2.37
C LYS P 48 -31.75 -28.50 -0.86
N ARG P 49 -32.75 -27.81 -0.32
CA ARG P 49 -33.31 -28.05 1.03
C ARG P 49 -32.32 -28.09 2.23
N THR P 50 -31.48 -27.08 2.36
CA THR P 50 -30.49 -27.04 3.44
C THR P 50 -31.11 -26.60 4.78
N ASP P 51 -30.69 -27.28 5.86
CA ASP P 51 -31.21 -27.11 7.24
C ASP P 51 -30.38 -26.14 8.09
N GLU P 52 -30.86 -25.85 9.29
CA GLU P 52 -30.15 -24.97 10.23
C GLU P 52 -28.75 -25.45 10.63
N ALA P 53 -28.58 -26.76 10.81
CA ALA P 53 -27.29 -27.33 11.20
C ALA P 53 -26.24 -27.22 10.11
N ALA P 54 -26.63 -27.42 8.86
CA ALA P 54 -25.67 -27.29 7.77
C ALA P 54 -25.21 -25.83 7.60
N PHE P 55 -26.16 -24.89 7.65
CA PHE P 55 -25.84 -23.46 7.61
C PHE P 55 -24.94 -23.05 8.75
N GLN P 56 -25.28 -23.49 9.96
CA GLN P 56 -24.49 -23.16 11.14
C GLN P 56 -23.04 -23.62 11.04
N LYS P 57 -22.82 -24.87 10.64
CA LYS P 57 -21.47 -25.40 10.51
C LYS P 57 -20.68 -24.57 9.49
N LEU P 58 -21.35 -24.20 8.40
CA LEU P 58 -20.76 -23.32 7.40
C LEU P 58 -20.49 -21.92 7.94
N MET P 59 -21.42 -21.39 8.74
CA MET P 59 -21.22 -20.09 9.31
C MET P 59 -19.96 -20.08 10.17
N SER P 60 -19.77 -21.12 10.98
CA SER P 60 -18.60 -21.14 11.86
C SER P 60 -17.27 -21.48 11.17
N ASN P 61 -17.32 -22.17 10.04
CA ASN P 61 -16.13 -22.33 9.20
C ASN P 61 -15.62 -20.99 8.67
N LEU P 62 -16.56 -20.18 8.18
CA LEU P 62 -16.23 -18.99 7.44
C LEU P 62 -15.88 -17.82 8.35
N ASP P 63 -16.45 -17.84 9.55
CA ASP P 63 -16.30 -16.77 10.55
C ASP P 63 -15.05 -16.97 11.42
N SER P 64 -13.89 -16.83 10.81
CA SER P 64 -12.58 -17.10 11.44
C SER P 64 -12.19 -16.16 12.60
N ASN P 65 -12.76 -14.97 12.65
CA ASN P 65 -12.53 -14.10 13.75
C ASN P 65 -13.60 -14.23 14.80
N ARG P 66 -14.54 -15.12 14.60
CA ARG P 66 -15.62 -15.38 15.56
C ARG P 66 -16.32 -14.11 16.08
N ASP P 67 -16.67 -13.19 15.16
CA ASP P 67 -17.52 -12.06 15.54
C ASP P 67 -19.03 -12.30 15.17
N ASN P 68 -19.34 -13.51 14.74
CA ASN P 68 -20.73 -13.95 14.38
C ASN P 68 -21.15 -13.68 12.95
N GLU P 69 -20.29 -13.01 12.20
CA GLU P 69 -20.61 -12.54 10.86
C GLU P 69 -19.47 -12.83 9.89
N VAL P 70 -19.79 -12.82 8.60
CA VAL P 70 -18.78 -13.05 7.57
C VAL P 70 -18.39 -11.71 6.95
N ASP P 71 -17.12 -11.35 7.10
CA ASP P 71 -16.64 -10.13 6.47
C ASP P 71 -16.08 -10.40 5.03
N PHE P 72 -15.78 -9.33 4.30
CA PHE P 72 -15.20 -9.50 2.97
C PHE P 72 -13.91 -10.35 2.94
N GLN P 73 -12.98 -10.09 3.86
CA GLN P 73 -11.78 -10.91 3.98
C GLN P 73 -12.19 -12.39 4.14
N GLU P 74 -13.15 -12.65 5.01
CA GLU P 74 -13.51 -14.05 5.24
C GLU P 74 -14.18 -14.70 4.01
N TYR P 75 -14.99 -13.94 3.30
CA TYR P 75 -15.67 -14.40 2.07
C TYR P 75 -14.68 -14.67 0.93
N CYS P 76 -13.63 -13.86 0.83
CA CYS P 76 -12.57 -14.18 -0.15
C CYS P 76 -11.88 -15.52 0.08
N VAL P 77 -11.66 -15.84 1.36
CA VAL P 77 -11.01 -17.06 1.76
C VAL P 77 -12.00 -18.16 1.43
N PHE P 78 -13.29 -17.86 1.60
CA PHE P 78 -14.30 -18.83 1.15
C PHE P 78 -14.14 -19.10 -0.35
N LEU P 79 -14.11 -18.05 -1.15
CA LEU P 79 -14.08 -18.26 -2.61
C LEU P 79 -12.80 -18.88 -3.12
N SER P 80 -11.70 -18.58 -2.42
CA SER P 80 -10.41 -19.14 -2.78
C SER P 80 -10.48 -20.62 -2.57
N CYS P 81 -11.17 -21.03 -1.51
CA CYS P 81 -11.29 -22.42 -1.18
C CYS P 81 -12.14 -23.17 -2.19
N ILE P 82 -13.20 -22.56 -2.68
CA ILE P 82 -13.93 -23.07 -3.82
C ILE P 82 -13.07 -23.08 -5.10
N ALA P 83 -12.45 -21.95 -5.42
CA ALA P 83 -11.48 -21.90 -6.53
C ALA P 83 -10.48 -23.08 -6.51
N MET P 84 -10.08 -23.49 -5.33
CA MET P 84 -8.99 -24.43 -5.21
C MET P 84 -9.46 -25.86 -5.47
N MET P 85 -10.72 -26.15 -5.16
CA MET P 85 -11.36 -27.44 -5.51
C MET P 85 -11.50 -27.61 -7.03
N CYS P 86 -11.97 -26.57 -7.70
CA CYS P 86 -12.09 -26.55 -9.15
C CYS P 86 -10.72 -26.82 -9.81
N ASN P 87 -9.68 -26.20 -9.26
CA ASN P 87 -8.32 -26.34 -9.78
C ASN P 87 -7.85 -27.79 -9.77
N GLU P 88 -8.17 -28.49 -8.68
CA GLU P 88 -7.98 -29.93 -8.54
C GLU P 88 -8.62 -30.75 -9.67
N PHE P 89 -9.68 -30.23 -10.27
CA PHE P 89 -10.21 -30.87 -11.46
C PHE P 89 -9.20 -30.80 -12.62
N PHE P 90 -8.68 -29.59 -12.87
CA PHE P 90 -7.66 -29.41 -13.91
C PHE P 90 -6.37 -30.19 -13.64
N GLU P 91 -6.07 -30.48 -12.37
CA GLU P 91 -4.87 -31.27 -12.11
C GLU P 91 -5.07 -32.80 -12.21
N GLY P 92 -6.24 -33.21 -12.69
CA GLY P 92 -6.60 -34.61 -12.85
C GLY P 92 -6.91 -35.30 -11.52
N PHE P 93 -7.26 -34.50 -10.52
CA PHE P 93 -7.43 -34.92 -9.09
C PHE P 93 -6.24 -35.69 -8.51
N ALA Q 2 -23.28 0.80 -32.90
CA ALA Q 2 -21.96 1.07 -32.42
C ALA Q 2 -21.88 2.48 -31.97
N CYS Q 3 -20.65 2.91 -31.73
CA CYS Q 3 -20.36 4.15 -31.08
C CYS Q 3 -20.89 4.08 -29.69
N PRO Q 4 -20.26 3.28 -28.89
CA PRO Q 4 -20.53 3.21 -27.49
C PRO Q 4 -20.34 4.54 -26.81
N LEU Q 5 -19.42 5.36 -27.26
CA LEU Q 5 -19.29 6.68 -26.73
C LEU Q 5 -20.46 7.61 -27.06
N GLU Q 6 -20.98 7.56 -28.27
CA GLU Q 6 -22.12 8.37 -28.64
C GLU Q 6 -23.33 7.92 -27.91
N LYS Q 7 -23.47 6.62 -27.72
CA LYS Q 7 -24.50 6.03 -26.90
C LYS Q 7 -24.34 6.43 -25.42
N ALA Q 8 -23.12 6.52 -24.92
CA ALA Q 8 -22.91 6.94 -23.52
C ALA Q 8 -23.34 8.39 -23.26
N LEU Q 9 -23.15 9.25 -24.27
CA LEU Q 9 -23.66 10.63 -24.16
C LEU Q 9 -25.19 10.70 -24.19
N ASP Q 10 -25.79 9.91 -25.07
CA ASP Q 10 -27.24 9.81 -25.20
C ASP Q 10 -27.87 9.37 -23.88
N VAL Q 11 -27.33 8.29 -23.29
CA VAL Q 11 -27.76 7.82 -21.96
C VAL Q 11 -27.63 8.90 -20.86
N MET Q 12 -26.50 9.59 -20.85
CA MET Q 12 -26.27 10.68 -19.89
CA MET Q 12 -26.30 10.67 -19.88
C MET Q 12 -27.40 11.70 -19.95
N VAL Q 13 -27.76 12.11 -21.15
CA VAL Q 13 -28.65 13.25 -21.34
C VAL Q 13 -30.09 12.82 -21.21
N SER Q 14 -30.42 11.65 -21.71
CA SER Q 14 -31.76 11.12 -21.56
C SER Q 14 -32.08 10.81 -20.09
N THR Q 15 -31.11 10.34 -19.34
CA THR Q 15 -31.38 9.88 -17.98
C THR Q 15 -31.77 11.04 -17.10
N PHE Q 16 -31.17 12.21 -17.36
CA PHE Q 16 -31.57 13.43 -16.67
C PHE Q 16 -33.07 13.69 -16.89
N HIS Q 17 -33.48 13.62 -18.13
CA HIS Q 17 -34.83 13.87 -18.56
C HIS Q 17 -35.92 12.87 -18.19
N LYS Q 18 -35.63 11.59 -18.20
CA LYS Q 18 -36.59 10.62 -17.70
C LYS Q 18 -36.90 10.84 -16.20
N TYR Q 19 -36.10 11.67 -15.54
CA TYR Q 19 -36.35 12.00 -14.12
C TYR Q 19 -36.78 13.45 -13.85
N SER Q 20 -36.32 14.41 -14.66
CA SER Q 20 -36.62 15.81 -14.42
C SER Q 20 -38.03 16.16 -14.83
N GLY Q 21 -38.56 15.47 -15.84
CA GLY Q 21 -39.86 15.76 -16.39
C GLY Q 21 -41.03 15.34 -15.53
N LYS Q 22 -40.78 14.60 -14.45
CA LYS Q 22 -41.86 14.04 -13.62
C LYS Q 22 -42.73 15.13 -12.99
N GLU Q 23 -42.11 15.99 -12.17
CA GLU Q 23 -42.80 16.97 -11.33
C GLU Q 23 -42.24 18.39 -11.50
N GLY Q 24 -43.05 19.38 -11.17
CA GLY Q 24 -42.63 20.80 -11.20
C GLY Q 24 -42.09 21.25 -12.55
N ASP Q 25 -40.97 21.94 -12.53
CA ASP Q 25 -40.24 22.30 -13.75
C ASP Q 25 -39.75 21.02 -14.47
N LYS Q 26 -40.15 20.87 -15.74
CA LYS Q 26 -39.82 19.69 -16.58
C LYS Q 26 -38.30 19.54 -16.89
N PHE Q 27 -37.54 20.62 -16.73
CA PHE Q 27 -36.12 20.61 -17.11
C PHE Q 27 -35.20 20.64 -15.89
N LYS Q 28 -35.77 20.33 -14.74
CA LYS Q 28 -35.04 20.44 -13.49
C LYS Q 28 -35.41 19.36 -12.50
N LEU Q 29 -34.42 18.91 -11.75
CA LEU Q 29 -34.56 17.82 -10.81
C LEU Q 29 -34.78 18.46 -9.45
N ASN Q 30 -35.91 18.12 -8.83
CA ASN Q 30 -36.16 18.49 -7.44
C ASN Q 30 -35.54 17.42 -6.53
N LYS Q 31 -35.68 17.61 -5.22
CA LYS Q 31 -35.18 16.65 -4.22
C LYS Q 31 -35.76 15.25 -4.43
N SER Q 32 -37.05 15.15 -4.76
CA SER Q 32 -37.70 13.86 -5.02
C SER Q 32 -37.15 13.15 -6.28
N GLU Q 33 -37.28 13.83 -7.41
CA GLU Q 33 -36.72 13.33 -8.67
C GLU Q 33 -35.24 12.98 -8.57
N LEU Q 34 -34.47 13.83 -7.89
CA LEU Q 34 -33.03 13.60 -7.81
C LEU Q 34 -32.72 12.33 -7.06
N LYS Q 35 -33.58 12.03 -6.08
CA LYS Q 35 -33.47 10.86 -5.23
C LYS Q 35 -33.79 9.61 -6.04
N GLU Q 36 -34.81 9.72 -6.89
CA GLU Q 36 -35.14 8.66 -7.83
C GLU Q 36 -33.91 8.25 -8.65
N LEU Q 37 -33.18 9.25 -9.14
CA LEU Q 37 -32.14 9.05 -10.12
C LEU Q 37 -30.91 8.42 -9.48
N LEU Q 38 -30.48 8.93 -8.34
CA LEU Q 38 -29.31 8.38 -7.68
C LEU Q 38 -29.54 6.94 -7.23
N THR Q 39 -30.71 6.68 -6.67
CA THR Q 39 -31.10 5.33 -6.26
C THR Q 39 -31.18 4.33 -7.41
N ARG Q 40 -31.87 4.71 -8.47
CA ARG Q 40 -32.14 3.80 -9.59
C ARG Q 40 -31.03 3.71 -10.63
N GLU Q 41 -30.20 4.74 -10.74
CA GLU Q 41 -29.27 4.87 -11.87
C GLU Q 41 -27.79 4.92 -11.46
N LEU Q 42 -27.54 5.31 -10.23
CA LEU Q 42 -26.21 5.40 -9.68
C LEU Q 42 -26.12 4.74 -8.32
N PRO Q 43 -26.61 3.52 -8.21
CA PRO Q 43 -26.68 2.83 -6.95
C PRO Q 43 -25.33 2.58 -6.31
N SER Q 44 -24.32 2.37 -7.13
CA SER Q 44 -22.97 2.15 -6.69
C SER Q 44 -22.51 3.38 -5.98
N PHE Q 45 -22.92 4.54 -6.46
CA PHE Q 45 -22.53 5.76 -5.81
C PHE Q 45 -23.01 6.00 -4.37
N LEU Q 46 -24.25 5.66 -4.06
CA LEU Q 46 -24.68 5.80 -2.68
C LEU Q 46 -25.18 4.48 -2.11
N GLY Q 47 -25.29 3.46 -2.95
CA GLY Q 47 -25.83 2.23 -2.46
C GLY Q 47 -26.77 2.63 -1.33
N ALA Q 54 -28.64 12.17 5.92
CA ALA Q 54 -28.83 10.91 5.21
C ALA Q 54 -28.11 10.95 3.87
N PHE Q 55 -28.83 11.27 2.80
CA PHE Q 55 -28.32 11.76 1.53
C PHE Q 55 -28.50 13.27 1.33
N GLN Q 56 -28.99 13.93 2.36
CA GLN Q 56 -29.53 15.28 2.26
C GLN Q 56 -28.66 16.47 1.84
N LYS Q 57 -27.44 16.51 2.32
CA LYS Q 57 -26.52 17.60 2.04
C LYS Q 57 -26.15 17.74 0.60
N LEU Q 58 -25.95 16.59 -0.01
CA LEU Q 58 -25.42 16.45 -1.33
C LEU Q 58 -26.36 17.11 -2.31
N MET Q 59 -27.65 17.00 -2.13
CA MET Q 59 -28.54 17.78 -2.97
C MET Q 59 -28.16 19.28 -3.09
N SER Q 60 -27.92 19.95 -1.97
CA SER Q 60 -27.50 21.36 -1.99
C SER Q 60 -26.11 21.57 -2.58
N ASN Q 61 -25.19 20.67 -2.26
CA ASN Q 61 -23.82 20.67 -2.81
C ASN Q 61 -23.81 20.51 -4.35
N LEU Q 62 -24.90 19.98 -4.90
CA LEU Q 62 -25.05 19.87 -6.35
C LEU Q 62 -25.80 21.07 -6.93
N ASP Q 63 -26.60 21.73 -6.09
CA ASP Q 63 -27.35 22.91 -6.47
C ASP Q 63 -26.52 24.18 -6.22
N SER Q 64 -25.63 24.51 -7.15
CA SER Q 64 -24.63 25.57 -6.93
C SER Q 64 -25.17 27.02 -6.91
N ASN Q 65 -26.37 27.23 -7.42
CA ASN Q 65 -26.97 28.57 -7.46
C ASN Q 65 -28.18 28.71 -6.54
N ARG Q 66 -28.31 27.76 -5.61
CA ARG Q 66 -29.30 27.80 -4.53
C ARG Q 66 -30.74 28.20 -4.94
N ASP Q 67 -31.30 27.49 -5.90
CA ASP Q 67 -32.73 27.58 -6.18
C ASP Q 67 -33.47 26.26 -5.84
N ASN Q 68 -32.82 25.39 -5.05
CA ASN Q 68 -33.40 24.10 -4.59
C ASN Q 68 -33.55 23.05 -5.70
N GLU Q 69 -33.06 23.36 -6.89
CA GLU Q 69 -33.30 22.54 -8.07
C GLU Q 69 -31.98 22.23 -8.72
N VAL Q 70 -31.81 21.00 -9.22
CA VAL Q 70 -30.64 20.64 -10.03
C VAL Q 70 -31.03 20.78 -11.49
N ASP Q 71 -30.38 21.69 -12.20
CA ASP Q 71 -30.57 21.81 -13.65
C ASP Q 71 -29.57 20.95 -14.41
N PHE Q 72 -29.78 20.84 -15.71
CA PHE Q 72 -28.90 20.01 -16.48
C PHE Q 72 -27.44 20.42 -16.28
N GLN Q 73 -27.16 21.73 -16.24
CA GLN Q 73 -25.76 22.20 -16.16
C GLN Q 73 -25.11 21.84 -14.81
N GLU Q 74 -25.92 21.79 -13.76
CA GLU Q 74 -25.46 21.33 -12.46
C GLU Q 74 -25.26 19.83 -12.45
N TYR Q 75 -26.12 19.12 -13.16
CA TYR Q 75 -26.03 17.67 -13.30
C TYR Q 75 -24.78 17.23 -14.08
N CYS Q 76 -24.45 17.96 -15.14
CA CYS Q 76 -23.22 17.69 -15.89
C CYS Q 76 -21.98 17.80 -14.99
N VAL Q 77 -21.98 18.84 -14.16
CA VAL Q 77 -20.93 19.05 -13.19
C VAL Q 77 -20.75 17.85 -12.24
N PHE Q 78 -21.86 17.29 -11.78
CA PHE Q 78 -21.85 16.11 -10.92
C PHE Q 78 -21.26 14.89 -11.64
N LEU Q 79 -21.61 14.70 -12.89
CA LEU Q 79 -21.15 13.52 -13.61
C LEU Q 79 -19.67 13.67 -13.89
N SER Q 80 -19.21 14.92 -13.94
CA SER Q 80 -17.81 15.19 -14.20
C SER Q 80 -16.94 14.90 -13.00
N CYS Q 81 -17.44 15.14 -11.77
CA CYS Q 81 -16.72 14.77 -10.54
C CYS Q 81 -16.41 13.30 -10.54
N ILE Q 82 -17.47 12.52 -10.70
CA ILE Q 82 -17.44 11.07 -10.83
C ILE Q 82 -16.50 10.59 -11.93
N ALA Q 83 -16.63 11.21 -13.10
CA ALA Q 83 -15.70 10.94 -14.19
C ALA Q 83 -14.26 11.13 -13.71
N MET Q 84 -14.04 12.19 -12.95
CA MET Q 84 -12.69 12.53 -12.52
C MET Q 84 -12.15 11.53 -11.48
N MET Q 85 -13.01 10.98 -10.64
CA MET Q 85 -12.60 9.93 -9.69
C MET Q 85 -12.24 8.66 -10.42
N CYS Q 86 -13.01 8.31 -11.45
CA CYS Q 86 -12.73 7.16 -12.29
C CYS Q 86 -11.38 7.32 -13.00
N ASN Q 87 -11.11 8.53 -13.46
CA ASN Q 87 -9.85 8.82 -14.16
C ASN Q 87 -8.67 8.64 -13.21
N GLU Q 88 -8.92 8.88 -11.92
CA GLU Q 88 -7.88 8.70 -10.89
C GLU Q 88 -7.43 7.26 -10.82
N PHE Q 89 -8.37 6.32 -11.06
CA PHE Q 89 -8.03 4.90 -11.06
C PHE Q 89 -7.06 4.62 -12.18
N PHE Q 90 -7.35 5.17 -13.36
CA PHE Q 90 -6.48 4.99 -14.53
C PHE Q 90 -5.09 5.59 -14.31
N GLU Q 91 -5.05 6.75 -13.65
CA GLU Q 91 -3.78 7.37 -13.25
C GLU Q 91 -3.09 6.61 -12.07
N GLY Q 92 -3.72 5.57 -11.55
CA GLY Q 92 -3.10 4.70 -10.52
C GLY Q 92 -3.02 5.28 -9.11
N PHE Q 93 -3.81 6.34 -8.88
CA PHE Q 93 -3.87 7.10 -7.63
C PHE Q 93 -2.55 7.78 -7.20
N PRO Q 94 -2.15 8.86 -7.90
CA PRO Q 94 -1.00 9.68 -7.45
C PRO Q 94 -1.44 10.81 -6.49
N ASP Q 95 -2.52 11.51 -6.85
CA ASP Q 95 -3.25 12.42 -5.97
C ASP Q 95 -4.76 12.24 -6.20
N ALA R 2 -29.41 -2.55 -14.84
CA ALA R 2 -27.97 -2.83 -15.15
C ALA R 2 -27.09 -1.57 -15.03
N CYS R 3 -27.71 -0.48 -14.59
CA CYS R 3 -27.09 0.86 -14.49
C CYS R 3 -26.49 1.32 -15.80
N PRO R 4 -27.34 1.42 -16.84
CA PRO R 4 -26.83 1.98 -18.09
C PRO R 4 -26.03 3.27 -17.84
N LEU R 5 -26.38 4.03 -16.80
CA LEU R 5 -25.71 5.30 -16.51
C LEU R 5 -24.29 5.13 -15.97
N GLU R 6 -24.12 4.22 -15.03
CA GLU R 6 -22.80 3.89 -14.52
C GLU R 6 -21.91 3.36 -15.65
N LYS R 7 -22.49 2.53 -16.49
CA LYS R 7 -21.82 2.05 -17.70
C LYS R 7 -21.55 3.17 -18.74
N ALA R 8 -22.40 4.20 -18.81
CA ALA R 8 -22.12 5.35 -19.69
C ALA R 8 -20.87 6.12 -19.22
N LEU R 9 -20.77 6.29 -17.93
CA LEU R 9 -19.63 6.95 -17.32
C LEU R 9 -18.30 6.17 -17.49
N ASP R 10 -18.39 4.85 -17.38
CA ASP R 10 -17.26 3.94 -17.65
C ASP R 10 -16.72 4.08 -19.09
N VAL R 11 -17.59 4.09 -20.09
CA VAL R 11 -17.18 4.20 -21.49
C VAL R 11 -16.55 5.58 -21.72
N MET R 12 -17.24 6.63 -21.28
CA MET R 12 -16.70 7.97 -21.32
CA MET R 12 -16.74 7.98 -21.27
C MET R 12 -15.26 8.02 -20.80
N VAL R 13 -15.01 7.47 -19.61
CA VAL R 13 -13.69 7.52 -19.02
C VAL R 13 -12.73 6.57 -19.69
N SER R 14 -13.15 5.33 -19.86
CA SER R 14 -12.34 4.31 -20.51
C SER R 14 -11.91 4.69 -21.90
N THR R 15 -12.76 5.36 -22.66
CA THR R 15 -12.47 5.65 -24.07
C THR R 15 -11.30 6.63 -24.26
N PHE R 16 -11.28 7.64 -23.39
CA PHE R 16 -10.15 8.53 -23.31
C PHE R 16 -8.89 7.68 -23.21
N HIS R 17 -8.84 6.72 -22.28
CA HIS R 17 -7.55 6.07 -21.96
C HIS R 17 -7.11 5.08 -22.99
N LYS R 18 -8.08 4.46 -23.64
CA LYS R 18 -7.84 3.65 -24.77
C LYS R 18 -6.91 4.39 -25.72
N TYR R 19 -7.06 5.71 -25.87
CA TYR R 19 -6.31 6.40 -26.93
C TYR R 19 -5.12 7.15 -26.40
N SER R 20 -5.32 7.78 -25.24
CA SER R 20 -4.33 8.64 -24.64
C SER R 20 -3.07 7.85 -24.23
N GLY R 21 -3.24 6.57 -23.88
CA GLY R 21 -2.12 5.74 -23.43
C GLY R 21 -1.26 5.17 -24.55
N LYS R 22 -1.61 5.46 -25.79
CA LYS R 22 -0.94 4.82 -26.91
C LYS R 22 0.49 5.28 -27.11
N GLU R 23 0.75 6.58 -26.88
CA GLU R 23 2.03 7.22 -27.24
C GLU R 23 2.38 8.35 -26.27
N GLY R 24 3.68 8.55 -26.01
CA GLY R 24 4.13 9.68 -25.21
C GLY R 24 3.42 9.71 -23.87
N ASP R 25 2.93 10.89 -23.48
CA ASP R 25 2.21 11.03 -22.24
C ASP R 25 0.98 10.14 -22.26
N LYS R 26 0.90 9.22 -21.30
CA LYS R 26 -0.16 8.21 -21.33
C LYS R 26 -1.51 8.85 -21.02
N PHE R 27 -1.51 10.08 -20.52
CA PHE R 27 -2.72 10.71 -19.97
C PHE R 27 -3.17 11.91 -20.79
N LYS R 28 -2.69 11.99 -22.01
CA LYS R 28 -3.01 13.13 -22.87
C LYS R 28 -3.14 12.61 -24.28
N LEU R 29 -4.02 13.25 -25.06
CA LEU R 29 -4.20 12.92 -26.48
C LEU R 29 -3.36 13.82 -27.38
N ASN R 30 -2.44 13.23 -28.15
CA ASN R 30 -1.71 14.00 -29.18
C ASN R 30 -2.54 14.07 -30.44
N LYS R 31 -2.05 14.77 -31.44
CA LYS R 31 -2.82 15.00 -32.65
C LYS R 31 -3.35 13.66 -33.22
N SER R 32 -2.48 12.64 -33.26
CA SER R 32 -2.77 11.29 -33.80
C SER R 32 -3.77 10.49 -32.99
N GLU R 33 -3.67 10.65 -31.67
CA GLU R 33 -4.52 9.91 -30.76
C GLU R 33 -5.91 10.54 -30.78
N LEU R 34 -5.95 11.87 -30.84
CA LEU R 34 -7.22 12.59 -30.83
C LEU R 34 -8.00 12.31 -32.10
N LYS R 35 -7.30 12.25 -33.24
CA LYS R 35 -7.91 11.95 -34.52
C LYS R 35 -8.48 10.53 -34.54
N GLU R 36 -7.76 9.58 -33.95
CA GLU R 36 -8.27 8.22 -33.84
C GLU R 36 -9.55 8.23 -33.01
N LEU R 37 -9.50 8.96 -31.90
CA LEU R 37 -10.63 9.02 -30.98
C LEU R 37 -11.86 9.56 -31.71
N LEU R 38 -11.70 10.72 -32.36
CA LEU R 38 -12.82 11.37 -33.03
C LEU R 38 -13.37 10.54 -34.20
N THR R 39 -12.50 9.90 -34.98
CA THR R 39 -12.92 9.11 -36.14
C THR R 39 -13.62 7.80 -35.70
N ARG R 40 -13.03 7.16 -34.68
CA ARG R 40 -13.46 5.84 -34.26
C ARG R 40 -14.64 5.85 -33.30
N GLU R 41 -14.70 6.88 -32.44
CA GLU R 41 -15.68 6.94 -31.36
C GLU R 41 -16.78 8.03 -31.48
N LEU R 42 -16.51 9.06 -32.27
CA LEU R 42 -17.46 10.15 -32.42
C LEU R 42 -17.72 10.54 -33.86
N PRO R 43 -18.08 9.58 -34.71
CA PRO R 43 -18.21 9.86 -36.14
C PRO R 43 -19.45 10.70 -36.54
N SER R 44 -20.50 10.73 -35.72
CA SER R 44 -21.67 11.54 -36.03
C SER R 44 -21.34 13.02 -35.95
N PHE R 45 -20.50 13.38 -34.99
CA PHE R 45 -20.02 14.72 -34.83
C PHE R 45 -19.02 15.14 -35.94
N LEU R 46 -18.12 14.22 -36.29
CA LEU R 46 -17.10 14.45 -37.30
C LEU R 46 -17.56 14.60 -38.74
N GLY R 47 -18.48 13.74 -39.14
CA GLY R 47 -18.93 13.60 -40.48
C GLY R 47 -18.11 12.66 -41.32
N LYS R 48 -18.51 12.49 -42.58
CA LYS R 48 -17.90 11.52 -43.52
C LYS R 48 -16.43 11.70 -43.96
N ARG R 49 -16.02 12.91 -44.33
CA ARG R 49 -14.62 13.15 -44.64
C ARG R 49 -14.32 14.40 -43.92
N THR R 50 -13.19 14.46 -43.23
CA THR R 50 -12.81 15.66 -42.50
C THR R 50 -11.34 15.91 -42.74
N ASP R 51 -10.95 17.14 -43.04
CA ASP R 51 -9.57 17.45 -43.49
C ASP R 51 -8.51 17.60 -42.37
N GLU R 52 -7.23 17.70 -42.75
CA GLU R 52 -6.17 17.93 -41.76
C GLU R 52 -6.28 19.29 -41.07
N ALA R 53 -6.69 20.32 -41.81
CA ALA R 53 -6.97 21.63 -41.23
C ALA R 53 -8.12 21.51 -40.23
N ALA R 54 -9.22 20.88 -40.65
CA ALA R 54 -10.37 20.60 -39.79
C ALA R 54 -9.94 20.06 -38.42
N PHE R 55 -9.12 19.01 -38.43
CA PHE R 55 -8.53 18.45 -37.22
C PHE R 55 -7.68 19.41 -36.39
N GLN R 56 -6.93 20.28 -37.03
CA GLN R 56 -6.11 21.25 -36.31
C GLN R 56 -7.00 22.26 -35.55
N LYS R 57 -8.11 22.65 -36.15
CA LYS R 57 -9.05 23.58 -35.51
C LYS R 57 -9.80 22.91 -34.36
N LEU R 58 -10.09 21.61 -34.52
CA LEU R 58 -10.63 20.84 -33.40
C LEU R 58 -9.63 20.72 -32.25
N MET R 59 -8.37 20.40 -32.57
CA MET R 59 -7.30 20.30 -31.58
C MET R 59 -7.07 21.65 -30.87
N SER R 60 -7.18 22.75 -31.59
CA SER R 60 -7.09 24.07 -30.98
C SER R 60 -8.35 24.42 -30.19
N ASN R 61 -9.49 23.98 -30.67
CA ASN R 61 -10.74 24.15 -29.93
C ASN R 61 -10.76 23.37 -28.60
N LEU R 62 -10.11 22.22 -28.56
CA LEU R 62 -10.01 21.40 -27.34
C LEU R 62 -8.84 21.70 -26.40
N ASP R 63 -7.67 22.01 -26.97
CA ASP R 63 -6.44 22.28 -26.22
C ASP R 63 -6.49 23.64 -25.52
N SER R 64 -6.96 23.65 -24.28
CA SER R 64 -7.16 24.90 -23.59
C SER R 64 -5.88 25.51 -23.07
N ASN R 65 -4.98 24.68 -22.51
CA ASN R 65 -3.76 25.22 -21.86
C ASN R 65 -2.58 25.43 -22.82
N ARG R 66 -2.83 25.12 -24.09
CA ARG R 66 -1.85 25.19 -25.20
C ARG R 66 -0.55 24.41 -25.03
N ASP R 67 -0.66 23.17 -24.59
CA ASP R 67 0.48 22.27 -24.58
C ASP R 67 0.46 21.34 -25.81
N ASN R 68 -0.45 21.62 -26.75
CA ASN R 68 -0.52 20.94 -28.04
C ASN R 68 -1.12 19.53 -27.97
N GLU R 69 -1.95 19.32 -26.95
CA GLU R 69 -2.40 18.03 -26.56
C GLU R 69 -3.68 18.16 -25.70
N VAL R 70 -4.56 17.16 -25.75
CA VAL R 70 -5.81 17.21 -25.00
C VAL R 70 -5.63 16.38 -23.72
N ASP R 71 -5.87 16.95 -22.54
CA ASP R 71 -5.84 16.16 -21.30
C ASP R 71 -7.25 15.70 -20.95
N PHE R 72 -7.41 14.98 -19.84
CA PHE R 72 -8.75 14.47 -19.44
C PHE R 72 -9.76 15.55 -19.09
N GLN R 73 -9.30 16.64 -18.51
CA GLN R 73 -10.15 17.76 -18.15
C GLN R 73 -10.66 18.46 -19.41
N GLU R 74 -9.80 18.61 -20.42
CA GLU R 74 -10.18 19.28 -21.69
C GLU R 74 -11.16 18.43 -22.50
N TYR R 75 -10.96 17.11 -22.42
CA TYR R 75 -11.81 16.11 -23.03
C TYR R 75 -13.18 16.04 -22.29
N CYS R 76 -13.18 16.14 -20.97
CA CYS R 76 -14.48 16.30 -20.28
C CYS R 76 -15.21 17.61 -20.66
N VAL R 77 -14.43 18.68 -20.88
CA VAL R 77 -15.03 19.94 -21.25
C VAL R 77 -15.73 19.77 -22.59
N PHE R 78 -15.04 19.10 -23.52
CA PHE R 78 -15.59 18.73 -24.82
C PHE R 78 -16.88 17.91 -24.75
N LEU R 79 -16.82 16.76 -24.11
CA LEU R 79 -18.01 15.94 -23.96
C LEU R 79 -19.19 16.71 -23.35
N SER R 80 -18.91 17.64 -22.42
CA SER R 80 -19.94 18.47 -21.81
C SER R 80 -20.60 19.38 -22.84
N CYS R 81 -19.84 19.80 -23.86
CA CYS R 81 -20.39 20.66 -24.88
C CYS R 81 -21.37 19.89 -25.77
N ILE R 82 -20.96 18.69 -26.20
CA ILE R 82 -21.85 17.79 -26.92
C ILE R 82 -23.12 17.52 -26.10
N ALA R 83 -22.93 17.20 -24.82
CA ALA R 83 -24.05 17.03 -23.90
C ALA R 83 -24.98 18.24 -23.91
N MET R 84 -24.43 19.46 -23.83
CA MET R 84 -25.28 20.66 -23.82
C MET R 84 -26.14 20.81 -25.09
N MET R 85 -25.57 20.44 -26.21
CA MET R 85 -26.28 20.50 -27.46
C MET R 85 -27.40 19.46 -27.49
N CYS R 86 -27.15 18.28 -26.93
CA CYS R 86 -28.20 17.26 -26.89
C CYS R 86 -29.31 17.73 -25.98
N ASN R 87 -28.93 18.32 -24.85
CA ASN R 87 -29.92 18.86 -23.93
C ASN R 87 -30.82 19.90 -24.62
N GLU R 88 -30.25 20.68 -25.53
CA GLU R 88 -31.00 21.71 -26.25
C GLU R 88 -32.20 21.12 -27.01
N PHE R 89 -32.05 19.89 -27.54
CA PHE R 89 -33.14 19.15 -28.19
C PHE R 89 -34.31 18.81 -27.24
N PHE R 90 -34.04 18.44 -26.02
CA PHE R 90 -35.09 18.03 -25.12
C PHE R 90 -35.84 19.23 -24.64
N GLU R 91 -35.11 20.32 -24.57
CA GLU R 91 -35.64 21.58 -24.17
C GLU R 91 -36.41 22.26 -25.28
N GLY R 92 -36.34 21.68 -26.47
CA GLY R 92 -37.05 22.14 -27.65
C GLY R 92 -36.45 23.28 -28.43
N PHE R 93 -35.22 23.66 -28.10
CA PHE R 93 -34.62 24.81 -28.72
C PHE R 93 -35.52 25.97 -28.37
N PRO R 94 -35.10 26.80 -27.44
CA PRO R 94 -35.91 27.93 -27.01
C PRO R 94 -35.44 29.23 -27.62
N ALA S 2 -36.98 0.04 -25.69
CA ALA S 2 -36.47 0.87 -26.83
C ALA S 2 -37.67 1.59 -27.50
N CYS S 3 -37.37 2.47 -28.45
CA CYS S 3 -38.41 3.06 -29.31
C CYS S 3 -38.08 2.68 -30.75
N PRO S 4 -38.60 1.54 -31.23
CA PRO S 4 -38.29 1.08 -32.57
C PRO S 4 -38.61 2.13 -33.62
N LEU S 5 -39.64 2.93 -33.39
CA LEU S 5 -39.95 3.93 -34.42
C LEU S 5 -38.90 5.04 -34.44
N GLU S 6 -38.49 5.56 -33.30
CA GLU S 6 -37.40 6.53 -33.34
C GLU S 6 -36.13 5.91 -33.94
N LYS S 7 -35.80 4.69 -33.53
CA LYS S 7 -34.67 3.95 -34.10
C LYS S 7 -34.79 3.85 -35.65
N ALA S 8 -35.98 3.59 -36.17
CA ALA S 8 -36.19 3.40 -37.60
C ALA S 8 -35.99 4.71 -38.36
N LEU S 9 -36.38 5.82 -37.71
CA LEU S 9 -36.09 7.12 -38.28
C LEU S 9 -34.61 7.40 -38.28
N ASP S 10 -33.94 7.11 -37.17
CA ASP S 10 -32.49 7.22 -37.08
C ASP S 10 -31.79 6.55 -38.30
N VAL S 11 -32.08 5.28 -38.52
CA VAL S 11 -31.46 4.46 -39.56
C VAL S 11 -31.76 5.00 -40.95
N MET S 12 -33.01 5.43 -41.17
CA MET S 12 -33.38 6.03 -42.44
C MET S 12 -32.50 7.25 -42.80
N VAL S 13 -32.29 8.16 -41.84
CA VAL S 13 -31.46 9.33 -42.07
C VAL S 13 -29.98 9.04 -42.00
N SER S 14 -29.57 8.18 -41.07
CA SER S 14 -28.13 7.85 -40.97
C SER S 14 -27.60 7.11 -42.20
N THR S 15 -28.43 6.23 -42.79
CA THR S 15 -27.98 5.45 -43.93
C THR S 15 -27.78 6.34 -45.14
N PHE S 16 -28.66 7.34 -45.34
CA PHE S 16 -28.44 8.29 -46.44
C PHE S 16 -27.01 8.86 -46.41
N HIS S 17 -26.63 9.38 -45.24
CA HIS S 17 -25.32 10.01 -45.01
C HIS S 17 -24.14 9.06 -44.95
N LYS S 18 -24.40 7.81 -44.67
CA LYS S 18 -23.36 6.78 -44.69
C LYS S 18 -22.79 6.69 -46.12
N TYR S 19 -23.63 6.88 -47.12
CA TYR S 19 -23.25 6.81 -48.53
C TYR S 19 -23.02 8.14 -49.20
N SER S 20 -23.78 9.16 -48.81
CA SER S 20 -23.67 10.45 -49.48
C SER S 20 -22.35 11.15 -49.21
N GLY S 21 -21.83 10.97 -48.01
CA GLY S 21 -20.58 11.62 -47.65
C GLY S 21 -19.33 11.01 -48.26
N LYS S 22 -19.46 9.93 -49.02
CA LYS S 22 -18.26 9.26 -49.55
C LYS S 22 -17.53 10.05 -50.64
N GLU S 23 -18.29 10.70 -51.52
CA GLU S 23 -17.68 11.37 -52.69
C GLU S 23 -18.41 12.65 -53.05
N GLY S 24 -17.69 13.64 -53.56
CA GLY S 24 -18.31 14.86 -54.11
C GLY S 24 -19.13 15.62 -53.07
N ASP S 25 -20.31 16.06 -53.47
CA ASP S 25 -21.24 16.69 -52.54
C ASP S 25 -21.52 15.70 -51.43
N LYS S 26 -21.23 16.11 -50.20
CA LYS S 26 -21.41 15.24 -49.04
C LYS S 26 -22.88 14.90 -48.65
N PHE S 27 -23.81 15.63 -49.25
CA PHE S 27 -25.21 15.56 -48.90
C PHE S 27 -25.95 15.14 -50.12
N LYS S 28 -25.24 14.62 -51.13
CA LYS S 28 -25.91 14.02 -52.24
C LYS S 28 -25.27 12.72 -52.69
N LEU S 29 -26.11 11.79 -53.15
CA LEU S 29 -25.69 10.52 -53.76
C LEU S 29 -25.38 10.68 -55.27
N ASN S 30 -24.14 10.40 -55.69
CA ASN S 30 -23.84 10.33 -57.12
C ASN S 30 -24.16 8.89 -57.63
N LYS S 31 -23.87 8.58 -58.89
CA LYS S 31 -24.22 7.26 -59.42
C LYS S 31 -23.62 6.12 -58.57
N SER S 32 -22.37 6.30 -58.16
CA SER S 32 -21.63 5.29 -57.46
C SER S 32 -22.09 5.11 -56.01
N GLU S 33 -22.44 6.18 -55.33
CA GLU S 33 -22.96 6.09 -53.97
C GLU S 33 -24.38 5.49 -54.00
N LEU S 34 -25.24 5.99 -54.92
CA LEU S 34 -26.58 5.43 -55.05
C LEU S 34 -26.51 3.90 -55.22
N LYS S 35 -25.71 3.44 -56.18
CA LYS S 35 -25.47 2.00 -56.38
C LYS S 35 -25.08 1.24 -55.11
N GLU S 36 -24.17 1.77 -54.32
CA GLU S 36 -23.77 1.05 -53.12
C GLU S 36 -24.90 1.02 -52.09
N LEU S 37 -25.58 2.15 -51.90
CA LEU S 37 -26.66 2.19 -50.91
C LEU S 37 -27.76 1.18 -51.28
N LEU S 38 -28.19 1.20 -52.54
CA LEU S 38 -29.21 0.29 -53.05
C LEU S 38 -28.84 -1.20 -52.94
N THR S 39 -27.62 -1.53 -53.36
CA THR S 39 -27.10 -2.89 -53.38
C THR S 39 -26.96 -3.45 -51.96
N ARG S 40 -26.38 -2.66 -51.06
CA ARG S 40 -26.12 -3.06 -49.69
C ARG S 40 -27.28 -2.84 -48.71
N GLU S 41 -28.11 -1.82 -48.95
CA GLU S 41 -29.12 -1.48 -47.98
C GLU S 41 -30.54 -1.81 -48.41
N LEU S 42 -30.77 -1.91 -49.71
CA LEU S 42 -32.13 -2.24 -50.20
C LEU S 42 -32.11 -3.40 -51.19
N PRO S 43 -31.41 -4.47 -50.86
CA PRO S 43 -31.21 -5.55 -51.82
C PRO S 43 -32.45 -6.38 -52.18
N SER S 44 -33.46 -6.42 -51.30
CA SER S 44 -34.73 -7.07 -51.64
C SER S 44 -35.40 -6.29 -52.76
N PHE S 45 -35.34 -4.97 -52.66
CA PHE S 45 -35.84 -4.07 -53.68
C PHE S 45 -35.04 -4.09 -55.00
N LEU S 46 -33.71 -4.14 -54.90
CA LEU S 46 -32.87 -3.94 -56.08
C LEU S 46 -32.84 -5.18 -56.95
N GLY S 47 -32.61 -6.33 -56.32
CA GLY S 47 -32.57 -7.56 -57.03
C GLY S 47 -31.14 -7.89 -57.41
N LYS S 48 -31.02 -8.81 -58.33
CA LYS S 48 -29.86 -9.68 -58.36
C LYS S 48 -28.66 -9.19 -59.18
N ARG S 49 -28.77 -9.09 -60.50
CA ARG S 49 -27.55 -8.84 -61.28
C ARG S 49 -27.69 -7.57 -62.09
N THR S 50 -28.07 -6.52 -61.40
CA THR S 50 -28.62 -5.35 -62.03
C THR S 50 -27.54 -4.65 -62.85
N ASP S 51 -27.80 -4.45 -64.13
CA ASP S 51 -26.80 -3.88 -65.06
C ASP S 51 -26.75 -2.34 -65.07
N GLU S 52 -26.00 -1.76 -66.01
CA GLU S 52 -25.82 -0.31 -66.01
C GLU S 52 -27.06 0.43 -66.48
N ALA S 53 -27.72 -0.11 -67.51
CA ALA S 53 -29.01 0.40 -67.97
C ALA S 53 -30.02 0.54 -66.83
N ALA S 54 -30.11 -0.52 -66.03
CA ALA S 54 -31.09 -0.61 -64.94
C ALA S 54 -30.73 0.34 -63.79
N PHE S 55 -29.46 0.46 -63.46
CA PHE S 55 -29.05 1.48 -62.53
C PHE S 55 -29.35 2.91 -62.97
N GLN S 56 -29.08 3.24 -64.24
CA GLN S 56 -29.36 4.57 -64.82
C GLN S 56 -30.85 4.89 -64.82
N LYS S 57 -31.65 3.95 -65.30
CA LYS S 57 -33.08 4.12 -65.22
C LYS S 57 -33.48 4.50 -63.78
N LEU S 58 -32.90 3.83 -62.78
CA LEU S 58 -33.20 4.09 -61.38
C LEU S 58 -32.74 5.45 -60.92
N MET S 59 -31.54 5.85 -61.34
CA MET S 59 -31.04 7.20 -61.00
C MET S 59 -32.02 8.27 -61.54
N SER S 60 -32.54 8.02 -62.73
CA SER S 60 -33.49 8.91 -63.39
C SER S 60 -34.83 9.04 -62.73
N ASN S 61 -35.40 7.97 -62.25
CA ASN S 61 -36.59 8.06 -61.42
C ASN S 61 -36.32 8.91 -60.19
N LEU S 62 -35.24 8.63 -59.47
CA LEU S 62 -34.96 9.20 -58.17
C LEU S 62 -34.61 10.66 -58.24
N ASP S 63 -33.77 11.00 -59.18
CA ASP S 63 -33.31 12.35 -59.36
C ASP S 63 -34.36 13.13 -60.10
N SER S 64 -35.44 13.46 -59.43
CA SER S 64 -36.54 14.22 -60.04
C SER S 64 -36.14 15.62 -60.51
N ASN S 65 -35.11 16.21 -59.89
CA ASN S 65 -34.76 17.57 -60.24
C ASN S 65 -33.59 17.69 -61.25
N ARG S 66 -33.13 16.56 -61.76
CA ARG S 66 -32.21 16.57 -62.90
C ARG S 66 -30.88 17.20 -62.61
N ASP S 67 -30.32 17.01 -61.43
CA ASP S 67 -28.99 17.53 -61.21
C ASP S 67 -27.99 16.40 -61.21
N ASN S 68 -28.39 15.26 -61.76
CA ASN S 68 -27.59 14.01 -61.79
C ASN S 68 -27.25 13.38 -60.46
N GLU S 69 -27.79 13.89 -59.37
CA GLU S 69 -27.55 13.23 -58.09
C GLU S 69 -28.84 13.13 -57.31
N VAL S 70 -28.81 12.42 -56.19
CA VAL S 70 -29.98 12.22 -55.35
C VAL S 70 -29.73 12.88 -54.00
N ASP S 71 -30.56 13.88 -53.66
CA ASP S 71 -30.41 14.51 -52.38
C ASP S 71 -31.32 13.90 -51.34
N PHE S 72 -31.19 14.40 -50.11
CA PHE S 72 -31.98 13.84 -49.01
C PHE S 72 -33.47 13.88 -49.28
N GLN S 73 -33.93 14.94 -49.93
CA GLN S 73 -35.36 15.12 -50.18
C GLN S 73 -35.86 14.15 -51.24
N GLU S 74 -35.16 14.02 -52.37
CA GLU S 74 -35.45 12.94 -53.32
C GLU S 74 -35.39 11.55 -52.68
N TYR S 75 -34.53 11.35 -51.70
CA TYR S 75 -34.36 10.06 -51.05
C TYR S 75 -35.61 9.79 -50.19
N CYS S 76 -36.12 10.78 -49.50
CA CYS S 76 -37.33 10.60 -48.70
C CYS S 76 -38.53 10.21 -49.57
N VAL S 77 -38.67 10.82 -50.74
CA VAL S 77 -39.78 10.57 -51.67
C VAL S 77 -39.69 9.14 -52.15
N PHE S 78 -38.46 8.70 -52.39
CA PHE S 78 -38.23 7.32 -52.73
C PHE S 78 -38.64 6.37 -51.59
N LEU S 79 -38.14 6.64 -50.38
CA LEU S 79 -38.46 5.78 -49.25
C LEU S 79 -39.96 5.76 -48.98
N SER S 80 -40.59 6.90 -49.13
CA SER S 80 -42.00 6.95 -48.86
C SER S 80 -42.81 6.24 -50.00
N CYS S 81 -42.20 6.09 -51.17
CA CYS S 81 -42.83 5.30 -52.24
C CYS S 81 -42.73 3.80 -51.94
N ILE S 82 -41.61 3.38 -51.37
CA ILE S 82 -41.51 2.02 -50.83
C ILE S 82 -42.57 1.74 -49.75
N ALA S 83 -42.66 2.63 -48.76
CA ALA S 83 -43.66 2.55 -47.69
C ALA S 83 -45.11 2.36 -48.19
N MET S 84 -45.47 3.12 -49.21
CA MET S 84 -46.80 3.10 -49.78
C MET S 84 -47.11 1.74 -50.38
N MET S 85 -46.13 1.16 -51.10
CA MET S 85 -46.24 -0.21 -51.59
C MET S 85 -46.44 -1.20 -50.46
N CYS S 86 -45.70 -1.06 -49.35
CA CYS S 86 -45.92 -1.94 -48.19
C CYS S 86 -47.27 -1.69 -47.55
N ASN S 87 -47.65 -0.43 -47.48
CA ASN S 87 -48.98 -0.06 -46.99
C ASN S 87 -50.07 -0.80 -47.78
N GLU S 88 -49.88 -0.90 -49.09
CA GLU S 88 -50.86 -1.59 -49.93
C GLU S 88 -51.07 -3.04 -49.53
N PHE S 89 -50.03 -3.71 -49.02
CA PHE S 89 -50.18 -5.11 -48.58
C PHE S 89 -51.13 -5.22 -47.38
N PHE S 90 -51.02 -4.27 -46.46
CA PHE S 90 -51.87 -4.28 -45.27
C PHE S 90 -53.32 -3.99 -45.59
N GLU S 91 -53.57 -3.41 -46.74
CA GLU S 91 -54.91 -3.04 -47.12
C GLU S 91 -55.50 -4.10 -48.03
N GLY S 92 -54.72 -5.18 -48.24
CA GLY S 92 -55.17 -6.38 -48.95
C GLY S 92 -55.12 -6.24 -50.46
N PHE S 93 -54.40 -5.23 -50.95
CA PHE S 93 -54.28 -4.88 -52.37
C PHE S 93 -55.63 -4.56 -53.01
N PRO S 94 -56.08 -3.28 -52.91
CA PRO S 94 -57.29 -2.87 -53.62
C PRO S 94 -56.97 -2.07 -54.89
N ALA T 2 -30.65 -9.13 -41.78
CA ALA T 2 -29.45 -8.55 -42.47
C ALA T 2 -29.57 -7.06 -42.91
N CYS T 3 -30.78 -6.53 -43.13
CA CYS T 3 -30.92 -5.15 -43.71
C CYS T 3 -31.56 -4.10 -42.84
N PRO T 4 -30.75 -3.34 -42.12
CA PRO T 4 -31.31 -2.34 -41.20
C PRO T 4 -32.32 -1.41 -41.91
N LEU T 5 -32.00 -0.96 -43.11
CA LEU T 5 -32.90 -0.01 -43.79
C LEU T 5 -34.24 -0.63 -44.17
N GLU T 6 -34.23 -1.88 -44.63
CA GLU T 6 -35.47 -2.62 -44.92
C GLU T 6 -36.31 -2.85 -43.68
N LYS T 7 -35.64 -3.09 -42.54
CA LYS T 7 -36.32 -3.30 -41.23
C LYS T 7 -36.96 -2.01 -40.79
N ALA T 8 -36.22 -0.90 -40.92
CA ALA T 8 -36.71 0.43 -40.59
C ALA T 8 -38.00 0.74 -41.35
N LEU T 9 -38.01 0.47 -42.64
CA LEU T 9 -39.19 0.71 -43.44
C LEU T 9 -40.34 -0.19 -42.96
N ASP T 10 -40.00 -1.43 -42.63
CA ASP T 10 -40.95 -2.37 -42.07
C ASP T 10 -41.57 -1.77 -40.80
N VAL T 11 -40.75 -1.28 -39.88
CA VAL T 11 -41.22 -0.72 -38.59
C VAL T 11 -42.10 0.55 -38.77
N MET T 12 -41.71 1.43 -39.70
CA MET T 12 -42.55 2.59 -40.02
CA MET T 12 -42.52 2.60 -40.07
C MET T 12 -43.96 2.20 -40.48
N VAL T 13 -44.08 1.29 -41.45
CA VAL T 13 -45.42 0.90 -41.97
C VAL T 13 -46.24 0.02 -41.00
N SER T 14 -45.59 -0.95 -40.40
CA SER T 14 -46.18 -1.85 -39.44
C SER T 14 -46.72 -1.12 -38.18
N THR T 15 -45.99 -0.11 -37.69
CA THR T 15 -46.36 0.66 -36.51
C THR T 15 -47.64 1.48 -36.71
N PHE T 16 -47.85 2.02 -37.92
CA PHE T 16 -49.06 2.71 -38.24
C PHE T 16 -50.23 1.80 -38.00
N HIS T 17 -50.13 0.60 -38.54
CA HIS T 17 -51.23 -0.34 -38.63
C HIS T 17 -51.56 -1.02 -37.32
N LYS T 18 -50.56 -1.15 -36.45
CA LYS T 18 -50.73 -1.56 -35.05
C LYS T 18 -51.72 -0.68 -34.29
N TYR T 19 -51.66 0.65 -34.49
CA TYR T 19 -52.61 1.55 -33.83
C TYR T 19 -53.91 1.81 -34.64
N SER T 20 -53.78 1.96 -35.95
CA SER T 20 -54.91 2.30 -36.79
C SER T 20 -56.02 1.28 -36.72
N GLY T 21 -55.65 0.02 -36.54
CA GLY T 21 -56.57 -1.09 -36.58
C GLY T 21 -57.37 -1.23 -35.31
N LYS T 22 -56.97 -0.53 -34.26
CA LYS T 22 -57.51 -0.74 -32.92
C LYS T 22 -59.01 -0.44 -32.87
N GLU T 23 -59.41 0.64 -33.54
CA GLU T 23 -60.79 1.18 -33.44
C GLU T 23 -61.32 1.79 -34.75
N GLY T 24 -62.63 1.69 -34.94
CA GLY T 24 -63.33 2.26 -36.10
C GLY T 24 -62.71 1.89 -37.43
N ASP T 25 -62.32 2.89 -38.21
CA ASP T 25 -61.71 2.62 -39.50
C ASP T 25 -60.30 2.05 -39.28
N LYS T 26 -60.06 0.89 -39.88
CA LYS T 26 -58.89 0.06 -39.58
C LYS T 26 -57.60 0.61 -40.15
N PHE T 27 -57.71 1.52 -41.11
CA PHE T 27 -56.57 2.04 -41.85
C PHE T 27 -56.36 3.51 -41.58
N LYS T 28 -57.00 4.00 -40.50
CA LYS T 28 -56.88 5.39 -40.07
C LYS T 28 -56.79 5.54 -38.56
N LEU T 29 -56.06 6.55 -38.14
CA LEU T 29 -55.78 6.81 -36.73
C LEU T 29 -56.74 7.86 -36.21
N ASN T 30 -57.52 7.52 -35.20
CA ASN T 30 -58.34 8.54 -34.60
C ASN T 30 -57.54 9.25 -33.50
N LYS T 31 -58.22 10.14 -32.77
CA LYS T 31 -57.63 10.98 -31.73
C LYS T 31 -56.94 10.09 -30.70
N SER T 32 -57.64 9.03 -30.33
CA SER T 32 -57.17 8.14 -29.29
C SER T 32 -56.02 7.30 -29.84
N GLU T 33 -56.17 6.78 -31.04
CA GLU T 33 -55.11 5.99 -31.67
C GLU T 33 -53.83 6.81 -31.87
N LEU T 34 -54.00 8.06 -32.29
CA LEU T 34 -52.86 8.93 -32.53
C LEU T 34 -52.13 9.18 -31.25
N LYS T 35 -52.88 9.56 -30.23
CA LYS T 35 -52.32 9.81 -28.93
C LYS T 35 -51.44 8.65 -28.50
N GLU T 36 -51.93 7.44 -28.72
CA GLU T 36 -51.22 6.21 -28.32
C GLU T 36 -49.93 5.99 -29.08
N LEU T 37 -50.00 6.11 -30.39
CA LEU T 37 -48.84 5.95 -31.23
C LEU T 37 -47.78 6.95 -30.82
N LEU T 38 -48.17 8.23 -30.75
CA LEU T 38 -47.19 9.29 -30.44
C LEU T 38 -46.60 9.10 -29.04
N THR T 39 -47.44 8.62 -28.11
CA THR T 39 -47.04 8.44 -26.71
C THR T 39 -46.08 7.27 -26.50
N ARG T 40 -46.39 6.13 -27.11
CA ARG T 40 -45.59 4.90 -26.91
C ARG T 40 -44.44 4.72 -27.88
N GLU T 41 -44.48 5.40 -29.01
CA GLU T 41 -43.52 5.11 -30.08
C GLU T 41 -42.56 6.26 -30.38
N LEU T 42 -43.05 7.50 -30.19
CA LEU T 42 -42.26 8.68 -30.39
C LEU T 42 -42.16 9.56 -29.12
N PRO T 43 -41.84 8.97 -27.95
CA PRO T 43 -41.81 9.78 -26.71
C PRO T 43 -40.88 10.98 -26.74
N SER T 44 -39.73 10.89 -27.42
CA SER T 44 -38.78 11.99 -27.35
C SER T 44 -39.19 13.14 -28.25
N PHE T 45 -40.12 12.90 -29.18
CA PHE T 45 -40.76 13.95 -29.93
C PHE T 45 -41.83 14.64 -29.09
N LEU T 46 -42.74 13.86 -28.56
CA LEU T 46 -43.90 14.39 -27.90
C LEU T 46 -43.52 14.92 -26.53
N GLY T 47 -42.91 14.10 -25.71
CA GLY T 47 -42.24 14.58 -24.53
C GLY T 47 -42.97 15.57 -23.66
N LYS T 48 -42.83 16.86 -23.94
CA LYS T 48 -43.15 17.96 -23.03
C LYS T 48 -44.63 18.24 -22.81
N ARG T 49 -45.28 18.76 -23.85
CA ARG T 49 -46.65 19.19 -23.79
C ARG T 49 -47.60 18.01 -23.62
N THR T 50 -47.81 17.63 -22.37
CA THR T 50 -48.67 16.48 -22.06
C THR T 50 -50.13 16.88 -22.23
N ASP T 51 -50.42 18.16 -22.07
CA ASP T 51 -51.80 18.68 -22.06
C ASP T 51 -52.53 18.49 -23.38
N GLU T 52 -53.84 18.65 -23.35
CA GLU T 52 -54.68 18.42 -24.52
C GLU T 52 -54.52 19.43 -25.66
N ALA T 53 -54.35 20.70 -25.33
CA ALA T 53 -54.23 21.77 -26.34
C ALA T 53 -53.10 21.48 -27.31
N ALA T 54 -52.06 20.81 -26.80
CA ALA T 54 -50.91 20.37 -27.58
C ALA T 54 -51.22 19.22 -28.55
N PHE T 55 -52.15 18.35 -28.15
CA PHE T 55 -52.58 17.21 -28.97
C PHE T 55 -53.46 17.58 -30.15
N GLN T 56 -54.53 18.32 -29.89
CA GLN T 56 -55.54 18.63 -30.92
C GLN T 56 -54.98 19.59 -31.98
N LYS T 57 -53.95 20.35 -31.63
CA LYS T 57 -53.25 21.18 -32.60
C LYS T 57 -52.40 20.32 -33.56
N LEU T 58 -51.56 19.49 -32.94
CA LEU T 58 -50.84 18.42 -33.61
C LEU T 58 -51.74 17.57 -34.46
N MET T 59 -52.80 17.04 -33.84
CA MET T 59 -53.74 16.18 -34.54
C MET T 59 -54.31 16.82 -35.79
N SER T 60 -54.77 18.07 -35.68
CA SER T 60 -55.37 18.77 -36.81
C SER T 60 -54.35 19.23 -37.83
N ASN T 61 -53.09 19.37 -37.43
CA ASN T 61 -52.01 19.66 -38.36
C ASN T 61 -51.60 18.45 -39.22
N LEU T 62 -51.81 17.23 -38.73
CA LEU T 62 -51.45 16.04 -39.50
C LEU T 62 -52.58 15.61 -40.40
N ASP T 63 -53.80 15.86 -39.91
CA ASP T 63 -55.02 15.59 -40.63
C ASP T 63 -55.21 16.73 -41.60
N SER T 64 -54.74 16.59 -42.83
CA SER T 64 -54.76 17.77 -43.69
C SER T 64 -55.93 17.86 -44.65
N ASN T 65 -56.63 16.75 -44.87
CA ASN T 65 -57.91 16.77 -45.60
C ASN T 65 -59.13 16.79 -44.67
N ARG T 66 -58.91 17.19 -43.43
CA ARG T 66 -59.93 17.44 -42.46
C ARG T 66 -60.99 16.35 -42.31
N ASP T 67 -60.63 15.09 -42.31
CA ASP T 67 -61.67 14.11 -42.15
C ASP T 67 -61.68 13.58 -40.74
N ASN T 68 -60.94 14.21 -39.87
CA ASN T 68 -60.93 13.77 -38.50
C ASN T 68 -59.89 12.72 -38.12
N GLU T 69 -59.33 12.04 -39.09
CA GLU T 69 -58.42 10.97 -38.81
C GLU T 69 -57.13 11.04 -39.64
N VAL T 70 -56.07 10.40 -39.16
CA VAL T 70 -54.80 10.47 -39.86
C VAL T 70 -54.60 9.26 -40.73
N ASP T 71 -54.50 9.46 -42.04
CA ASP T 71 -54.34 8.31 -42.92
C ASP T 71 -52.85 7.97 -43.14
N PHE T 72 -52.57 6.87 -43.82
CA PHE T 72 -51.15 6.50 -44.01
C PHE T 72 -50.31 7.60 -44.68
N GLN T 73 -50.82 8.19 -45.76
CA GLN T 73 -50.12 9.27 -46.47
C GLN T 73 -49.71 10.41 -45.52
N GLU T 74 -50.67 10.84 -44.71
CA GLU T 74 -50.49 11.89 -43.73
C GLU T 74 -49.52 11.49 -42.62
N TYR T 75 -49.52 10.23 -42.24
CA TYR T 75 -48.53 9.71 -41.31
C TYR T 75 -47.12 9.75 -41.96
N CYS T 76 -47.03 9.50 -43.26
CA CYS T 76 -45.70 9.54 -43.90
C CYS T 76 -45.16 10.97 -43.97
N VAL T 77 -46.04 11.92 -44.27
CA VAL T 77 -45.69 13.35 -44.32
C VAL T 77 -45.07 13.84 -43.01
N PHE T 78 -45.70 13.45 -41.91
CA PHE T 78 -45.21 13.70 -40.56
C PHE T 78 -43.85 13.04 -40.32
N LEU T 79 -43.74 11.78 -40.64
CA LEU T 79 -42.47 11.08 -40.44
C LEU T 79 -41.36 11.74 -41.22
N SER T 80 -41.70 12.24 -42.42
CA SER T 80 -40.77 12.97 -43.27
C SER T 80 -40.37 14.28 -42.67
N CYS T 81 -41.26 14.88 -41.91
CA CYS T 81 -40.92 16.07 -41.17
C CYS T 81 -39.86 15.78 -40.10
N ILE T 82 -40.10 14.74 -39.29
CA ILE T 82 -39.12 14.33 -38.30
C ILE T 82 -37.78 14.08 -39.00
N ALA T 83 -37.78 13.24 -40.05
CA ALA T 83 -36.54 12.96 -40.82
C ALA T 83 -35.82 14.22 -41.27
N MET T 84 -36.57 15.19 -41.77
CA MET T 84 -35.95 16.39 -42.27
C MET T 84 -35.18 17.17 -41.16
N MET T 85 -35.76 17.27 -39.96
CA MET T 85 -35.07 17.84 -38.83
C MET T 85 -33.79 17.04 -38.46
N CYS T 86 -33.89 15.72 -38.37
CA CYS T 86 -32.68 14.90 -38.23
C CYS T 86 -31.59 15.19 -39.28
N ASN T 87 -32.00 15.35 -40.54
CA ASN T 87 -31.06 15.67 -41.61
C ASN T 87 -30.32 16.97 -41.33
N GLU T 88 -31.00 17.98 -40.79
CA GLU T 88 -30.33 19.24 -40.41
C GLU T 88 -29.14 19.03 -39.46
N PHE T 89 -29.28 18.09 -38.53
CA PHE T 89 -28.16 17.71 -37.66
C PHE T 89 -26.91 17.33 -38.46
N PHE T 90 -27.05 16.33 -39.33
CA PHE T 90 -25.99 15.92 -40.25
C PHE T 90 -25.53 17.00 -41.21
N GLU T 91 -26.37 17.99 -41.48
CA GLU T 91 -25.87 19.08 -42.29
C GLU T 91 -25.07 20.05 -41.45
N GLY T 92 -25.06 19.82 -40.13
CA GLY T 92 -24.34 20.65 -39.19
C GLY T 92 -25.01 21.97 -38.89
N PHE T 93 -26.35 21.98 -38.91
CA PHE T 93 -27.19 23.18 -38.67
C PHE T 93 -26.81 24.46 -39.42
N PRO T 94 -26.68 24.38 -40.76
CA PRO T 94 -26.23 25.49 -41.61
C PRO T 94 -26.99 26.81 -41.35
#